data_3JU0
# 
_entry.id   3JU0 
# 
_audit_conform.dict_name       mmcif_pdbx.dic 
_audit_conform.dict_version    5.380 
_audit_conform.dict_location   http://mmcif.pdb.org/dictionaries/ascii/mmcif_pdbx.dic 
# 
loop_
_database_2.database_id 
_database_2.database_code 
_database_2.pdbx_database_accession 
_database_2.pdbx_DOI 
PDB   3JU0         pdb_00003ju0 10.2210/pdb3ju0/pdb 
RCSB  RCSB055157   ?            ?                   
WWPDB D_1000055157 ?            ?                   
# 
_pdbx_database_related.db_name        PDB 
_pdbx_database_related.db_id          3JTZ 
_pdbx_database_related.details        'Arm-type binding domain of HPI Integrase' 
_pdbx_database_related.content_type   unspecified 
# 
_pdbx_database_status.status_code                     REL 
_pdbx_database_status.entry_id                        3JU0 
_pdbx_database_status.recvd_initial_deposition_date   2009-09-14 
_pdbx_database_status.deposit_site                    RCSB 
_pdbx_database_status.process_site                    PDBJ 
_pdbx_database_status.status_code_sf                  REL 
_pdbx_database_status.status_code_mr                  ? 
_pdbx_database_status.SG_entry                        ? 
_pdbx_database_status.status_code_cs                  ? 
_pdbx_database_status.methods_development_category    ? 
_pdbx_database_status.pdb_format_compatible           Y 
_pdbx_database_status.status_code_nmr_data            ? 
# 
loop_
_audit_author.name 
_audit_author.pdbx_ordinal 
'Szwagierczak, A.' 1 
'Antonenka, U.'    2 
'Popowicz, G.M.'   3 
'Sitar, T.'        4 
'Holak, T.A.'      5 
'Rakin, A.'        6 
# 
_citation.id                        primary 
_citation.title                     'Structures of the arm-type binding domains of HPI and HAI7 integrases' 
_citation.journal_abbrev            J.Biol.Chem. 
_citation.journal_volume            284 
_citation.page_first                31664 
_citation.page_last                 31671 
_citation.year                      2009 
_citation.journal_id_ASTM           JBCHA3 
_citation.country                   US 
_citation.journal_id_ISSN           0021-9258 
_citation.journal_id_CSD            0071 
_citation.book_publisher            ? 
_citation.pdbx_database_id_PubMed   19737930 
_citation.pdbx_database_id_DOI      10.1074/jbc.M109.059261 
# 
loop_
_citation_author.citation_id 
_citation_author.name 
_citation_author.ordinal 
_citation_author.identifier_ORCID 
primary 'Szwagierczak, A.' 1 ? 
primary 'Antonenka, U.'    2 ? 
primary 'Popowicz, G.M.'   3 ? 
primary 'Sitar, T.'        4 ? 
primary 'Holak, T.A.'      5 ? 
primary 'Rakin, A.'        6 ? 
# 
_cell.entry_id           3JU0 
_cell.length_a           52.530 
_cell.length_b           52.530 
_cell.length_c           79.470 
_cell.angle_alpha        90.00 
_cell.angle_beta         90.00 
_cell.angle_gamma        120.00 
_cell.Z_PDB              6 
_cell.pdbx_unique_axis   ? 
_cell.length_a_esd       ? 
_cell.length_b_esd       ? 
_cell.length_c_esd       ? 
_cell.angle_alpha_esd    ? 
_cell.angle_beta_esd     ? 
_cell.angle_gamma_esd    ? 
# 
_symmetry.entry_id                         3JU0 
_symmetry.space_group_name_H-M             'P 65' 
_symmetry.pdbx_full_space_group_name_H-M   ? 
_symmetry.cell_setting                     ? 
_symmetry.Int_Tables_number                170 
_symmetry.space_group_name_Hall            ? 
# 
loop_
_entity.id 
_entity.type 
_entity.src_method 
_entity.pdbx_description 
_entity.formula_weight 
_entity.pdbx_number_of_molecules 
_entity.pdbx_ec 
_entity.pdbx_mutation 
_entity.pdbx_fragment 
_entity.details 
1 polymer man 'Phage integrase' 12528.367 1   ? ? 'Arm-type binding domain, UNP residues 1-100' ? 
2 water   nat water             18.015    129 ? ? ?                                             ? 
# 
_entity_poly.entity_id                      1 
_entity_poly.type                           'polypeptide(L)' 
_entity_poly.nstd_linkage                   no 
_entity_poly.nstd_monomer                   no 
_entity_poly.pdbx_seq_one_letter_code       
;MSLTDSKVKNAKSLEKEYKLTDGFGMHLLVHPNGSKYWRLSYRFEKKQRLLALGVYPAVSLADARQRRDEAKKLLAAGID
PSAKKQADNKTIQEKRNNTRLEHHHHHH
;
_entity_poly.pdbx_seq_one_letter_code_can   
;MSLTDSKVKNAKSLEKEYKLTDGFGMHLLVHPNGSKYWRLSYRFEKKQRLLALGVYPAVSLADARQRRDEAKKLLAAGID
PSAKKQADNKTIQEKRNNTRLEHHHHHH
;
_entity_poly.pdbx_strand_id                 A 
_entity_poly.pdbx_target_identifier         ? 
# 
loop_
_entity_poly_seq.entity_id 
_entity_poly_seq.num 
_entity_poly_seq.mon_id 
_entity_poly_seq.hetero 
1 1   MET n 
1 2   SER n 
1 3   LEU n 
1 4   THR n 
1 5   ASP n 
1 6   SER n 
1 7   LYS n 
1 8   VAL n 
1 9   LYS n 
1 10  ASN n 
1 11  ALA n 
1 12  LYS n 
1 13  SER n 
1 14  LEU n 
1 15  GLU n 
1 16  LYS n 
1 17  GLU n 
1 18  TYR n 
1 19  LYS n 
1 20  LEU n 
1 21  THR n 
1 22  ASP n 
1 23  GLY n 
1 24  PHE n 
1 25  GLY n 
1 26  MET n 
1 27  HIS n 
1 28  LEU n 
1 29  LEU n 
1 30  VAL n 
1 31  HIS n 
1 32  PRO n 
1 33  ASN n 
1 34  GLY n 
1 35  SER n 
1 36  LYS n 
1 37  TYR n 
1 38  TRP n 
1 39  ARG n 
1 40  LEU n 
1 41  SER n 
1 42  TYR n 
1 43  ARG n 
1 44  PHE n 
1 45  GLU n 
1 46  LYS n 
1 47  LYS n 
1 48  GLN n 
1 49  ARG n 
1 50  LEU n 
1 51  LEU n 
1 52  ALA n 
1 53  LEU n 
1 54  GLY n 
1 55  VAL n 
1 56  TYR n 
1 57  PRO n 
1 58  ALA n 
1 59  VAL n 
1 60  SER n 
1 61  LEU n 
1 62  ALA n 
1 63  ASP n 
1 64  ALA n 
1 65  ARG n 
1 66  GLN n 
1 67  ARG n 
1 68  ARG n 
1 69  ASP n 
1 70  GLU n 
1 71  ALA n 
1 72  LYS n 
1 73  LYS n 
1 74  LEU n 
1 75  LEU n 
1 76  ALA n 
1 77  ALA n 
1 78  GLY n 
1 79  ILE n 
1 80  ASP n 
1 81  PRO n 
1 82  SER n 
1 83  ALA n 
1 84  LYS n 
1 85  LYS n 
1 86  GLN n 
1 87  ALA n 
1 88  ASP n 
1 89  ASN n 
1 90  LYS n 
1 91  THR n 
1 92  ILE n 
1 93  GLN n 
1 94  GLU n 
1 95  LYS n 
1 96  ARG n 
1 97  ASN n 
1 98  ASN n 
1 99  THR n 
1 100 ARG n 
1 101 LEU n 
1 102 GLU n 
1 103 HIS n 
1 104 HIS n 
1 105 HIS n 
1 106 HIS n 
1 107 HIS n 
1 108 HIS n 
# 
_entity_src_gen.entity_id                          1 
_entity_src_gen.pdbx_src_id                        1 
_entity_src_gen.pdbx_alt_source_flag               sample 
_entity_src_gen.pdbx_seq_type                      ? 
_entity_src_gen.pdbx_beg_seq_num                   ? 
_entity_src_gen.pdbx_end_seq_num                   ? 
_entity_src_gen.gene_src_common_name               'Pectobacterium atrosepticum' 
_entity_src_gen.gene_src_genus                     ? 
_entity_src_gen.pdbx_gene_src_gene                 'intB, ECA1679' 
_entity_src_gen.gene_src_species                   ? 
_entity_src_gen.gene_src_strain                    ? 
_entity_src_gen.gene_src_tissue                    ? 
_entity_src_gen.gene_src_tissue_fraction           ? 
_entity_src_gen.gene_src_details                   ? 
_entity_src_gen.pdbx_gene_src_fragment             ? 
_entity_src_gen.pdbx_gene_src_scientific_name      'Pectobacterium atrosepticum' 
_entity_src_gen.pdbx_gene_src_ncbi_taxonomy_id     29471 
_entity_src_gen.pdbx_gene_src_variant              ? 
_entity_src_gen.pdbx_gene_src_cell_line            ? 
_entity_src_gen.pdbx_gene_src_atcc                 ? 
_entity_src_gen.pdbx_gene_src_organ                ? 
_entity_src_gen.pdbx_gene_src_organelle            ? 
_entity_src_gen.pdbx_gene_src_cell                 ? 
_entity_src_gen.pdbx_gene_src_cellular_location    ? 
_entity_src_gen.host_org_common_name               ? 
_entity_src_gen.pdbx_host_org_scientific_name      'Escherichia coli' 
_entity_src_gen.pdbx_host_org_ncbi_taxonomy_id     562 
_entity_src_gen.host_org_genus                     ? 
_entity_src_gen.pdbx_host_org_gene                 ? 
_entity_src_gen.pdbx_host_org_organ                ? 
_entity_src_gen.host_org_species                   ? 
_entity_src_gen.pdbx_host_org_tissue               ? 
_entity_src_gen.pdbx_host_org_tissue_fraction      ? 
_entity_src_gen.pdbx_host_org_strain               'BL21(DE3)' 
_entity_src_gen.pdbx_host_org_variant              ? 
_entity_src_gen.pdbx_host_org_cell_line            ? 
_entity_src_gen.pdbx_host_org_atcc                 ? 
_entity_src_gen.pdbx_host_org_culture_collection   ? 
_entity_src_gen.pdbx_host_org_cell                 ? 
_entity_src_gen.pdbx_host_org_organelle            ? 
_entity_src_gen.pdbx_host_org_cellular_location    ? 
_entity_src_gen.pdbx_host_org_vector_type          plasmid 
_entity_src_gen.pdbx_host_org_vector               ? 
_entity_src_gen.host_org_details                   ? 
_entity_src_gen.expression_system_id               ? 
_entity_src_gen.plasmid_name                       pET21 
_entity_src_gen.plasmid_details                    ? 
_entity_src_gen.pdbx_description                   ? 
# 
_struct_ref.id                         1 
_struct_ref.db_name                    UNP 
_struct_ref.db_code                    Q6D6K1_ERWCT 
_struct_ref.pdbx_db_accession          Q6D6K1 
_struct_ref.entity_id                  1 
_struct_ref.pdbx_seq_one_letter_code   
;MSLTDSKVKNAKSLEKEYKLTDGFGMHLLVHPNGSKYWRLSYRFEKKQRLLALGVYPAVSLADARQRRDEAKKLLAAGID
PSAKKQADNKTIQEKRNNTR
;
_struct_ref.pdbx_align_begin           1 
_struct_ref.pdbx_db_isoform            ? 
# 
_struct_ref_seq.align_id                      1 
_struct_ref_seq.ref_id                        1 
_struct_ref_seq.pdbx_PDB_id_code              3JU0 
_struct_ref_seq.pdbx_strand_id                A 
_struct_ref_seq.seq_align_beg                 1 
_struct_ref_seq.pdbx_seq_align_beg_ins_code   ? 
_struct_ref_seq.seq_align_end                 100 
_struct_ref_seq.pdbx_seq_align_end_ins_code   ? 
_struct_ref_seq.pdbx_db_accession             Q6D6K1 
_struct_ref_seq.db_align_beg                  1 
_struct_ref_seq.pdbx_db_align_beg_ins_code    ? 
_struct_ref_seq.db_align_end                  100 
_struct_ref_seq.pdbx_db_align_end_ins_code    ? 
_struct_ref_seq.pdbx_auth_seq_align_beg       1 
_struct_ref_seq.pdbx_auth_seq_align_end       100 
# 
loop_
_struct_ref_seq_dif.align_id 
_struct_ref_seq_dif.pdbx_pdb_id_code 
_struct_ref_seq_dif.mon_id 
_struct_ref_seq_dif.pdbx_pdb_strand_id 
_struct_ref_seq_dif.seq_num 
_struct_ref_seq_dif.pdbx_pdb_ins_code 
_struct_ref_seq_dif.pdbx_seq_db_name 
_struct_ref_seq_dif.pdbx_seq_db_accession_code 
_struct_ref_seq_dif.db_mon_id 
_struct_ref_seq_dif.pdbx_seq_db_seq_num 
_struct_ref_seq_dif.details 
_struct_ref_seq_dif.pdbx_auth_seq_num 
_struct_ref_seq_dif.pdbx_ordinal 
1 3JU0 LEU A 101 ? UNP Q6D6K1 ? ? 'expression tag' 101 1 
1 3JU0 GLU A 102 ? UNP Q6D6K1 ? ? 'expression tag' 102 2 
1 3JU0 HIS A 103 ? UNP Q6D6K1 ? ? 'expression tag' 103 3 
1 3JU0 HIS A 104 ? UNP Q6D6K1 ? ? 'expression tag' 104 4 
1 3JU0 HIS A 105 ? UNP Q6D6K1 ? ? 'expression tag' 105 5 
1 3JU0 HIS A 106 ? UNP Q6D6K1 ? ? 'expression tag' 106 6 
1 3JU0 HIS A 107 ? UNP Q6D6K1 ? ? 'expression tag' 107 7 
1 3JU0 HIS A 108 ? UNP Q6D6K1 ? ? 'expression tag' 108 8 
# 
loop_
_chem_comp.id 
_chem_comp.type 
_chem_comp.mon_nstd_flag 
_chem_comp.name 
_chem_comp.pdbx_synonyms 
_chem_comp.formula 
_chem_comp.formula_weight 
ALA 'L-peptide linking' y ALANINE         ? 'C3 H7 N O2'     89.093  
ARG 'L-peptide linking' y ARGININE        ? 'C6 H15 N4 O2 1' 175.209 
ASN 'L-peptide linking' y ASPARAGINE      ? 'C4 H8 N2 O3'    132.118 
ASP 'L-peptide linking' y 'ASPARTIC ACID' ? 'C4 H7 N O4'     133.103 
GLN 'L-peptide linking' y GLUTAMINE       ? 'C5 H10 N2 O3'   146.144 
GLU 'L-peptide linking' y 'GLUTAMIC ACID' ? 'C5 H9 N O4'     147.129 
GLY 'peptide linking'   y GLYCINE         ? 'C2 H5 N O2'     75.067  
HIS 'L-peptide linking' y HISTIDINE       ? 'C6 H10 N3 O2 1' 156.162 
HOH non-polymer         . WATER           ? 'H2 O'           18.015  
ILE 'L-peptide linking' y ISOLEUCINE      ? 'C6 H13 N O2'    131.173 
LEU 'L-peptide linking' y LEUCINE         ? 'C6 H13 N O2'    131.173 
LYS 'L-peptide linking' y LYSINE          ? 'C6 H15 N2 O2 1' 147.195 
MET 'L-peptide linking' y METHIONINE      ? 'C5 H11 N O2 S'  149.211 
PHE 'L-peptide linking' y PHENYLALANINE   ? 'C9 H11 N O2'    165.189 
PRO 'L-peptide linking' y PROLINE         ? 'C5 H9 N O2'     115.130 
SER 'L-peptide linking' y SERINE          ? 'C3 H7 N O3'     105.093 
THR 'L-peptide linking' y THREONINE       ? 'C4 H9 N O3'     119.119 
TRP 'L-peptide linking' y TRYPTOPHAN      ? 'C11 H12 N2 O2'  204.225 
TYR 'L-peptide linking' y TYROSINE        ? 'C9 H11 N O3'    181.189 
VAL 'L-peptide linking' y VALINE          ? 'C5 H11 N O2'    117.146 
# 
_exptl.entry_id          3JU0 
_exptl.method            'X-RAY DIFFRACTION' 
_exptl.crystals_number   1 
# 
_exptl_crystal.id                    1 
_exptl_crystal.density_meas          ? 
_exptl_crystal.density_Matthews      2.53 
_exptl_crystal.density_percent_sol   51.31 
_exptl_crystal.description           ? 
_exptl_crystal.F_000                 ? 
_exptl_crystal.preparation           ? 
# 
_exptl_crystal_grow.crystal_id      1 
_exptl_crystal_grow.method          'VAPOR DIFFUSION, SITTING DROP' 
_exptl_crystal_grow.temp            277 
_exptl_crystal_grow.temp_details    ? 
_exptl_crystal_grow.pH              6.3 
_exptl_crystal_grow.pdbx_details    '0.1M MES, pH6.3, 2.8M ammonium sulphate, VAPOR DIFFUSION, SITTING DROP, temperature 277K' 
_exptl_crystal_grow.pdbx_pH_range   . 
# 
_diffrn.id                     1 
_diffrn.ambient_temp           100 
_diffrn.ambient_temp_details   ? 
_diffrn.crystal_id             1 
# 
_diffrn_detector.diffrn_id              1 
_diffrn_detector.detector               CCD 
_diffrn_detector.type                   'MARMOSAIC 225 mm CCD' 
_diffrn_detector.pdbx_collection_date   2009-07-17 
_diffrn_detector.details                mirror 
# 
_diffrn_radiation.diffrn_id                        1 
_diffrn_radiation.wavelength_id                    1 
_diffrn_radiation.pdbx_monochromatic_or_laue_m_l   M 
_diffrn_radiation.monochromator                    diamond 
_diffrn_radiation.pdbx_diffrn_protocol             'SINGLE WAVELENGTH' 
_diffrn_radiation.pdbx_scattering_type             x-ray 
# 
_diffrn_radiation_wavelength.id           1 
_diffrn_radiation_wavelength.wavelength   1.0015 
_diffrn_radiation_wavelength.wt           1.0 
# 
_diffrn_source.diffrn_id                   1 
_diffrn_source.source                      SYNCHROTRON 
_diffrn_source.type                        'SLS BEAMLINE X10SA' 
_diffrn_source.pdbx_synchrotron_site       SLS 
_diffrn_source.pdbx_synchrotron_beamline   X10SA 
_diffrn_source.pdbx_wavelength             ? 
_diffrn_source.pdbx_wavelength_list        1.0015 
# 
_reflns.entry_id                     3JU0 
_reflns.observed_criterion_sigma_I   2 
_reflns.observed_criterion_sigma_F   2 
_reflns.d_resolution_low             6.0 
_reflns.d_resolution_high            1.6 
_reflns.number_obs                   15089 
_reflns.number_all                   16471 
_reflns.percent_possible_obs         91.6 
_reflns.pdbx_Rmerge_I_obs            0.027 
_reflns.pdbx_Rsym_value              ? 
_reflns.pdbx_netI_over_sigmaI        30.67 
_reflns.B_iso_Wilson_estimate        ? 
_reflns.pdbx_redundancy              ? 
_reflns.R_free_details               ? 
_reflns.limit_h_max                  ? 
_reflns.limit_h_min                  ? 
_reflns.limit_k_max                  ? 
_reflns.limit_k_min                  ? 
_reflns.limit_l_max                  ? 
_reflns.limit_l_min                  ? 
_reflns.observed_criterion_F_max     ? 
_reflns.observed_criterion_F_min     ? 
_reflns.pdbx_chi_squared             ? 
_reflns.pdbx_scaling_rejects         ? 
_reflns.pdbx_ordinal                 1 
_reflns.pdbx_diffrn_id               1 
# 
_reflns_shell.d_res_high             1.6 
_reflns_shell.d_res_low              1.7 
_reflns_shell.percent_possible_all   76 
_reflns_shell.Rmerge_I_obs           0.107 
_reflns_shell.pdbx_Rsym_value        ? 
_reflns_shell.meanI_over_sigI_obs    9.31 
_reflns_shell.pdbx_redundancy        ? 
_reflns_shell.percent_possible_obs   ? 
_reflns_shell.number_unique_all      ? 
_reflns_shell.number_measured_all    ? 
_reflns_shell.number_measured_obs    ? 
_reflns_shell.number_unique_obs      ? 
_reflns_shell.pdbx_chi_squared       ? 
_reflns_shell.pdbx_ordinal           1 
_reflns_shell.pdbx_diffrn_id         1 
# 
_refine.entry_id                                 3JU0 
_refine.ls_number_reflns_obs                     14113 
_refine.ls_number_reflns_all                     16471 
_refine.pdbx_ls_sigma_I                          ? 
_refine.pdbx_ls_sigma_F                          2 
_refine.pdbx_data_cutoff_high_absF               ? 
_refine.pdbx_data_cutoff_low_absF                ? 
_refine.pdbx_data_cutoff_high_rms_absF           ? 
_refine.ls_d_res_low                             6.00 
_refine.ls_d_res_high                            1.60 
_refine.ls_percent_reflns_obs                    92.28 
_refine.ls_R_factor_obs                          0.15065 
_refine.ls_R_factor_all                          ? 
_refine.ls_R_factor_R_work                       0.14757 
_refine.ls_R_factor_R_free                       0.21211 
_refine.ls_R_factor_R_free_error                 ? 
_refine.ls_R_factor_R_free_error_details         ? 
_refine.ls_percent_reflns_R_free                 5.0 
_refine.ls_number_reflns_R_free                  750 
_refine.ls_number_parameters                     ? 
_refine.ls_number_restraints                     ? 
_refine.occupancy_min                            ? 
_refine.occupancy_max                            ? 
_refine.correlation_coeff_Fo_to_Fc               0.968 
_refine.correlation_coeff_Fo_to_Fc_free          0.935 
_refine.B_iso_mean                               23.278 
_refine.aniso_B[1][1]                            0.35 
_refine.aniso_B[2][2]                            0.35 
_refine.aniso_B[3][3]                            -0.52 
_refine.aniso_B[1][2]                            0.17 
_refine.aniso_B[1][3]                            0.00 
_refine.aniso_B[2][3]                            0.00 
_refine.solvent_model_details                    MASK 
_refine.solvent_model_param_ksol                 ? 
_refine.solvent_model_param_bsol                 ? 
_refine.pdbx_solvent_vdw_probe_radii             1.40 
_refine.pdbx_solvent_ion_probe_radii             0.80 
_refine.pdbx_solvent_shrinkage_radii             0.80 
_refine.pdbx_ls_cross_valid_method               THROUGHOUT 
_refine.details                                  'HYDROGENS HAVE BEEN ADDED IN THE RIDING POSITIONS' 
_refine.pdbx_starting_model                      'PDB ENTRY 3JTZ' 
_refine.pdbx_method_to_determine_struct          'MOLECULAR REPLACEMENT' 
_refine.pdbx_isotropic_thermal_model             ? 
_refine.pdbx_stereochemistry_target_values       'MAXIMUM LIKELIHOOD' 
_refine.pdbx_stereochem_target_val_spec_case     ? 
_refine.pdbx_R_Free_selection_details            RANDOM 
_refine.pdbx_overall_ESU_R                       0.091 
_refine.pdbx_overall_ESU_R_Free                  0.088 
_refine.overall_SU_ML                            0.044 
_refine.overall_SU_B                             2.630 
_refine.ls_redundancy_reflns_obs                 ? 
_refine.B_iso_min                                ? 
_refine.B_iso_max                                ? 
_refine.overall_SU_R_Cruickshank_DPI             ? 
_refine.overall_SU_R_free                        ? 
_refine.ls_wR_factor_R_free                      ? 
_refine.ls_wR_factor_R_work                      ? 
_refine.overall_FOM_free_R_set                   ? 
_refine.overall_FOM_work_R_set                   ? 
_refine.pdbx_refine_id                           'X-RAY DIFFRACTION' 
_refine.pdbx_overall_phase_error                 ? 
_refine.pdbx_diffrn_id                           1 
_refine.pdbx_TLS_residual_ADP_flag               ? 
_refine.pdbx_overall_SU_R_free_Cruickshank_DPI   ? 
_refine.pdbx_overall_SU_R_Blow_DPI               ? 
_refine.pdbx_overall_SU_R_free_Blow_DPI          ? 
# 
_refine_hist.pdbx_refine_id                   'X-RAY DIFFRACTION' 
_refine_hist.cycle_id                         LAST 
_refine_hist.pdbx_number_atoms_protein        737 
_refine_hist.pdbx_number_atoms_nucleic_acid   0 
_refine_hist.pdbx_number_atoms_ligand         0 
_refine_hist.number_atoms_solvent             129 
_refine_hist.number_atoms_total               866 
_refine_hist.d_res_high                       1.60 
_refine_hist.d_res_low                        6.00 
# 
loop_
_refine_ls_restr.type 
_refine_ls_restr.dev_ideal 
_refine_ls_restr.dev_ideal_target 
_refine_ls_restr.weight 
_refine_ls_restr.number 
_refine_ls_restr.pdbx_refine_id 
_refine_ls_restr.pdbx_restraint_function 
r_bond_refined_d             0.025  0.022  ? 749  'X-RAY DIFFRACTION' ? 
r_bond_other_d               0.002  0.020  ? 699  'X-RAY DIFFRACTION' ? 
r_angle_refined_deg          2.051  1.977  ? 1006 'X-RAY DIFFRACTION' ? 
r_angle_other_deg            0.814  3.000  ? 1623 'X-RAY DIFFRACTION' ? 
r_dihedral_angle_1_deg       19.108 5.000  ? 94   'X-RAY DIFFRACTION' ? 
r_dihedral_angle_2_deg       23.512 23.871 ? 31   'X-RAY DIFFRACTION' ? 
r_dihedral_angle_3_deg       16.217 15.000 ? 141  'X-RAY DIFFRACTION' ? 
r_dihedral_angle_4_deg       17.330 15.000 ? 5    'X-RAY DIFFRACTION' ? 
r_chiral_restr               0.120  0.200  ? 111  'X-RAY DIFFRACTION' ? 
r_gen_planes_refined         0.010  0.020  ? 822  'X-RAY DIFFRACTION' ? 
r_gen_planes_other           0.000  0.020  ? 146  'X-RAY DIFFRACTION' ? 
r_nbd_refined                ?      ?      ? ?    'X-RAY DIFFRACTION' ? 
r_nbd_other                  ?      ?      ? ?    'X-RAY DIFFRACTION' ? 
r_nbtor_refined              ?      ?      ? ?    'X-RAY DIFFRACTION' ? 
r_nbtor_other                ?      ?      ? ?    'X-RAY DIFFRACTION' ? 
r_xyhbond_nbd_refined        ?      ?      ? ?    'X-RAY DIFFRACTION' ? 
r_xyhbond_nbd_other          ?      ?      ? ?    'X-RAY DIFFRACTION' ? 
r_metal_ion_refined          ?      ?      ? ?    'X-RAY DIFFRACTION' ? 
r_metal_ion_other            ?      ?      ? ?    'X-RAY DIFFRACTION' ? 
r_symmetry_vdw_refined       ?      ?      ? ?    'X-RAY DIFFRACTION' ? 
r_symmetry_vdw_other         ?      ?      ? ?    'X-RAY DIFFRACTION' ? 
r_symmetry_hbond_refined     ?      ?      ? ?    'X-RAY DIFFRACTION' ? 
r_symmetry_hbond_other       ?      ?      ? ?    'X-RAY DIFFRACTION' ? 
r_symmetry_metal_ion_refined ?      ?      ? ?    'X-RAY DIFFRACTION' ? 
r_symmetry_metal_ion_other   ?      ?      ? ?    'X-RAY DIFFRACTION' ? 
r_mcbond_it                  2.420  1.500  ? 472  'X-RAY DIFFRACTION' ? 
r_mcbond_other               1.163  1.500  ? 194  'X-RAY DIFFRACTION' ? 
r_mcangle_it                 3.695  2.000  ? 749  'X-RAY DIFFRACTION' ? 
r_scbond_it                  4.916  3.000  ? 277  'X-RAY DIFFRACTION' ? 
r_scangle_it                 7.255  4.500  ? 257  'X-RAY DIFFRACTION' ? 
r_rigid_bond_restr           2.458  3.000  ? 1448 'X-RAY DIFFRACTION' ? 
r_sphericity_free            11.306 3.000  ? 129  'X-RAY DIFFRACTION' ? 
r_sphericity_bonded          5.754  3.000  ? 1436 'X-RAY DIFFRACTION' ? 
# 
_refine_ls_shell.pdbx_total_number_of_bins_used   20 
_refine_ls_shell.d_res_high                       1.600 
_refine_ls_shell.d_res_low                        1.639 
_refine_ls_shell.number_reflns_R_work             812 
_refine_ls_shell.R_factor_R_work                  0.084 
_refine_ls_shell.percent_reflns_obs               74.30 
_refine_ls_shell.R_factor_R_free                  0.149 
_refine_ls_shell.R_factor_R_free_error            ? 
_refine_ls_shell.percent_reflns_R_free            ? 
_refine_ls_shell.number_reflns_R_free             41 
_refine_ls_shell.number_reflns_all                ? 
_refine_ls_shell.R_factor_all                     ? 
_refine_ls_shell.number_reflns_obs                ? 
_refine_ls_shell.redundancy_reflns_obs            ? 
_refine_ls_shell.pdbx_refine_id                   'X-RAY DIFFRACTION' 
# 
_struct.entry_id                  3JU0 
_struct.title                     'Structure of the arm-type binding domain of HAI7 integrase' 
_struct.pdbx_model_details        ? 
_struct.pdbx_CASP_flag            ? 
_struct.pdbx_model_type_details   ? 
# 
_struct_keywords.entry_id        3JU0 
_struct_keywords.pdbx_keywords   'DNA BINDING PROTEIN' 
_struct_keywords.text            'four stranded beta-sheet, DNA BINDING PROTEIN' 
# 
loop_
_struct_asym.id 
_struct_asym.pdbx_blank_PDB_chainid_flag 
_struct_asym.pdbx_modified 
_struct_asym.entity_id 
_struct_asym.details 
A N N 1 ? 
B N N 2 ? 
# 
_struct_biol.id        1 
_struct_biol.details   ? 
# 
loop_
_struct_conf.conf_type_id 
_struct_conf.id 
_struct_conf.pdbx_PDB_helix_id 
_struct_conf.beg_label_comp_id 
_struct_conf.beg_label_asym_id 
_struct_conf.beg_label_seq_id 
_struct_conf.pdbx_beg_PDB_ins_code 
_struct_conf.end_label_comp_id 
_struct_conf.end_label_asym_id 
_struct_conf.end_label_seq_id 
_struct_conf.pdbx_end_PDB_ins_code 
_struct_conf.beg_auth_comp_id 
_struct_conf.beg_auth_asym_id 
_struct_conf.beg_auth_seq_id 
_struct_conf.end_auth_comp_id 
_struct_conf.end_auth_asym_id 
_struct_conf.end_auth_seq_id 
_struct_conf.pdbx_PDB_helix_class 
_struct_conf.details 
_struct_conf.pdbx_PDB_helix_length 
HELX_P HELX_P1 1 THR A 4  ? ALA A 11 ? THR A 4  ALA A 11 1 ? 8  
HELX_P HELX_P2 2 SER A 60 ? ALA A 77 ? SER A 60 ALA A 77 1 ? 18 
HELX_P HELX_P3 3 ASP A 80 ? LYS A 84 ? ASP A 80 LYS A 84 5 ? 5  
HELX_P HELX_P4 4 LYS A 85 ? ASN A 89 ? LYS A 85 ASN A 89 5 ? 5  
HELX_P HELX_P5 5 THR A 91 ? ARG A 96 ? THR A 91 ARG A 96 1 ? 6  
# 
_struct_conf_type.id          HELX_P 
_struct_conf_type.criteria    ? 
_struct_conf_type.reference   ? 
# 
_struct_mon_prot_cis.pdbx_id                1 
_struct_mon_prot_cis.label_comp_id          TYR 
_struct_mon_prot_cis.label_seq_id           56 
_struct_mon_prot_cis.label_asym_id          A 
_struct_mon_prot_cis.label_alt_id           . 
_struct_mon_prot_cis.pdbx_PDB_ins_code      ? 
_struct_mon_prot_cis.auth_comp_id           TYR 
_struct_mon_prot_cis.auth_seq_id            56 
_struct_mon_prot_cis.auth_asym_id           A 
_struct_mon_prot_cis.pdbx_label_comp_id_2   PRO 
_struct_mon_prot_cis.pdbx_label_seq_id_2    57 
_struct_mon_prot_cis.pdbx_label_asym_id_2   A 
_struct_mon_prot_cis.pdbx_PDB_ins_code_2    ? 
_struct_mon_prot_cis.pdbx_auth_comp_id_2    PRO 
_struct_mon_prot_cis.pdbx_auth_seq_id_2     57 
_struct_mon_prot_cis.pdbx_auth_asym_id_2    A 
_struct_mon_prot_cis.pdbx_PDB_model_num     1 
_struct_mon_prot_cis.pdbx_omega_angle       9.92 
# 
_struct_sheet.id               A 
_struct_sheet.type             ? 
_struct_sheet.number_strands   4 
_struct_sheet.details          ? 
# 
loop_
_struct_sheet_order.sheet_id 
_struct_sheet_order.range_id_1 
_struct_sheet_order.range_id_2 
_struct_sheet_order.offset 
_struct_sheet_order.sense 
A 1 2 ? anti-parallel 
A 2 3 ? anti-parallel 
A 3 4 ? anti-parallel 
# 
loop_
_struct_sheet_range.sheet_id 
_struct_sheet_range.id 
_struct_sheet_range.beg_label_comp_id 
_struct_sheet_range.beg_label_asym_id 
_struct_sheet_range.beg_label_seq_id 
_struct_sheet_range.pdbx_beg_PDB_ins_code 
_struct_sheet_range.end_label_comp_id 
_struct_sheet_range.end_label_asym_id 
_struct_sheet_range.end_label_seq_id 
_struct_sheet_range.pdbx_end_PDB_ins_code 
_struct_sheet_range.beg_auth_comp_id 
_struct_sheet_range.beg_auth_asym_id 
_struct_sheet_range.beg_auth_seq_id 
_struct_sheet_range.end_auth_comp_id 
_struct_sheet_range.end_auth_asym_id 
_struct_sheet_range.end_auth_seq_id 
A 1 TYR A 18 ? GLY A 23 ? TYR A 18 GLY A 23 
A 2 MET A 26 ? VAL A 30 ? MET A 26 VAL A 30 
A 3 LYS A 36 ? PHE A 44 ? LYS A 36 PHE A 44 
A 4 LYS A 47 ? TYR A 56 ? LYS A 47 TYR A 56 
# 
loop_
_pdbx_struct_sheet_hbond.sheet_id 
_pdbx_struct_sheet_hbond.range_id_1 
_pdbx_struct_sheet_hbond.range_id_2 
_pdbx_struct_sheet_hbond.range_1_label_atom_id 
_pdbx_struct_sheet_hbond.range_1_label_comp_id 
_pdbx_struct_sheet_hbond.range_1_label_asym_id 
_pdbx_struct_sheet_hbond.range_1_label_seq_id 
_pdbx_struct_sheet_hbond.range_1_PDB_ins_code 
_pdbx_struct_sheet_hbond.range_1_auth_atom_id 
_pdbx_struct_sheet_hbond.range_1_auth_comp_id 
_pdbx_struct_sheet_hbond.range_1_auth_asym_id 
_pdbx_struct_sheet_hbond.range_1_auth_seq_id 
_pdbx_struct_sheet_hbond.range_2_label_atom_id 
_pdbx_struct_sheet_hbond.range_2_label_comp_id 
_pdbx_struct_sheet_hbond.range_2_label_asym_id 
_pdbx_struct_sheet_hbond.range_2_label_seq_id 
_pdbx_struct_sheet_hbond.range_2_PDB_ins_code 
_pdbx_struct_sheet_hbond.range_2_auth_atom_id 
_pdbx_struct_sheet_hbond.range_2_auth_comp_id 
_pdbx_struct_sheet_hbond.range_2_auth_asym_id 
_pdbx_struct_sheet_hbond.range_2_auth_seq_id 
A 1 2 N TYR A 18 ? N TYR A 18 O VAL A 30 ? O VAL A 30 
A 2 3 N LEU A 29 ? N LEU A 29 O TYR A 37 ? O TYR A 37 
A 3 4 N TYR A 42 ? N TYR A 42 O ARG A 49 ? O ARG A 49 
# 
_atom_sites.entry_id                    3JU0 
_atom_sites.fract_transf_matrix[1][1]   0.01135726 
_atom_sites.fract_transf_matrix[1][2]   -0.01301405 
_atom_sites.fract_transf_matrix[1][3]   0.01359620 
_atom_sites.fract_transf_matrix[2][1]   0.01788574 
_atom_sites.fract_transf_matrix[2][2]   -0.01052631 
_atom_sites.fract_transf_matrix[2][3]   -0.00724605 
_atom_sites.fract_transf_matrix[3][1]   0.00713893 
_atom_sites.fract_transf_matrix[3][2]   0.00978665 
_atom_sites.fract_transf_matrix[3][3]   0.00340428 
_atom_sites.fract_transf_vector[1]      -0.465322 
_atom_sites.fract_transf_vector[2]      -0.121233 
_atom_sites.fract_transf_vector[3]      -0.002374 
# 
loop_
_atom_type.symbol 
C 
N 
O 
S 
# 
loop_
_atom_site.group_PDB 
_atom_site.id 
_atom_site.type_symbol 
_atom_site.label_atom_id 
_atom_site.label_alt_id 
_atom_site.label_comp_id 
_atom_site.label_asym_id 
_atom_site.label_entity_id 
_atom_site.label_seq_id 
_atom_site.pdbx_PDB_ins_code 
_atom_site.Cartn_x 
_atom_site.Cartn_y 
_atom_site.Cartn_z 
_atom_site.occupancy 
_atom_site.B_iso_or_equiv 
_atom_site.pdbx_formal_charge 
_atom_site.auth_seq_id 
_atom_site.auth_comp_id 
_atom_site.auth_asym_id 
_atom_site.auth_atom_id 
_atom_site.pdbx_PDB_model_num 
ATOM   1   N N   . SER A 1 2  ? 4.838   12.341  5.312   1.00 40.75 ? 2   SER A N   1 
ATOM   2   C CA  . SER A 1 2  ? 4.766   10.963  5.828   1.00 38.79 ? 2   SER A CA  1 
ATOM   3   C C   . SER A 1 2  ? 3.460   10.772  6.618   1.00 34.83 ? 2   SER A C   1 
ATOM   4   O O   . SER A 1 2  ? 3.056   11.603  7.445   1.00 35.09 ? 2   SER A O   1 
ATOM   5   C CB  . SER A 1 2  ? 5.945   10.802  6.739   1.00 40.90 ? 2   SER A CB  1 
ATOM   6   O OG  . SER A 1 2  ? 5.945   9.535   7.293   1.00 45.32 ? 2   SER A OG  1 
ATOM   7   N N   . LEU A 1 3  ? 2.778   9.671   6.408   1.00 29.18 ? 3   LEU A N   1 
ATOM   8   C CA  . LEU A 1 3  ? 1.513   9.402   7.131   1.00 27.73 ? 3   LEU A CA  1 
ATOM   9   C C   . LEU A 1 3  ? 1.814   8.946   8.544   1.00 27.38 ? 3   LEU A C   1 
ATOM   10  O O   . LEU A 1 3  ? 2.952   8.626   8.899   1.00 26.61 ? 3   LEU A O   1 
ATOM   11  C CB  . LEU A 1 3  ? 0.778   8.285   6.406   1.00 26.33 ? 3   LEU A CB  1 
ATOM   12  C CG  . LEU A 1 3  ? 0.296   8.610   5.033   1.00 29.13 ? 3   LEU A CG  1 
ATOM   13  C CD1 . LEU A 1 3  ? -0.360  7.342   4.383   1.00 27.65 ? 3   LEU A CD1 1 
ATOM   14  C CD2 . LEU A 1 3  ? -0.538  9.807   5.047   1.00 34.63 ? 3   LEU A CD2 1 
ATOM   15  N N   . THR A 1 4  ? 0.793   9.022   9.391   1.00 28.59 ? 4   THR A N   1 
ATOM   16  C CA  . THR A 1 4  ? 0.783   8.501   10.766  1.00 27.61 ? 4   THR A CA  1 
ATOM   17  C C   . THR A 1 4  ? -0.439  7.669   10.952  1.00 26.77 ? 4   THR A C   1 
ATOM   18  O O   . THR A 1 4  ? -1.366  7.777   10.155  1.00 26.20 ? 4   THR A O   1 
ATOM   19  C CB  . THR A 1 4  ? 0.708   9.629   11.819  1.00 29.15 ? 4   THR A CB  1 
ATOM   20  O OG1 . THR A 1 4  ? -0.492  10.364  11.633  1.00 31.26 ? 4   THR A OG1 1 
ATOM   21  C CG2 . THR A 1 4  ? 1.787   10.575  11.697  1.00 32.04 ? 4   THR A CG2 1 
ATOM   22  N N   . ASP A 1 5  ? -0.450  6.804   11.935  1.00 25.59 ? 5   ASP A N   1 
ATOM   23  C CA  . ASP A 1 5  ? -1.636  5.963   12.214  1.00 27.85 ? 5   ASP A CA  1 
ATOM   24  C C   . ASP A 1 5  ? -2.880  6.826   12.363  1.00 27.44 ? 5   ASP A C   1 
ATOM   25  O O   . ASP A 1 5  ? -3.933  6.500   11.845  1.00 26.15 ? 5   ASP A O   1 
ATOM   26  C CB  . ASP A 1 5  ? -1.475  5.128   13.483  1.00 28.28 ? 5   ASP A CB  1 
ATOM   27  C CG  . ASP A 1 5  ? -0.485  3.973   13.376  1.00 32.76 ? 5   ASP A CG  1 
ATOM   28  O OD1 . ASP A 1 5  ? -0.338  3.317   12.318  1.00 35.02 ? 5   ASP A OD1 1 
ATOM   29  O OD2 . ASP A 1 5  ? 0.104   3.648   14.433  1.00 37.51 ? 5   ASP A OD2 1 
ATOM   30  N N   . SER A 1 6  ? -2.758  7.941   13.092  1.00 28.44 ? 6   SER A N   1 
ATOM   31  C CA  . SER A 1 6  ? -3.934  8.769   13.286  1.00 28.17 ? 6   SER A CA  1 
ATOM   32  C C   . SER A 1 6  ? -4.441  9.432   11.969  1.00 26.63 ? 6   SER A C   1 
ATOM   33  O O   . SER A 1 6  ? -5.645  9.515   11.738  1.00 26.75 ? 6   SER A O   1 
ATOM   34  C CB  . SER A 1 6  ? -3.667  9.771   14.443  1.00 30.11 ? 6   SER A CB  1 
ATOM   35  O OG  . SER A 1 6  ? -3.014  10.905  13.946  1.00 37.73 ? 6   SER A OG  1 
ATOM   36  N N   . LYS A 1 7  ? -3.556  9.927   11.086  1.00 24.73 ? 7   LYS A N   1 
ATOM   37  C CA  . LYS A 1 7  ? -4.001  10.532  9.844   1.00 24.86 ? 7   LYS A CA  1 
ATOM   38  C C   . LYS A 1 7  ? -4.728  9.485   9.013   1.00 22.88 ? 7   LYS A C   1 
ATOM   39  O O   . LYS A 1 7  ? -5.737  9.759   8.397   1.00 23.74 ? 7   LYS A O   1 
ATOM   40  C CB  . LYS A 1 7  ? -2.831  11.134  9.101   1.00 26.51 ? 7   LYS A CB  1 
ATOM   41  C CG  . LYS A 1 7  ? -2.172  12.352  9.852   1.00 33.42 ? 7   LYS A CG  1 
ATOM   42  C CD  . LYS A 1 7  ? -1.170  13.015  8.940   1.00 37.78 ? 7   LYS A CD  1 
ATOM   43  N N   . VAL A 1 8  ? -4.194  8.257   9.012   1.00 21.90 ? 8   VAL A N   1 
ATOM   44  C CA  . VAL A 1 8  ? -4.827  7.176   8.273   1.00 22.19 ? 8   VAL A CA  1 
ATOM   45  C C   . VAL A 1 8  ? -6.197  6.860   8.804   1.00 22.68 ? 8   VAL A C   1 
ATOM   46  O O   . VAL A 1 8  ? -7.131  6.775   8.024   1.00 23.27 ? 8   VAL A O   1 
ATOM   47  C CB  . VAL A 1 8  ? -3.924  5.940   8.241   1.00 21.83 ? 8   VAL A CB  1 
ATOM   48  C CG1 . VAL A 1 8  ? -4.657  4.750   7.624   1.00 23.10 ? 8   VAL A CG1 1 
ATOM   49  C CG2 . VAL A 1 8  ? -2.645  6.232   7.508   1.00 23.14 ? 8   VAL A CG2 1 
ATOM   50  N N   . LYS A 1 9  ? -6.311  6.690   10.115  1.00 23.18 ? 9   LYS A N   1 
ATOM   51  C CA  . LYS A 1 9  ? -7.582  6.345   10.759  1.00 22.87 ? 9   LYS A CA  1 
ATOM   52  C C   . LYS A 1 9  ? -8.613  7.436   10.546  1.00 23.85 ? 9   LYS A C   1 
ATOM   53  O O   . LYS A 1 9  ? -9.794  7.132   10.294  1.00 23.98 ? 9   LYS A O   1 
ATOM   54  C CB  . LYS A 1 9  ? -7.348  6.119   12.257  1.00 23.06 ? 9   LYS A CB  1 
ATOM   55  C CG  . LYS A 1 9  ? -8.550  5.636   13.010  1.00 28.36 ? 9   LYS A CG  1 
ATOM   56  C CD  . LYS A 1 9  ? -8.180  5.490   14.472  1.00 34.38 ? 9   LYS A CD  1 
ATOM   57  C CE  . LYS A 1 9  ? -9.053  4.474   15.182  1.00 41.30 ? 9   LYS A CE  1 
ATOM   58  N NZ  . LYS A 1 9  ? -10.257 4.257   14.343  1.00 44.45 ? 9   LYS A NZ  1 
ATOM   59  N N   . ASN A 1 10 ? -8.173  8.703   10.681  1.00 24.62 ? 10  ASN A N   1 
ATOM   60  C CA  . ASN A 1 10 ? -9.107  9.799   10.702  1.00 25.99 ? 10  ASN A CA  1 
ATOM   61  C C   . ASN A 1 10 ? -9.501  10.365  9.309   1.00 25.34 ? 10  ASN A C   1 
ATOM   62  O O   . ASN A 1 10 ? -10.449 11.188  9.204   1.00 27.52 ? 10  ASN A O   1 
ATOM   63  C CB  . ASN A 1 10 ? -8.548  10.889  11.591  1.00 28.99 ? 10  ASN A CB  1 
ATOM   64  C CG  . ASN A 1 10 ? -8.446  10.476  13.064  1.00 31.66 ? 10  ASN A CG  1 
ATOM   65  O OD1 . ASN A 1 10 ? -9.213  9.642   13.565  1.00 39.48 ? 10  ASN A OD1 1 
ATOM   66  N ND2 . ASN A 1 10 ? -7.570  11.159  13.784  1.00 37.11 ? 10  ASN A ND2 1 
ATOM   67  N N   . ALA A 1 11 ? -8.823  9.933   8.249   1.00 23.36 ? 11  ALA A N   1 
ATOM   68  C CA  . ALA A 1 11 ? -9.154  10.347  6.915   1.00 22.83 ? 11  ALA A CA  1 
ATOM   69  C C   . ALA A 1 11 ? -10.593 9.982   6.593   1.00 24.16 ? 11  ALA A C   1 
ATOM   70  O O   . ALA A 1 11 ? -11.033 8.859   6.867   1.00 24.27 ? 11  ALA A O   1 
ATOM   71  C CB  . ALA A 1 11 ? -8.196  9.747   5.883   1.00 21.68 ? 11  ALA A CB  1 
ATOM   72  N N   . LYS A 1 12 ? -11.379 10.935  6.067   1.00 28.03 ? 12  LYS A N   1 
ATOM   73  C CA  . LYS A 1 12 ? -12.780 10.681  5.718   1.00 29.08 ? 12  LYS A CA  1 
ATOM   74  C C   . LYS A 1 12 ? -12.964 10.668  4.217   1.00 27.35 ? 12  LYS A C   1 
ATOM   75  O O   . LYS A 1 12 ? -12.225 11.321  3.487   1.00 27.00 ? 12  LYS A O   1 
ATOM   76  C CB  . LYS A 1 12 ? -13.674 11.769  6.346   1.00 33.32 ? 12  LYS A CB  1 
ATOM   77  C CG  . LYS A 1 12 ? -12.809 12.986  6.634   1.00 35.90 ? 12  LYS A CG  1 
ATOM   78  C CD  . LYS A 1 12 ? -11.340 12.548  6.439   1.00 42.95 ? 12  LYS A CD  1 
ATOM   79  C CE  . LYS A 1 12 ? -10.381 13.638  6.099   1.00 39.69 ? 12  LYS A CE  1 
ATOM   80  N NZ  . LYS A 1 12 ? -10.430 13.957  4.681   1.00 45.27 ? 12  LYS A NZ  1 
ATOM   81  N N   . SER A 1 13 ? -13.914 9.902   3.716   1.00 27.08 ? 13  SER A N   1 
ATOM   82  C CA  . SER A 1 13 ? -14.178 9.886   2.299   1.00 27.57 ? 13  SER A CA  1 
ATOM   83  C C   . SER A 1 13 ? -14.796 11.184  1.841   1.00 26.74 ? 13  SER A C   1 
ATOM   84  O O   . SER A 1 13 ? -15.557 11.821  2.594   1.00 29.54 ? 13  SER A O   1 
ATOM   85  C CB  . SER A 1 13 ? -15.057 8.738   1.893   1.00 30.37 ? 13  SER A CB  1 
ATOM   86  O OG  . SER A 1 13 ? -16.242 8.836   2.597   1.00 35.31 ? 13  SER A OG  1 
ATOM   87  N N   . LEU A 1 14 ? -14.500 11.519  0.609   1.00 24.74 ? 14  LEU A N   1 
ATOM   88  C CA  . LEU A 1 14 ? -15.069 12.666  -0.075  1.00 24.26 ? 14  LEU A CA  1 
ATOM   89  C C   . LEU A 1 14 ? -15.877 12.176  -1.259  1.00 26.11 ? 14  LEU A C   1 
ATOM   90  O O   . LEU A 1 14 ? -16.192 10.988  -1.349  1.00 27.46 ? 14  LEU A O   1 
ATOM   91  C CB  . LEU A 1 14 ? -13.940 13.621  -0.464  1.00 22.51 ? 14  LEU A CB  1 
ATOM   92  C CG  . LEU A 1 14 ? -13.218 14.232  0.702   1.00 25.18 ? 14  LEU A CG  1 
ATOM   93  C CD1 . LEU A 1 14 ? -12.044 15.101  0.206   1.00 26.45 ? 14  LEU A CD1 1 
ATOM   94  C CD2 . LEU A 1 14 ? -14.163 15.155  1.435   1.00 29.00 ? 14  LEU A CD2 1 
ATOM   95  N N   . GLU A 1 15 ? -16.219 13.028  -2.203  1.00 26.72 ? 15  GLU A N   1 
ATOM   96  C CA  . GLU A 1 15 ? -17.044 12.631  -3.325  1.00 27.47 ? 15  GLU A CA  1 
ATOM   97  C C   . GLU A 1 15 ? -16.331 11.812  -4.353  1.00 27.78 ? 15  GLU A C   1 
ATOM   98  O O   . GLU A 1 15 ? -16.937 10.961  -5.033  1.00 28.68 ? 15  GLU A O   1 
ATOM   99  C CB  . GLU A 1 15 ? -17.642 13.888  -3.983  1.00 27.71 ? 15  GLU A CB  1 
ATOM   100 C CG  . GLU A 1 15 ? -18.525 13.560  -5.097  1.00 33.30 ? 15  GLU A CG  1 
ATOM   101 C CD  . GLU A 1 15 ? -19.863 13.100  -4.654  1.00 42.11 ? 15  GLU A CD  1 
ATOM   102 O OE1 . GLU A 1 15 ? -20.546 12.583  -5.566  1.00 49.30 ? 15  GLU A OE1 1 
ATOM   103 O OE2 . GLU A 1 15 ? -20.253 13.260  -3.451  1.00 47.07 ? 15  GLU A OE2 1 
ATOM   104 N N   . LYS A 1 16 ? -15.036 12.067  -4.484  1.00 26.27 ? 16  LYS A N   1 
ATOM   105 C CA  . LYS A 1 16 ? -14.163 11.385  -5.399  1.00 26.76 ? 16  LYS A CA  1 
ATOM   106 C C   . LYS A 1 16 ? -13.027 10.822  -4.565  1.00 24.18 ? 16  LYS A C   1 
ATOM   107 O O   . LYS A 1 16 ? -12.791 11.278  -3.444  1.00 23.37 ? 16  LYS A O   1 
ATOM   108 C CB  . LYS A 1 16 ? -13.633 12.276  -6.527  1.00 28.04 ? 16  LYS A CB  1 
ATOM   109 C CG  . LYS A 1 16 ? -14.809 12.919  -7.401  1.00 32.18 ? 16  LYS A CG  1 
ATOM   110 C CD  . LYS A 1 16 ? -14.374 13.971  -8.339  1.00 40.00 ? 16  LYS A CD  1 
ATOM   111 N N   . GLU A 1 17 ? -12.376 9.788   -5.116  1.00 24.32 ? 17  GLU A N   1 
ATOM   112 C CA  . GLU A 1 17 ? -11.219 9.149   -4.484  1.00 24.29 ? 17  GLU A CA  1 
ATOM   113 C C   . GLU A 1 17 ? -10.109 10.173  -4.399  1.00 23.71 ? 17  GLU A C   1 
ATOM   114 O O   . GLU A 1 17 ? -9.989  11.088  -5.260  1.00 24.87 ? 17  GLU A O   1 
ATOM   115 C CB  . GLU A 1 17 ? -10.786 7.911   -5.263  1.00 25.90 ? 17  GLU A CB  1 
ATOM   116 C CG  . GLU A 1 17 ? -10.177 8.134   -6.601  1.00 30.05 ? 17  GLU A CG  1 
ATOM   117 C CD  . GLU A 1 17 ? -9.815  6.826   -7.292  1.00 37.08 ? 17  GLU A CD  1 
ATOM   118 O OE1 . GLU A 1 17 ? -10.447 5.819   -6.987  1.00 38.51 ? 17  GLU A OE1 1 
ATOM   119 O OE2 . GLU A 1 17 ? -8.892  6.852   -8.103  1.00 43.39 ? 17  GLU A OE2 1 
ATOM   120 N N   . TYR A 1 18 ? -9.332  10.056  -3.331  1.00 21.63 ? 18  TYR A N   1 
ATOM   121 C CA  . TYR A 1 18 ? -8.118  10.818  -3.195  1.00 20.92 ? 18  TYR A CA  1 
ATOM   122 C C   . TYR A 1 18 ? -6.980  9.988   -2.601  1.00 21.09 ? 18  TYR A C   1 
ATOM   123 O O   . TYR A 1 18 ? -7.225  9.026   -1.910  1.00 20.63 ? 18  TYR A O   1 
ATOM   124 C CB  . TYR A 1 18 ? -8.355  12.117  -2.450  1.00 21.82 ? 18  TYR A CB  1 
ATOM   125 C CG  . TYR A 1 18 ? -8.707  12.014  -0.999  1.00 18.91 ? 18  TYR A CG  1 
ATOM   126 C CD1 . TYR A 1 18 ? -7.724  12.015  -0.022  1.00 19.29 ? 18  TYR A CD1 1 
ATOM   127 C CD2 . TYR A 1 18 ? -10.001 11.840  -0.585  1.00 21.87 ? 18  TYR A CD2 1 
ATOM   128 C CE1 . TYR A 1 18 ? -8.009  11.853  1.324   1.00 19.44 ? 18  TYR A CE1 1 
ATOM   129 C CE2 . TYR A 1 18 ? -10.313 11.708  0.737   1.00 21.70 ? 18  TYR A CE2 1 
ATOM   130 C CZ  . TYR A 1 18 ? -9.334  11.736  1.712   1.00 21.19 ? 18  TYR A CZ  1 
ATOM   131 O OH  . TYR A 1 18 ? -9.618  11.644  3.052   1.00 22.81 ? 18  TYR A OH  1 
ATOM   132 N N   . LYS A 1 19 ? -5.744  10.440  -2.846  1.00 22.71 ? 19  LYS A N   1 
ATOM   133 C CA  . LYS A 1 19 ? -4.540  9.746   -2.365  1.00 23.45 ? 19  LYS A CA  1 
ATOM   134 C C   . LYS A 1 19 ? -3.920  10.544  -1.272  1.00 21.19 ? 19  LYS A C   1 
ATOM   135 O O   . LYS A 1 19 ? -3.723  11.773  -1.415  1.00 24.98 ? 19  LYS A O   1 
ATOM   136 C CB  . LYS A 1 19 ? -3.518  9.629   -3.492  1.00 24.65 ? 19  LYS A CB  1 
ATOM   137 C CG  . LYS A 1 19 ? -3.989  8.969   -4.686  1.00 31.51 ? 19  LYS A CG  1 
ATOM   138 C CD  . LYS A 1 19 ? -2.839  8.956   -5.684  1.00 38.95 ? 19  LYS A CD  1 
ATOM   139 C CE  . LYS A 1 19 ? -3.348  8.767   -7.125  1.00 43.20 ? 19  LYS A CE  1 
ATOM   140 N NZ  . LYS A 1 19 ? -4.827  8.921   -7.297  1.00 47.81 ? 19  LYS A NZ  1 
ATOM   141 N N   . LEU A 1 20 ? -3.502  9.895   -0.212  1.00 21.17 ? 20  LEU A N   1 
ATOM   142 C CA  . LEU A 1 20 ? -2.652  10.443  0.806   1.00 21.03 ? 20  LEU A CA  1 
ATOM   143 C C   . LEU A 1 20 ? -1.265  9.785   0.667   1.00 20.81 ? 20  LEU A C   1 
ATOM   144 O O   . LEU A 1 20 ? -1.090  8.552   0.896   1.00 21.34 ? 20  LEU A O   1 
ATOM   145 C CB  . LEU A 1 20 ? -3.210  10.201  2.180   1.00 20.67 ? 20  LEU A CB  1 
ATOM   146 C CG  . LEU A 1 20 ? -4.468  10.989  2.543   1.00 23.95 ? 20  LEU A CG  1 
ATOM   147 C CD1 . LEU A 1 20 ? -4.919  10.564  3.881   1.00 26.08 ? 20  LEU A CD1 1 
ATOM   148 C CD2 . LEU A 1 20 ? -4.233  12.523  2.554   1.00 26.75 ? 20  LEU A CD2 1 
ATOM   149 N N   . THR A 1 21 ? -0.279  10.577  0.292   1.00 22.62 ? 21  THR A N   1 
ATOM   150 C CA  . THR A 1 21 ? 1.024   9.996   0.046   1.00 23.21 ? 21  THR A CA  1 
ATOM   151 C C   . THR A 1 21 ? 1.787   9.718   1.341   1.00 23.02 ? 21  THR A C   1 
ATOM   152 O O   . THR A 1 21 ? 1.726   10.487  2.307   1.00 25.13 ? 21  THR A O   1 
ATOM   153 C CB  . THR A 1 21 ? 1.885   10.922  -0.872  1.00 26.11 ? 21  THR A CB  1 
ATOM   154 O OG1 . THR A 1 21 ? 3.136   10.259  -1.236  1.00 32.73 ? 21  THR A OG1 1 
ATOM   155 C CG2 . THR A 1 21 ? 2.213   12.090  -0.119  1.00 31.21 ? 21  THR A CG2 1 
ATOM   156 N N   . ASP A 1 22 ? 2.550   8.614   1.350   1.00 22.34 ? 22  ASP A N   1 
ATOM   157 C CA  . ASP A 1 22 ? 3.437   8.244   2.445   1.00 23.10 ? 22  ASP A CA  1 
ATOM   158 C C   . ASP A 1 22 ? 4.911   8.343   2.001   1.00 24.99 ? 22  ASP A C   1 
ATOM   159 O O   . ASP A 1 22 ? 5.794   8.182   2.839   1.00 30.56 ? 22  ASP A O   1 
ATOM   160 C CB  . ASP A 1 22 ? 3.230   6.819   2.956   1.00 23.67 ? 22  ASP A CB  1 
ATOM   161 C CG  . ASP A 1 22 ? 3.975   6.564   4.244   1.00 25.62 ? 22  ASP A CG  1 
ATOM   162 O OD1 . ASP A 1 22 ? 4.766   5.629   4.341   1.00 24.99 ? 22  ASP A OD1 1 
ATOM   163 O OD2 . ASP A 1 22 ? 3.805   7.314   5.228   1.00 27.42 ? 22  ASP A OD2 1 
ATOM   164 N N   . GLY A 1 23 ? 5.194   8.556   0.724   1.00 25.21 ? 23  GLY A N   1 
ATOM   165 C CA  . GLY A 1 23 ? 6.601   8.560   0.312   1.00 24.74 ? 23  GLY A CA  1 
ATOM   166 C C   . GLY A 1 23 ? 7.000   7.223   -0.277  1.00 22.97 ? 23  GLY A C   1 
ATOM   167 O O   . GLY A 1 23 ? 6.306   6.228   -0.137  1.00 22.58 ? 23  GLY A O   1 
ATOM   168 N N   . PHE A 1 24 ? 8.124   7.245   -0.984  1.00 22.48 ? 24  PHE A N   1 
ATOM   169 C CA  . PHE A 1 24 ? 8.655   6.101   -1.636  1.00 22.38 ? 24  PHE A CA  1 
ATOM   170 C C   . PHE A 1 24 ? 7.683   5.446   -2.594  1.00 20.69 ? 24  PHE A C   1 
ATOM   171 O O   . PHE A 1 24 ? 7.778   4.242   -2.867  1.00 24.01 ? 24  PHE A O   1 
ATOM   172 C CB  . PHE A 1 24 ? 9.224   5.126   -0.611  1.00 24.06 ? 24  PHE A CB  1 
ATOM   173 C CG  . PHE A 1 24 ? 10.234  5.722   0.293   1.00 26.20 ? 24  PHE A CG  1 
ATOM   174 C CD1 . PHE A 1 24 ? 9.891   6.137   1.557   1.00 30.90 ? 24  PHE A CD1 1 
ATOM   175 C CD2 . PHE A 1 24 ? 11.556  5.868   -0.141  1.00 26.31 ? 24  PHE A CD2 1 
ATOM   176 C CE1 . PHE A 1 24 ? 10.819  6.701   2.396   1.00 33.71 ? 24  PHE A CE1 1 
ATOM   177 C CE2 . PHE A 1 24 ? 12.491  6.462   0.685   1.00 24.15 ? 24  PHE A CE2 1 
ATOM   178 C CZ  . PHE A 1 24 ? 12.137  6.823   1.960   1.00 29.54 ? 24  PHE A CZ  1 
ATOM   179 N N   . GLY A 1 25 ? 6.729   6.188   -3.161  1.00 20.57 ? 25  GLY A N   1 
ATOM   180 C CA  . GLY A 1 25 ? 5.819   5.613   -4.131  1.00 20.23 ? 25  GLY A CA  1 
ATOM   181 C C   . GLY A 1 25 ? 4.545   5.084   -3.519  1.00 19.99 ? 25  GLY A C   1 
ATOM   182 O O   . GLY A 1 25 ? 3.651   4.694   -4.242  1.00 21.99 ? 25  GLY A O   1 
ATOM   183 N N   . MET A 1 26 ? 4.507   5.026   -2.198  1.00 18.33 ? 26  MET A N   1 
ATOM   184 C CA  . MET A 1 26 ? 3.285   4.454   -1.533  1.00 18.88 ? 26  MET A CA  1 
ATOM   185 C C   . MET A 1 26 ? 2.284   5.496   -1.121  1.00 19.64 ? 26  MET A C   1 
ATOM   186 O O   . MET A 1 26 ? 2.647   6.583   -0.643  1.00 21.69 ? 26  MET A O   1 
ATOM   187 C CB  . MET A 1 26 ? 3.657   3.599   -0.345  1.00 18.87 ? 26  MET A CB  1 
ATOM   188 C CG  . MET A 1 26 ? 2.486   2.766   0.092   1.00 22.05 ? 26  MET A CG  1 
ATOM   189 S SD  . MET A 1 26 ? 2.855   1.693   1.478   1.00 25.99 ? 26  MET A SD  1 
ATOM   190 C CE  . MET A 1 26 ? 2.844   2.839   2.869   1.00 23.54 ? 26  MET A CE  1 
ATOM   191 N N   . HIS A 1 27 ? 1.019   5.181   -1.295  1.00 19.49 ? 27  HIS A N   1 
ATOM   192 C CA  . HIS A 1 27 ? -0.050  6.090   -0.874  1.00 18.75 ? 27  HIS A CA  1 
ATOM   193 C C   . HIS A 1 27 ? -1.204  5.268   -0.352  1.00 18.14 ? 27  HIS A C   1 
ATOM   194 O O   . HIS A 1 27 ? -1.356  4.076   -0.642  1.00 17.97 ? 27  HIS A O   1 
ATOM   195 C CB  . HIS A 1 27 ? -0.535  6.999   -1.974  1.00 20.50 ? 27  HIS A CB  1 
ATOM   196 C CG  . HIS A 1 27 ? -1.059  6.347   -3.205  1.00 21.90 ? 27  HIS A CG  1 
ATOM   197 N ND1 . HIS A 1 27 ? -2.391  6.046   -3.423  1.00 27.61 ? 27  HIS A ND1 1 
ATOM   198 C CD2 . HIS A 1 27 ? -0.423  6.044   -4.345  1.00 23.76 ? 27  HIS A CD2 1 
ATOM   199 C CE1 . HIS A 1 27 ? -2.535  5.524   -4.637  1.00 25.07 ? 27  HIS A CE1 1 
ATOM   200 N NE2 . HIS A 1 27 ? -1.359  5.538   -5.221  1.00 27.79 ? 27  HIS A NE2 1 
ATOM   201 N N   . LEU A 1 28 ? -2.038  5.934   0.444   1.00 18.08 ? 28  LEU A N   1 
ATOM   202 C CA  . LEU A 1 28 ? -3.369  5.423   0.797   1.00 17.58 ? 28  LEU A CA  1 
ATOM   203 C C   . LEU A 1 28 ? -4.387  6.062   -0.150  1.00 18.95 ? 28  LEU A C   1 
ATOM   204 O O   . LEU A 1 28 ? -4.454  7.262   -0.277  1.00 20.18 ? 28  LEU A O   1 
ATOM   205 C CB  . LEU A 1 28 ? -3.665  5.793   2.246   1.00 17.39 ? 28  LEU A CB  1 
ATOM   206 C CG  . LEU A 1 28 ? -4.950  5.241   2.844   1.00 18.88 ? 28  LEU A CG  1 
ATOM   207 C CD1 . LEU A 1 28 ? -4.698  3.774   3.146   1.00 20.89 ? 28  LEU A CD1 1 
ATOM   208 C CD2 . LEU A 1 28 ? -5.340  6.029   4.047   1.00 23.46 ? 28  LEU A CD2 1 
ATOM   209 N N   . LEU A 1 29 ? -5.203  5.244   -0.779  1.00 18.80 ? 29  LEU A N   1 
ATOM   210 C CA  . LEU A 1 29 ? -6.328  5.671   -1.570  1.00 19.52 ? 29  LEU A CA  1 
ATOM   211 C C   . LEU A 1 29 ? -7.549  5.625   -0.689  1.00 18.51 ? 29  LEU A C   1 
ATOM   212 O O   . LEU A 1 29 ? -7.934  4.547   -0.176  1.00 19.48 ? 29  LEU A O   1 
ATOM   213 C CB  . LEU A 1 29 ? -6.477  4.780   -2.813  1.00 20.63 ? 29  LEU A CB  1 
ATOM   214 C CG  . LEU A 1 29 ? -7.564  5.220   -3.797  1.00 24.20 ? 29  LEU A CG  1 
ATOM   215 C CD1 . LEU A 1 29 ? -7.127  6.558   -4.557  1.00 25.61 ? 29  LEU A CD1 1 
ATOM   216 C CD2 . LEU A 1 29 ? -7.792  4.118   -4.773  1.00 29.56 ? 29  LEU A CD2 1 
ATOM   217 N N   . VAL A 1 30 ? -8.169  6.789   -0.499  1.00 18.79 ? 30  VAL A N   1 
ATOM   218 C CA  . VAL A 1 30 ? -9.358  6.915   0.331   1.00 18.60 ? 30  VAL A CA  1 
ATOM   219 C C   . VAL A 1 30 ? -10.527 7.048   -0.653  1.00 20.10 ? 30  VAL A C   1 
ATOM   220 O O   . VAL A 1 30 ? -10.621 8.037   -1.414  1.00 19.67 ? 30  VAL A O   1 
ATOM   221 C CB  . VAL A 1 30 ? -9.298  8.150   1.232   1.00 19.46 ? 30  VAL A CB  1 
ATOM   222 C CG1 . VAL A 1 30 ? -10.516 8.266   2.143   1.00 21.09 ? 30  VAL A CG1 1 
ATOM   223 C CG2 . VAL A 1 30 ? -8.050  8.108   2.092   1.00 19.77 ? 30  VAL A CG2 1 
ATOM   224 N N   . HIS A 1 31 ? -11.349 6.003   -0.705  1.00 21.89 ? 31  HIS A N   1 
ATOM   225 C CA  . HIS A 1 31 ? -12.356 5.884   -1.748  1.00 23.47 ? 31  HIS A CA  1 
ATOM   226 C C   . HIS A 1 31 ? -13.710 6.374   -1.257  1.00 24.06 ? 31  HIS A C   1 
ATOM   227 O O   . HIS A 1 31 ? -13.996 6.345   -0.065  1.00 24.67 ? 31  HIS A O   1 
ATOM   228 C CB  . HIS A 1 31 ? -12.405 4.404   -2.187  1.00 22.74 ? 31  HIS A CB  1 
ATOM   229 C CG  . HIS A 1 31 ? -13.073 4.172   -3.517  1.00 26.18 ? 31  HIS A CG  1 
ATOM   230 N ND1 . HIS A 1 31 ? -14.434 4.122   -3.648  1.00 31.07 ? 31  HIS A ND1 1 
ATOM   231 C CD2 . HIS A 1 31 ? -12.566 3.939   -4.753  1.00 30.60 ? 31  HIS A CD2 1 
ATOM   232 C CE1 . HIS A 1 31 ? -14.754 3.857   -4.900  1.00 30.99 ? 31  HIS A CE1 1 
ATOM   233 N NE2 . HIS A 1 31 ? -13.639 3.786   -5.611  1.00 32.53 ? 31  HIS A NE2 1 
ATOM   234 N N   . PRO A 1 32 ? -14.542 6.914   -2.201  1.00 26.50 ? 32  PRO A N   1 
ATOM   235 C CA  . PRO A 1 32 ? -15.824 7.375   -1.788  1.00 29.80 ? 32  PRO A CA  1 
ATOM   236 C C   . PRO A 1 32 ? -16.692 6.229   -1.316  1.00 31.02 ? 32  PRO A C   1 
ATOM   237 O O   . PRO A 1 32 ? -17.613 6.496   -0.566  1.00 32.96 ? 32  PRO A O   1 
ATOM   238 C CB  . PRO A 1 32 ? -16.411 7.984   -3.067  1.00 30.21 ? 32  PRO A CB  1 
ATOM   239 C CG  . PRO A 1 32 ? -15.438 8.061   -4.004  1.00 31.24 ? 32  PRO A CG  1 
ATOM   240 C CD  . PRO A 1 32 ? -14.215 7.332   -3.565  1.00 26.67 ? 32  PRO A CD  1 
ATOM   241 N N   . ASN A 1 33 ? -16.342 4.973   -1.651  1.00 31.55 ? 33  ASN A N   1 
ATOM   242 C CA  . ASN A 1 33 ? -17.089 3.826   -1.129  1.00 30.73 ? 33  ASN A CA  1 
ATOM   243 C C   . ASN A 1 33 ? -16.854 3.584   0.351   1.00 31.80 ? 33  ASN A C   1 
ATOM   244 O O   . ASN A 1 33 ? -17.483 2.700   0.928   1.00 34.43 ? 33  ASN A O   1 
ATOM   245 C CB  . ASN A 1 33 ? -16.834 2.539   -1.973  1.00 31.90 ? 33  ASN A CB  1 
ATOM   246 C CG  . ASN A 1 33 ? -15.421 2.000   -1.921  1.00 28.04 ? 33  ASN A CG  1 
ATOM   247 O OD1 . ASN A 1 33 ? -14.626 2.419   -1.122  1.00 28.38 ? 33  ASN A OD1 1 
ATOM   248 N ND2 . ASN A 1 33 ? -15.116 1.013   -2.792  1.00 29.37 ? 33  ASN A ND2 1 
ATOM   249 N N   . GLY A 1 34 ? -15.908 4.339   0.966   1.00 29.04 ? 34  GLY A N   1 
ATOM   250 C CA  . GLY A 1 34 ? -15.557 4.232   2.330   1.00 26.52 ? 34  GLY A CA  1 
ATOM   251 C C   . GLY A 1 34 ? -14.313 3.358   2.627   1.00 24.77 ? 34  GLY A C   1 
ATOM   252 O O   . GLY A 1 34 ? -13.716 3.403   3.698   1.00 26.77 ? 34  GLY A O   1 
ATOM   253 N N   . SER A 1 35 ? -13.878 2.680   1.620   1.00 22.79 ? 35  SER A N   1 
ATOM   254 C CA  . SER A 1 35 ? -12.736 1.811   1.795   1.00 19.75 ? 35  SER A CA  1 
ATOM   255 C C   . SER A 1 35 ? -11.419 2.558   1.615   1.00 19.69 ? 35  SER A C   1 
ATOM   256 O O   . SER A 1 35 ? -11.391 3.629   0.990   1.00 21.15 ? 35  SER A O   1 
ATOM   257 C CB  . SER A 1 35 ? -12.810 0.678   0.794   1.00 20.17 ? 35  SER A CB  1 
ATOM   258 O OG  . SER A 1 35 ? -13.871 -0.221  1.124   1.00 22.07 ? 35  SER A OG  1 
ATOM   259 N N   . LYS A 1 36 ? -10.351 2.008   2.222   1.00 17.81 ? 36  LYS A N   1 
ATOM   260 C CA  . LYS A 1 36 ? -9.000  2.630   2.264   1.00 17.50 ? 36  LYS A CA  1 
ATOM   261 C C   . LYS A 1 36 ? -7.969  1.592   1.768   1.00 17.79 ? 36  LYS A C   1 
ATOM   262 O O   . LYS A 1 36 ? -7.879  0.533   2.369   1.00 19.99 ? 36  LYS A O   1 
ATOM   263 C CB  . LYS A 1 36 ? -8.722  3.106   3.683   1.00 17.93 ? 36  LYS A CB  1 
ATOM   264 C CG  . LYS A 1 36 ? -9.486  4.336   4.135   1.00 20.04 ? 36  LYS A CG  1 
ATOM   265 C CD  . LYS A 1 36 ? -9.276  4.674   5.553   1.00 20.73 ? 36  LYS A CD  1 
ATOM   266 C CE  . LYS A 1 36 ? -9.911  6.012   5.890   1.00 23.05 ? 36  LYS A CE  1 
ATOM   267 N NZ  . LYS A 1 36 ? -9.914  6.292   7.388   1.00 23.18 ? 36  LYS A NZ  1 
ATOM   268 N N   . TYR A 1 37 ? -7.344  1.905   0.622   1.00 17.36 ? 37  TYR A N   1 
ATOM   269 C CA  . TYR A 1 37 ? -6.517  0.990   -0.111  1.00 18.56 ? 37  TYR A CA  1 
ATOM   270 C C   . TYR A 1 37 ? -5.070  1.412   -0.068  1.00 18.44 ? 37  TYR A C   1 
ATOM   271 O O   . TYR A 1 37 ? -4.772  2.541   -0.384  1.00 19.71 ? 37  TYR A O   1 
ATOM   272 C CB  . TYR A 1 37 ? -6.927  0.881   -1.615  1.00 18.24 ? 37  TYR A CB  1 
ATOM   273 C CG  . TYR A 1 37 ? -8.353  0.529   -1.871  1.00 18.61 ? 37  TYR A CG  1 
ATOM   274 C CD1 . TYR A 1 37 ? -9.342  1.487   -1.849  1.00 18.71 ? 37  TYR A CD1 1 
ATOM   275 C CD2 . TYR A 1 37 ? -8.714  -0.741  -2.230  1.00 18.16 ? 37  TYR A CD2 1 
ATOM   276 C CE1 . TYR A 1 37 ? -10.660 1.191   -2.102  1.00 19.10 ? 37  TYR A CE1 1 
ATOM   277 C CE2 . TYR A 1 37 ? -10.046 -1.063  -2.464  1.00 17.60 ? 37  TYR A CE2 1 
ATOM   278 C CZ  . TYR A 1 37 ? -11.046 -0.129  -2.362  1.00 18.44 ? 37  TYR A CZ  1 
ATOM   279 O OH  . TYR A 1 37 ? -12.373 -0.451  -2.676  1.00 20.74 ? 37  TYR A OH  1 
ATOM   280 N N   . TRP A 1 38 ? -4.162  0.500   0.267   1.00 15.61 ? 38  TRP A N   1 
ATOM   281 C CA  . TRP A 1 38 ? -2.720  0.793   0.148   1.00 16.30 ? 38  TRP A CA  1 
ATOM   282 C C   . TRP A 1 38 ? -2.265  0.450   -1.260  1.00 15.45 ? 38  TRP A C   1 
ATOM   283 O O   . TRP A 1 38 ? -2.545  -0.635  -1.781  1.00 16.60 ? 38  TRP A O   1 
ATOM   284 C CB  . TRP A 1 38 ? -1.911  -0.030  1.105   1.00 16.27 ? 38  TRP A CB  1 
ATOM   285 C CG  . TRP A 1 38 ? -2.205  0.218   2.554   1.00 16.28 ? 38  TRP A CG  1 
ATOM   286 C CD1 . TRP A 1 38 ? -2.867  -0.607  3.402   1.00 17.82 ? 38  TRP A CD1 1 
ATOM   287 C CD2 . TRP A 1 38 ? -1.888  1.391   3.282   1.00 16.74 ? 38  TRP A CD2 1 
ATOM   288 N NE1 . TRP A 1 38 ? -2.921  -0.039  4.650   1.00 18.67 ? 38  TRP A NE1 1 
ATOM   289 C CE2 . TRP A 1 38 ? -2.312  1.190   4.609   1.00 18.33 ? 38  TRP A CE2 1 
ATOM   290 C CE3 . TRP A 1 38 ? -1.250  2.594   2.948   1.00 18.12 ? 38  TRP A CE3 1 
ATOM   291 C CZ2 . TRP A 1 38 ? -2.181  2.195   5.608   1.00 19.58 ? 38  TRP A CZ2 1 
ATOM   292 C CZ3 . TRP A 1 38 ? -1.090  3.564   3.971   1.00 20.80 ? 38  TRP A CZ3 1 
ATOM   293 C CH2 . TRP A 1 38 ? -1.532  3.329   5.264   1.00 20.98 ? 38  TRP A CH2 1 
ATOM   294 N N   . ARG A 1 39 ? -1.536  1.382   -1.841  1.00 16.07 ? 39  ARG A N   1 
ATOM   295 C CA  . ARG A 1 39 ? -1.040  1.244   -3.224  1.00 18.07 ? 39  ARG A CA  1 
ATOM   296 C C   . ARG A 1 39 ? 0.396   1.674   -3.341  1.00 17.76 ? 39  ARG A C   1 
ATOM   297 O O   . ARG A 1 39 ? 0.807   2.646   -2.706  1.00 18.58 ? 39  ARG A O   1 
ATOM   298 C CB  . ARG A 1 39 ? -1.854  2.101   -4.191  1.00 21.54 ? 39  ARG A CB  1 
ATOM   299 C CG  . ARG A 1 39 ? -3.258  1.635   -4.430  1.00 30.76 ? 39  ARG A CG  1 
ATOM   300 C CD  . ARG A 1 39 ? -3.790  0.759   -3.496  1.00 41.05 ? 39  ARG A CD  1 
ATOM   301 N NE  . ARG A 1 39 ? -4.756  -0.067  -4.221  1.00 44.87 ? 39  ARG A NE  1 
ATOM   302 C CZ  . ARG A 1 39 ? -5.285  -1.213  -3.808  1.00 41.18 ? 39  ARG A CZ  1 
ATOM   303 N NH1 . ARG A 1 39 ? -4.980  -1.900  -2.596  1.00 27.73 ? 39  ARG A NH1 1 
ATOM   304 N NH2 . ARG A 1 39 ? -6.136  -1.668  -4.660  1.00 39.84 ? 39  ARG A NH2 1 
ATOM   305 N N   . LEU A 1 40 ? 1.109   1.003   -4.232  1.00 17.06 ? 40  LEU A N   1 
ATOM   306 C CA  . LEU A 1 40 ? 2.494   1.388   -4.542  1.00 15.59 ? 40  LEU A CA  1 
ATOM   307 C C   . LEU A 1 40 ? 2.617   1.697   -6.040  1.00 16.63 ? 40  LEU A C   1 
ATOM   308 O O   . LEU A 1 40 ? 2.318   0.849   -6.921  1.00 19.07 ? 40  LEU A O   1 
ATOM   309 C CB  . LEU A 1 40 ? 3.480   0.260   -4.189  1.00 16.57 ? 40  LEU A CB  1 
ATOM   310 C CG  . LEU A 1 40 ? 4.936   0.510   -4.575  1.00 18.22 ? 40  LEU A CG  1 
ATOM   311 C CD1 . LEU A 1 40 ? 5.477   1.662   -3.732  1.00 21.85 ? 40  LEU A CD1 1 
ATOM   312 C CD2 . LEU A 1 40 ? 5.770   -0.707  -4.409  1.00 22.05 ? 40  LEU A CD2 1 
ATOM   313 N N   . SER A 1 41 ? 3.106   2.887   -6.357  1.00 18.41 ? 41  SER A N   1 
ATOM   314 C CA  . SER A 1 41 ? 3.449   3.225   -7.736  1.00 20.44 ? 41  SER A CA  1 
ATOM   315 C C   . SER A 1 41 ? 4.889   2.804   -7.993  1.00 20.81 ? 41  SER A C   1 
ATOM   316 O O   . SER A 1 41 ? 5.805   3.088   -7.168  1.00 23.45 ? 41  SER A O   1 
ATOM   317 C CB  . SER A 1 41 ? 3.253   4.722   -7.888  1.00 22.32 ? 41  SER A CB  1 
ATOM   318 O OG  . SER A 1 41 ? 3.593   5.164   -9.194  1.00 29.60 ? 41  SER A OG  1 
ATOM   319 N N   . TYR A 1 42 ? 5.109   2.149   -9.122  1.00 21.72 ? 42  TYR A N   1 
ATOM   320 C CA  . TYR A 1 42 ? 6.471   1.682   -9.462  1.00 22.88 ? 42  TYR A CA  1 
ATOM   321 C C   . TYR A 1 42 ? 6.609   1.622   -10.958 1.00 25.12 ? 42  TYR A C   1 
ATOM   322 O O   . TYR A 1 42 ? 5.580   1.621   -11.702 1.00 25.15 ? 42  TYR A O   1 
ATOM   323 C CB  . TYR A 1 42 ? 6.713   0.310   -8.841  1.00 22.55 ? 42  TYR A CB  1 
ATOM   324 C CG  . TYR A 1 42 ? 5.913   -0.818  -9.352  1.00 20.88 ? 42  TYR A CG  1 
ATOM   325 C CD1 . TYR A 1 42 ? 4.566   -1.033  -8.955  1.00 22.52 ? 42  TYR A CD1 1 
ATOM   326 C CD2 . TYR A 1 42 ? 6.428   -1.687  -10.316 1.00 23.29 ? 42  TYR A CD2 1 
ATOM   327 C CE1 . TYR A 1 42 ? 3.875   -2.055  -9.438  1.00 25.06 ? 42  TYR A CE1 1 
ATOM   328 C CE2 . TYR A 1 42 ? 5.728   -2.727  -10.747 1.00 26.20 ? 42  TYR A CE2 1 
ATOM   329 C CZ  . TYR A 1 42 ? 4.423   -2.924  -10.330 1.00 27.12 ? 42  TYR A CZ  1 
ATOM   330 O OH  . TYR A 1 42 ? 3.671   -3.996  -10.863 1.00 29.50 ? 42  TYR A OH  1 
ATOM   331 N N   . ARG A 1 43 ? 7.854   1.537   -11.409 1.00 29.79 ? 43  ARG A N   1 
ATOM   332 C CA  . ARG A 1 43 ? 8.126   1.362   -12.856 1.00 32.35 ? 43  ARG A CA  1 
ATOM   333 C C   . ARG A 1 43 ? 8.758   -0.010  -13.070 1.00 32.15 ? 43  ARG A C   1 
ATOM   334 O O   . ARG A 1 43 ? 9.613   -0.433  -12.271 1.00 32.11 ? 43  ARG A O   1 
ATOM   335 C CB  . ARG A 1 43 ? 9.073   2.415   -13.366 1.00 35.40 ? 43  ARG A CB  1 
ATOM   336 C CG  . ARG A 1 43 ? 8.541   3.814   -13.361 1.00 40.51 ? 43  ARG A CG  1 
ATOM   337 C CD  . ARG A 1 43 ? 8.213   4.375   -14.742 1.00 49.24 ? 43  ARG A CD  1 
ATOM   338 N NE  . ARG A 1 43 ? 9.295   4.295   -15.711 1.00 53.18 ? 43  ARG A NE  1 
ATOM   339 C CZ  . ARG A 1 43 ? 9.108   4.394   -17.030 1.00 55.53 ? 43  ARG A CZ  1 
ATOM   340 N NH1 . ARG A 1 43 ? 7.893   4.561   -17.526 1.00 55.37 ? 43  ARG A NH1 1 
ATOM   341 N NH2 . ARG A 1 43 ? 10.142  4.315   -17.861 1.00 58.21 ? 43  ARG A NH2 1 
ATOM   342 N N   . PHE A 1 44 ? 8.341   -0.674  -14.123 1.00 34.16 ? 44  PHE A N   1 
ATOM   343 C CA  . PHE A 1 44 ? 8.823   -2.005  -14.498 1.00 36.86 ? 44  PHE A CA  1 
ATOM   344 C C   . PHE A 1 44 ? 8.525   -2.195  -16.007 1.00 40.88 ? 44  PHE A C   1 
ATOM   345 O O   . PHE A 1 44 ? 7.465   -1.859  -16.494 1.00 42.51 ? 44  PHE A O   1 
ATOM   346 C CB  . PHE A 1 44 ? 8.143   -3.089  -13.655 1.00 35.34 ? 44  PHE A CB  1 
ATOM   347 C CG  . PHE A 1 44 ? 8.774   -4.440  -13.790 1.00 32.82 ? 44  PHE A CG  1 
ATOM   348 C CD1 . PHE A 1 44 ? 8.240   -5.381  -14.650 1.00 37.97 ? 44  PHE A CD1 1 
ATOM   349 C CD2 . PHE A 1 44 ? 9.929   -4.747  -13.103 1.00 32.23 ? 44  PHE A CD2 1 
ATOM   350 C CE1 . PHE A 1 44 ? 8.831   -6.600  -14.786 1.00 37.56 ? 44  PHE A CE1 1 
ATOM   351 C CE2 . PHE A 1 44 ? 10.558  -5.991  -13.228 1.00 33.66 ? 44  PHE A CE2 1 
ATOM   352 C CZ  . PHE A 1 44 ? 10.000  -6.918  -14.077 1.00 34.94 ? 44  PHE A CZ  1 
ATOM   353 N N   . GLU A 1 45 ? 9.495   -2.686  -16.745 1.00 45.37 ? 45  GLU A N   1 
ATOM   354 C CA  . GLU A 1 45 ? 9.284   -3.083  -18.173 1.00 48.03 ? 45  GLU A CA  1 
ATOM   355 C C   . GLU A 1 45 ? 8.775   -2.052  -19.197 1.00 48.87 ? 45  GLU A C   1 
ATOM   356 O O   . GLU A 1 45 ? 7.925   -2.423  -20.024 1.00 51.21 ? 45  GLU A O   1 
ATOM   357 C CB  . GLU A 1 45 ? 8.291   -4.248  -18.261 1.00 49.21 ? 45  GLU A CB  1 
ATOM   358 C CG  . GLU A 1 45 ? 8.873   -5.645  -18.370 1.00 51.84 ? 45  GLU A CG  1 
ATOM   359 C CD  . GLU A 1 45 ? 7.796   -6.708  -18.110 1.00 55.39 ? 45  GLU A CD  1 
ATOM   360 O OE1 . GLU A 1 45 ? 8.122   -7.918  -18.042 1.00 56.78 ? 45  GLU A OE1 1 
ATOM   361 O OE2 . GLU A 1 45 ? 6.615   -6.311  -17.935 1.00 59.29 ? 45  GLU A OE2 1 
ATOM   362 N N   . LYS A 1 46 ? 9.157   -0.782  -19.177 1.00 48.29 ? 46  LYS A N   1 
ATOM   363 C CA  . LYS A 1 46 ? 9.311   0.021   -18.020 1.00 49.15 ? 46  LYS A CA  1 
ATOM   364 C C   . LYS A 1 46 ? 8.290   1.111   -18.289 1.00 48.13 ? 46  LYS A C   1 
ATOM   365 O O   . LYS A 1 46 ? 8.524   2.153   -18.964 1.00 49.99 ? 46  LYS A O   1 
ATOM   366 C CB  . LYS A 1 46 ? 10.709  0.527   -17.809 1.00 49.08 ? 46  LYS A CB  1 
ATOM   367 C CG  . LYS A 1 46 ? 11.506  -0.410  -16.951 1.00 50.08 ? 46  LYS A CG  1 
ATOM   368 N N   . LYS A 1 47 ? 7.102   0.690   -17.883 1.00 46.15 ? 47  LYS A N   1 
ATOM   369 C CA  . LYS A 1 47 ? 5.891   1.402   -17.831 1.00 43.26 ? 47  LYS A CA  1 
ATOM   370 C C   . LYS A 1 47 ? 5.702   1.716   -16.343 1.00 40.86 ? 47  LYS A C   1 
ATOM   371 O O   . LYS A 1 47 ? 6.350   1.090   -15.487 1.00 38.52 ? 47  LYS A O   1 
ATOM   372 C CB  . LYS A 1 47 ? 4.750   0.480   -18.293 1.00 43.85 ? 47  LYS A CB  1 
ATOM   373 C CG  . LYS A 1 47 ? 4.781   0.134   -19.787 1.00 45.74 ? 47  LYS A CG  1 
ATOM   374 C CD  . LYS A 1 47 ? 5.127   1.366   -20.604 1.00 47.07 ? 47  LYS A CD  1 
ATOM   375 N N   . GLN A 1 48 ? 4.871   2.699   -16.058 1.00 38.30 ? 48  GLN A N   1 
ATOM   376 C CA  . GLN A 1 48 ? 4.488   2.987   -14.694 1.00 37.59 ? 48  GLN A CA  1 
ATOM   377 C C   . GLN A 1 48 ? 3.336   2.100   -14.347 1.00 34.13 ? 48  GLN A C   1 
ATOM   378 O O   . GLN A 1 48 ? 2.445   1.929   -15.129 1.00 36.09 ? 48  GLN A O   1 
ATOM   379 C CB  . GLN A 1 48 ? 4.090   4.462   -14.549 1.00 39.12 ? 48  GLN A CB  1 
ATOM   380 C CG  . GLN A 1 48 ? 4.179   4.999   -13.110 1.00 43.42 ? 48  GLN A CG  1 
ATOM   381 C CD  . GLN A 1 48 ? 5.596   5.055   -12.540 1.00 47.14 ? 48  GLN A CD  1 
ATOM   382 O OE1 . GLN A 1 48 ? 5.806   4.941   -11.316 1.00 52.03 ? 48  GLN A OE1 1 
ATOM   383 N NE2 . GLN A 1 48 ? 6.580   5.222   -13.421 1.00 50.89 ? 48  GLN A NE2 1 
ATOM   384 N N   . ARG A 1 49 ? 3.331   1.534   -13.140 1.00 30.38 ? 49  ARG A N   1 
ATOM   385 C CA  . ARG A 1 49 ? 2.344   0.524   -12.725 1.00 28.96 ? 49  ARG A CA  1 
ATOM   386 C C   . ARG A 1 49 ? 1.931   0.860   -11.299 1.00 26.15 ? 49  ARG A C   1 
ATOM   387 O O   . ARG A 1 49 ? 2.548   1.673   -10.653 1.00 24.66 ? 49  ARG A O   1 
ATOM   388 C CB  . ARG A 1 49 ? 2.923   -0.881  -12.738 1.00 29.16 ? 49  ARG A CB  1 
ATOM   389 C CG  . ARG A 1 49 ? 3.717   -1.178  -14.021 1.00 34.64 ? 49  ARG A CG  1 
ATOM   390 C CD  . ARG A 1 49 ? 3.224   -2.388  -14.632 1.00 37.96 ? 49  ARG A CD  1 
ATOM   391 N NE  . ARG A 1 49 ? 4.107   -2.630  -15.772 1.00 43.55 ? 49  ARG A NE  1 
ATOM   392 N N   . LEU A 1 50 ? 0.844   0.246   -10.891 1.00 25.53 ? 50  LEU A N   1 
ATOM   393 C CA  . LEU A 1 50 ? 0.282   0.425   -9.573  1.00 25.19 ? 50  LEU A CA  1 
ATOM   394 C C   . LEU A 1 50 ? 0.066   -0.943  -9.033  1.00 24.39 ? 50  LEU A C   1 
ATOM   395 O O   . LEU A 1 50 ? -0.433  -1.827  -9.715  1.00 27.11 ? 50  LEU A O   1 
ATOM   396 C CB  . LEU A 1 50 ? -1.075  1.087   -9.659  1.00 27.28 ? 50  LEU A CB  1 
ATOM   397 C CG  . LEU A 1 50 ? -1.582  1.906   -8.568  1.00 31.52 ? 50  LEU A CG  1 
ATOM   398 C CD1 . LEU A 1 50 ? -0.572  2.847   -8.037  1.00 32.94 ? 50  LEU A CD1 1 
ATOM   399 C CD2 . LEU A 1 50 ? -2.745  2.716   -9.231  1.00 36.39 ? 50  LEU A CD2 1 
ATOM   400 N N   . LEU A 1 51 ? 0.507   -1.123  -7.807  1.00 20.56 ? 51  LEU A N   1 
ATOM   401 C CA  . LEU A 1 51 ? 0.435   -2.393  -7.038  1.00 21.68 ? 51  LEU A CA  1 
ATOM   402 C C   . LEU A 1 51 ? -0.500  -2.214  -5.845  1.00 19.98 ? 51  LEU A C   1 
ATOM   403 O O   . LEU A 1 51 ? -0.295  -1.328  -5.006  1.00 20.48 ? 51  LEU A O   1 
ATOM   404 C CB  . LEU A 1 51 ? 1.835   -2.723  -6.480  1.00 21.96 ? 51  LEU A CB  1 
ATOM   405 C CG  . LEU A 1 51 ? 2.095   -4.079  -5.925  1.00 25.88 ? 51  LEU A CG  1 
ATOM   406 C CD1 . LEU A 1 51 ? 1.968   -5.106  -7.081  1.00 29.67 ? 51  LEU A CD1 1 
ATOM   407 C CD2 . LEU A 1 51 ? 3.477   -4.213  -5.310  1.00 26.70 ? 51  LEU A CD2 1 
ATOM   408 N N   . ALA A 1 52 ? -1.458  -3.113  -5.708  1.00 19.25 ? 52  ALA A N   1 
ATOM   409 C CA  . ALA A 1 52 ? -2.237  -3.182  -4.494  1.00 18.40 ? 52  ALA A CA  1 
ATOM   410 C C   . ALA A 1 52 ? -1.471  -3.876  -3.358  1.00 18.12 ? 52  ALA A C   1 
ATOM   411 O O   . ALA A 1 52 ? -0.963  -5.004  -3.524  1.00 21.74 ? 52  ALA A O   1 
ATOM   412 C CB  . ALA A 1 52 ? -3.494  -3.990  -4.785  1.00 19.77 ? 52  ALA A CB  1 
ATOM   413 N N   . LEU A 1 53 ? -1.335  -3.204  -2.229  1.00 16.42 ? 53  LEU A N   1 
ATOM   414 C CA  . LEU A 1 53 ? -0.661  -3.734  -1.073  1.00 16.76 ? 53  LEU A CA  1 
ATOM   415 C C   . LEU A 1 53 ? -1.617  -4.206  0.010   1.00 18.97 ? 53  LEU A C   1 
ATOM   416 O O   . LEU A 1 53 ? -1.189  -4.820  0.967   1.00 23.35 ? 53  LEU A O   1 
ATOM   417 C CB  . LEU A 1 53 ? 0.317   -2.747  -0.466  1.00 17.50 ? 53  LEU A CB  1 
ATOM   418 C CG  . LEU A 1 53 ? 1.441   -2.245  -1.346  1.00 18.33 ? 53  LEU A CG  1 
ATOM   419 C CD1 . LEU A 1 53 ? 2.215   -1.148  -0.604  1.00 20.15 ? 53  LEU A CD1 1 
ATOM   420 C CD2 . LEU A 1 53 ? 2.322   -3.358  -1.718  1.00 21.64 ? 53  LEU A CD2 1 
ATOM   421 N N   . GLY A 1 54 ? -2.885  -3.958  -0.106  1.00 18.05 ? 54  GLY A N   1 
ATOM   422 C CA  . GLY A 1 54 ? -3.816  -4.370  0.923   1.00 18.83 ? 54  GLY A CA  1 
ATOM   423 C C   . GLY A 1 54 ? -4.809  -3.286  1.293   1.00 18.97 ? 54  GLY A C   1 
ATOM   424 O O   . GLY A 1 54 ? -4.816  -2.209  0.709   1.00 18.63 ? 54  GLY A O   1 
ATOM   425 N N   . VAL A 1 55 ? -5.632  -3.632  2.275   1.00 16.45 ? 55  VAL A N   1 
ATOM   426 C CA  . VAL A 1 55 ? -6.779  -2.819  2.695   1.00 16.89 ? 55  VAL A CA  1 
ATOM   427 C C   . VAL A 1 55 ? -6.618  -2.448  4.158   1.00 17.22 ? 55  VAL A C   1 
ATOM   428 O O   . VAL A 1 55 ? -6.483  -3.323  4.973   1.00 18.47 ? 55  VAL A O   1 
ATOM   429 C CB  . VAL A 1 55 ? -8.107  -3.598  2.447   1.00 18.48 ? 55  VAL A CB  1 
ATOM   430 C CG1 . VAL A 1 55 ? -9.277  -2.882  3.035   1.00 20.31 ? 55  VAL A CG1 1 
ATOM   431 C CG2 . VAL A 1 55 ? -8.273  -3.795  0.943   1.00 21.21 ? 55  VAL A CG2 1 
ATOM   432 N N   . TYR A 1 56 ? -6.761  -1.168  4.496   1.00 17.82 ? 56  TYR A N   1 
ATOM   433 C CA  . TYR A 1 56 ? -6.803  -0.751  5.893   1.00 18.51 ? 56  TYR A CA  1 
ATOM   434 C C   . TYR A 1 56 ? -8.243  -0.958  6.433   1.00 19.05 ? 56  TYR A C   1 
ATOM   435 O O   . TYR A 1 56 ? -9.195  -0.633  5.744   1.00 21.97 ? 56  TYR A O   1 
ATOM   436 C CB  . TYR A 1 56 ? -6.441  0.748   5.948   1.00 18.38 ? 56  TYR A CB  1 
ATOM   437 C CG  . TYR A 1 56 ? -6.489  1.362   7.322   1.00 18.63 ? 56  TYR A CG  1 
ATOM   438 C CD1 . TYR A 1 56 ? -5.434  1.295   8.197   1.00 20.31 ? 56  TYR A CD1 1 
ATOM   439 C CD2 . TYR A 1 56 ? -7.645  1.986   7.763   1.00 19.93 ? 56  TYR A CD2 1 
ATOM   440 C CE1 . TYR A 1 56 ? -5.516  1.822   9.488   1.00 21.11 ? 56  TYR A CE1 1 
ATOM   441 C CE2 . TYR A 1 56 ? -7.692  2.551   9.002   1.00 19.61 ? 56  TYR A CE2 1 
ATOM   442 C CZ  . TYR A 1 56 ? -6.653  2.463   9.852   1.00 20.21 ? 56  TYR A CZ  1 
ATOM   443 O OH  . TYR A 1 56 ? -6.743  3.059   11.089  1.00 23.84 ? 56  TYR A OH  1 
ATOM   444 N N   . PRO A 1 57 ? -8.396  -1.433  7.650   1.00 20.91 ? 57  PRO A N   1 
ATOM   445 C CA  . PRO A 1 57 ? -7.456  -1.656  8.723   1.00 20.64 ? 57  PRO A CA  1 
ATOM   446 C C   . PRO A 1 57 ? -6.912  -3.090  8.794   1.00 21.23 ? 57  PRO A C   1 
ATOM   447 O O   . PRO A 1 57 ? -6.180  -3.376  9.679   1.00 24.17 ? 57  PRO A O   1 
ATOM   448 C CB  . PRO A 1 57 ? -8.319  -1.344  9.978   1.00 22.60 ? 57  PRO A CB  1 
ATOM   449 C CG  . PRO A 1 57 ? -9.623  -1.807  9.529   1.00 22.08 ? 57  PRO A CG  1 
ATOM   450 C CD  . PRO A 1 57 ? -9.791  -1.433  8.128   1.00 23.37 ? 57  PRO A CD  1 
ATOM   451 N N   . ALA A 1 58 ? -7.244  -3.955  7.828   1.00 19.72 ? 58  ALA A N   1 
ATOM   452 C CA  . ALA A 1 58 ? -6.658  -5.320  7.770   1.00 20.09 ? 58  ALA A CA  1 
ATOM   453 C C   . ALA A 1 58 ? -5.139  -5.234  7.725   1.00 20.74 ? 58  ALA A C   1 
ATOM   454 O O   . ALA A 1 58 ? -4.419  -6.025  8.379   1.00 23.98 ? 58  ALA A O   1 
ATOM   455 C CB  . ALA A 1 58 ? -7.237  -6.064  6.624   1.00 21.06 ? 58  ALA A CB  1 
ATOM   456 N N   . VAL A 1 59 ? -4.665  -4.235  6.998   1.00 18.56 ? 59  VAL A N   1 
ATOM   457 C CA  . VAL A 1 59 ? -3.257  -3.926  6.829   1.00 18.31 ? 59  VAL A CA  1 
ATOM   458 C C   . VAL A 1 59 ? -3.030  -2.524  7.431   1.00 18.47 ? 59  VAL A C   1 
ATOM   459 O O   . VAL A 1 59 ? -3.562  -1.531  6.978   1.00 19.49 ? 59  VAL A O   1 
ATOM   460 C CB  . VAL A 1 59 ? -2.929  -3.958  5.319   1.00 18.68 ? 59  VAL A CB  1 
ATOM   461 C CG1 . VAL A 1 59 ? -1.476  -3.547  5.077   1.00 20.44 ? 59  VAL A CG1 1 
ATOM   462 C CG2 . VAL A 1 59 ? -3.254  -5.350  4.708   1.00 20.70 ? 59  VAL A CG2 1 
ATOM   463 N N   . SER A 1 60 ? -2.200  -2.460  8.440   1.00 18.71 ? 60  SER A N   1 
ATOM   464 C CA  . SER A 1 60 ? -1.870  -1.194  9.092   1.00 18.72 ? 60  SER A CA  1 
ATOM   465 C C   . SER A 1 60 ? -0.853  -0.386  8.300   1.00 17.43 ? 60  SER A C   1 
ATOM   466 O O   . SER A 1 60 ? -0.294  -0.882  7.331   1.00 17.97 ? 60  SER A O   1 
ATOM   467 C CB  . SER A 1 60 ? -1.254  -1.402  10.442  1.00 22.59 ? 60  SER A CB  1 
ATOM   468 O OG  . SER A 1 60 ? 0.020   -2.012  10.406  1.00 21.97 ? 60  SER A OG  1 
ATOM   469 N N   . LEU A 1 61 ? -0.612  0.827   8.697   1.00 19.02 ? 61  LEU A N   1 
ATOM   470 C CA  . LEU A 1 61 ? 0.426   1.622   8.073   1.00 19.31 ? 61  LEU A CA  1 
ATOM   471 C C   . LEU A 1 61 ? 1.808   0.956   8.165   1.00 19.92 ? 61  LEU A C   1 
ATOM   472 O O   . LEU A 1 61 ? 2.523   0.859   7.161   1.00 20.12 ? 61  LEU A O   1 
ATOM   473 C CB  . LEU A 1 61 ? 0.446   3.014   8.762   1.00 20.15 ? 61  LEU A CB  1 
ATOM   474 C CG  . LEU A 1 61 ? 1.595   3.951   8.350   1.00 21.34 ? 61  LEU A CG  1 
ATOM   475 C CD1 . LEU A 1 61 ? 1.665   4.264   6.864   1.00 20.95 ? 61  LEU A CD1 1 
ATOM   476 C CD2 . LEU A 1 61 ? 1.543   5.280   9.116   1.00 23.63 ? 61  LEU A CD2 1 
ATOM   477 N N   . ALA A 1 62 ? 2.133   0.432   9.328   1.00 21.48 ? 62  ALA A N   1 
ATOM   478 C CA  . ALA A 1 62 ? 3.378   -0.332  9.471   1.00 20.98 ? 62  ALA A CA  1 
ATOM   479 C C   . ALA A 1 62 ? 3.427   -1.543  8.557   1.00 21.13 ? 62  ALA A C   1 
ATOM   480 O O   . ALA A 1 62 ? 4.476   -1.852  7.931   1.00 21.63 ? 62  ALA A O   1 
ATOM   481 C CB  . ALA A 1 62 ? 3.609   -0.716  10.892  1.00 24.24 ? 62  ALA A CB  1 
ATOM   482 N N   . ASP A 1 63 ? 2.334   -2.294  8.498   1.00 20.01 ? 63  ASP A N   1 
ATOM   483 C CA  . ASP A 1 63 ? 2.244   -3.422  7.616   1.00 20.37 ? 63  ASP A CA  1 
ATOM   484 C C   . ASP A 1 63 ? 2.419   -3.013  6.123   1.00 17.62 ? 63  ASP A C   1 
ATOM   485 O O   . ASP A 1 63 ? 3.114   -3.667  5.343   1.00 18.23 ? 63  ASP A O   1 
ATOM   486 C CB  . ASP A 1 63 ? 0.894   -4.102  7.726   1.00 21.23 ? 63  ASP A CB  1 
ATOM   487 C CG  . ASP A 1 63 ? 0.578   -4.747  9.055   1.00 26.60 ? 63  ASP A CG  1 
ATOM   488 O OD1 . ASP A 1 63 ? 1.488   -5.336  9.692   1.00 28.45 ? 63  ASP A OD1 1 
ATOM   489 O OD2 . ASP A 1 63 ? -0.688  -4.761  9.373   1.00 25.93 ? 63  ASP A OD2 1 
ATOM   490 N N   . ALA A 1 64 ? 1.822   -1.906  5.739   1.00 17.38 ? 64  ALA A N   1 
ATOM   491 C CA  . ALA A 1 64 ? 1.894   -1.410  4.396   1.00 16.40 ? 64  ALA A CA  1 
ATOM   492 C C   . ALA A 1 64 ? 3.333   -1.017  4.023   1.00 16.61 ? 64  ALA A C   1 
ATOM   493 O O   . ALA A 1 64 ? 3.796   -1.343  2.950   1.00 16.54 ? 64  ALA A O   1 
ATOM   494 C CB  . ALA A 1 64 ? 0.972   -0.249  4.186   1.00 17.07 ? 64  ALA A CB  1 
ATOM   495 N N   . ARG A 1 65 ? 4.029   -0.372  4.940   1.00 17.08 ? 65  ARG A N   1 
ATOM   496 C CA  . ARG A 1 65 ? 5.458   -0.029  4.740   1.00 17.81 ? 65  ARG A CA  1 
ATOM   497 C C   . ARG A 1 65 ? 6.276   -1.301  4.608   1.00 16.80 ? 65  ARG A C   1 
ATOM   498 O O   . ARG A 1 65 ? 7.203   -1.331  3.774   1.00 18.27 ? 65  ARG A O   1 
ATOM   499 C CB  . ARG A 1 65 ? 5.969   0.911   5.833   1.00 18.23 ? 65  ARG A CB  1 
ATOM   500 C CG  . ARG A 1 65 ? 5.353   2.256   5.825   1.00 19.78 ? 65  ARG A CG  1 
ATOM   501 C CD  . ARG A 1 65 ? 5.751   3.103   6.984   1.00 21.77 ? 65  ARG A CD  1 
ATOM   502 N NE  . ARG A 1 65 ? 5.284   4.459   6.845   1.00 22.58 ? 65  ARG A NE  1 
ATOM   503 C CZ  . ARG A 1 65 ? 5.115   5.295   7.856   1.00 25.37 ? 65  ARG A CZ  1 
ATOM   504 N NH1 . ARG A 1 65 ? 5.330   4.899   9.090   1.00 28.96 ? 65  ARG A NH1 1 
ATOM   505 N NH2 . ARG A 1 65 ? 4.690   6.497   7.602   1.00 27.29 ? 65  ARG A NH2 1 
ATOM   506 N N   . GLN A 1 66 ? 5.951   -2.357  5.358   1.00 18.78 ? 66  GLN A N   1 
ATOM   507 C CA  . GLN A 1 66 ? 6.674   -3.630  5.223   1.00 18.42 ? 66  GLN A CA  1 
ATOM   508 C C   . GLN A 1 66 ? 6.456   -4.245  3.868   1.00 17.57 ? 66  GLN A C   1 
ATOM   509 O O   . GLN A 1 66 ? 7.402   -4.765  3.220   1.00 18.70 ? 66  GLN A O   1 
ATOM   510 C CB  . GLN A 1 66 ? 6.209   -4.587  6.353   1.00 20.84 ? 66  GLN A CB  1 
ATOM   511 C CG  . GLN A 1 66 ? 6.736   -5.971  6.249   1.00 25.29 ? 66  GLN A CG  1 
ATOM   512 C CD  . GLN A 1 66 ? 8.204   -6.042  6.359   1.00 35.37 ? 66  GLN A CD  1 
ATOM   513 O OE1 . GLN A 1 66 ? 8.810   -7.010  5.852   1.00 46.02 ? 66  GLN A OE1 1 
ATOM   514 N NE2 . GLN A 1 66 ? 8.824   -5.046  6.992   1.00 38.43 ? 66  GLN A NE2 1 
ATOM   515 N N   . ARG A 1 67 ? 5.216   -4.186  3.390   1.00 16.07 ? 67  ARG A N   1 
ATOM   516 C CA  . ARG A 1 67 ? 4.873   -4.735  2.065   1.00 15.83 ? 67  ARG A CA  1 
ATOM   517 C C   . ARG A 1 67 ? 5.502   -3.910  0.947   1.00 16.18 ? 67  ARG A C   1 
ATOM   518 O O   . ARG A 1 67 ? 5.966   -4.442  -0.045  1.00 17.23 ? 67  ARG A O   1 
ATOM   519 C CB  . ARG A 1 67 ? 3.357   -4.833  1.850   1.00 16.81 ? 67  ARG A CB  1 
ATOM   520 C CG  . ARG A 1 67 ? 2.700   -5.889  2.809   1.00 17.96 ? 67  ARG A CG  1 
ATOM   521 C CD  . ARG A 1 67 ? 1.247   -5.968  2.587   1.00 18.38 ? 67  ARG A CD  1 
ATOM   522 N NE  . ARG A 1 67 ? 0.734   -6.976  3.554   1.00 20.84 ? 67  ARG A NE  1 
ATOM   523 C CZ  . ARG A 1 67 ? -0.434  -7.584  3.433   1.00 18.51 ? 67  ARG A CZ  1 
ATOM   524 N NH1 . ARG A 1 67 ? -1.247  -7.246  2.432   1.00 18.34 ? 67  ARG A NH1 1 
ATOM   525 N NH2 . ARG A 1 67 ? -0.796  -8.536  4.300   1.00 21.32 ? 67  ARG A NH2 1 
ATOM   526 N N   . ARG A 1 68 ? 5.567   -2.598  1.155   1.00 15.65 ? 68  ARG A N   1 
ATOM   527 C CA  . ARG A 1 68 ? 6.313   -1.711  0.218   1.00 16.65 ? 68  ARG A CA  1 
ATOM   528 C C   . ARG A 1 68 ? 7.767   -2.170  0.145   1.00 16.48 ? 68  ARG A C   1 
ATOM   529 O O   . ARG A 1 68 ? 8.334   -2.295  -0.910  1.00 17.18 ? 68  ARG A O   1 
ATOM   530 C CB  . ARG A 1 68 ? 6.240   -0.264  0.765   1.00 17.08 ? 68  ARG A CB  1 
ATOM   531 C CG  . ARG A 1 68 ? 7.127   0.736   0.061   1.00 19.13 ? 68  ARG A CG  1 
ATOM   532 C CD  . ARG A 1 68 ? 7.456   1.863   1.015   1.00 20.59 ? 68  ARG A CD  1 
ATOM   533 N NE  . ARG A 1 68 ? 8.363   1.485   2.074   1.00 24.32 ? 68  ARG A NE  1 
ATOM   534 C CZ  . ARG A 1 68 ? 8.695   2.243   3.129   1.00 25.26 ? 68  ARG A CZ  1 
ATOM   535 N NH1 . ARG A 1 68 ? 8.105   3.393   3.349   1.00 26.24 ? 68  ARG A NH1 1 
ATOM   536 N NH2 . ARG A 1 68 ? 9.573   1.798   4.003   1.00 28.32 ? 68  ARG A NH2 1 
ATOM   537 N N   . ASP A 1 69 ? 8.366   -2.383  1.303   1.00 17.06 ? 69  ASP A N   1 
ATOM   538 C CA  . ASP A 1 69 ? 9.757   -2.800  1.367   1.00 17.97 ? 69  ASP A CA  1 
ATOM   539 C C   . ASP A 1 69 ? 9.948   -4.112  0.579   1.00 16.05 ? 69  ASP A C   1 
ATOM   540 O O   . ASP A 1 69 ? 10.911  -4.292  -0.165  1.00 17.98 ? 69  ASP A O   1 
ATOM   541 C CB  . ASP A 1 69 ? 10.228  -2.926  2.823   1.00 19.10 ? 69  ASP A CB  1 
ATOM   542 C CG  . ASP A 1 69 ? 10.414  -1.623  3.483   1.00 22.96 ? 69  ASP A CG  1 
ATOM   543 O OD1 . ASP A 1 69 ? 10.529  -1.610  4.732   1.00 26.46 ? 69  ASP A OD1 1 
ATOM   544 O OD2 . ASP A 1 69 ? 10.433  -0.589  2.777   1.00 25.25 ? 69  ASP A OD2 1 
ATOM   545 N N   . GLU A 1 70 ? 9.080   -5.085  0.819   1.00 17.28 ? 70  GLU A N   1 
ATOM   546 C CA  . GLU A 1 70 ? 9.157   -6.355  0.117   1.00 18.11 ? 70  GLU A CA  1 
ATOM   547 C C   . GLU A 1 70 ? 9.020   -6.214  -1.394  1.00 17.41 ? 70  GLU A C   1 
ATOM   548 O O   . GLU A 1 70 ? 9.732   -6.853  -2.151  1.00 18.28 ? 70  GLU A O   1 
ATOM   549 C CB  . GLU A 1 70 ? 8.203   -7.347  0.700   1.00 19.45 ? 70  GLU A CB  1 
ATOM   550 C CG  . GLU A 1 70 ? 8.552   -7.716  2.106   1.00 23.09 ? 70  GLU A CG  1 
ATOM   551 C CD  . GLU A 1 70 ? 9.935   -8.337  2.275   1.00 30.31 ? 70  GLU A CD  1 
ATOM   552 O OE1 . GLU A 1 70 ? 10.674  -7.928  3.186   1.00 35.35 ? 70  GLU A OE1 1 
ATOM   553 O OE2 . GLU A 1 70 ? 10.311  -9.202  1.457   1.00 37.85 ? 70  GLU A OE2 1 
ATOM   554 N N   . ALA A 1 71 ? 8.163   -5.315  -1.838  1.00 15.56 ? 71  ALA A N   1 
ATOM   555 C CA  . ALA A 1 71 ? 8.009   -5.043  -3.242  1.00 15.54 ? 71  ALA A CA  1 
ATOM   556 C C   . ALA A 1 71 ? 9.256   -4.400  -3.809  1.00 15.03 ? 71  ALA A C   1 
ATOM   557 O O   . ALA A 1 71 ? 9.665   -4.747  -4.937  1.00 15.42 ? 71  ALA A O   1 
ATOM   558 C CB  . ALA A 1 71 ? 6.814   -4.166  -3.472  1.00 14.63 ? 71  ALA A CB  1 
ATOM   559 N N   . LYS A 1 72 ? 9.871   -3.502  -3.062  1.00 16.05 ? 72  LYS A N   1 
ATOM   560 C CA  . LYS A 1 72 ? 11.117  -2.842  -3.538  1.00 16.41 ? 72  LYS A CA  1 
ATOM   561 C C   . LYS A 1 72 ? 12.240  -3.892  -3.657  1.00 14.68 ? 72  LYS A C   1 
ATOM   562 O O   . LYS A 1 72 ? 13.109  -3.825  -4.552  1.00 15.70 ? 72  LYS A O   1 
ATOM   563 C CB  . LYS A 1 72 ? 11.554  -1.739  -2.615  1.00 17.75 ? 72  LYS A CB  1 
ATOM   564 C CG  . LYS A 1 72 ? 10.590  -0.632  -2.502  1.00 23.36 ? 72  LYS A CG  1 
ATOM   565 C CD  . LYS A 1 72 ? 10.696  0.367   -3.340  1.00 24.92 ? 72  LYS A CD  1 
ATOM   566 C CE  . LYS A 1 72 ? 9.768   1.566   -2.948  1.00 25.11 ? 72  LYS A CE  1 
ATOM   567 N NZ  . LYS A 1 72 ? 9.818   2.549   -4.071  1.00 28.59 ? 72  LYS A NZ  1 
ATOM   568 N N   . LYS A 1 73 ? 12.265  -4.856  -2.722  1.00 15.10 ? 73  LYS A N   1 
ATOM   569 C CA  . LYS A 1 73 ? 13.259  -5.946  -2.814  1.00 15.83 ? 73  LYS A CA  1 
ATOM   570 C C   . LYS A 1 73 ? 13.032  -6.776  -4.082  1.00 16.45 ? 73  LYS A C   1 
ATOM   571 O O   . LYS A 1 73 ? 13.982  -7.154  -4.777  1.00 17.15 ? 73  LYS A O   1 
ATOM   572 C CB  . LYS A 1 73 ? 13.254  -6.822  -1.579  1.00 17.29 ? 73  LYS A CB  1 
ATOM   573 C CG  . LYS A 1 73 ? 13.739  -6.108  -0.347  1.00 18.95 ? 73  LYS A CG  1 
ATOM   574 C CD  . LYS A 1 73 ? 13.683  -7.139  0.848   1.00 26.09 ? 73  LYS A CD  1 
ATOM   575 C CE  . LYS A 1 73 ? 13.520  -6.630  2.146   1.00 34.27 ? 73  LYS A CE  1 
ATOM   576 N NZ  . LYS A 1 73 ? 13.372  -7.995  2.888   1.00 33.27 ? 73  LYS A NZ  1 
ATOM   577 N N   . LEU A 1 74 ? 11.774  -7.109  -4.386  1.00 15.61 ? 74  LEU A N   1 
ATOM   578 C CA  . LEU A 1 74 ? 11.511  -7.852  -5.613  1.00 17.78 ? 74  LEU A CA  1 
ATOM   579 C C   . LEU A 1 74 ? 11.948  -7.059  -6.840  1.00 16.68 ? 74  LEU A C   1 
ATOM   580 O O   . LEU A 1 74 ? 12.596  -7.596  -7.707  1.00 18.07 ? 74  LEU A O   1 
ATOM   581 C CB  . LEU A 1 74 ? 10.018  -8.255  -5.761  1.00 18.23 ? 74  LEU A CB  1 
ATOM   582 C CG  . LEU A 1 74 ? 9.534   -9.310  -4.796  1.00 19.45 ? 74  LEU A CG  1 
ATOM   583 C CD1 . LEU A 1 74 ? 8.061   -9.526  -4.942  1.00 23.66 ? 74  LEU A CD1 1 
ATOM   584 C CD2 . LEU A 1 74 ? 10.242  -10.615 -5.001  1.00 22.01 ? 74  LEU A CD2 1 
ATOM   585 N N   . LEU A 1 75 ? 11.585  -5.796  -6.924  1.00 15.77 ? 75  LEU A N   1 
ATOM   586 C CA  . LEU A 1 75 ? 12.000  -4.937  -7.988  1.00 16.51 ? 75  LEU A CA  1 
ATOM   587 C C   . LEU A 1 75 ? 13.510  -4.963  -8.163  1.00 17.47 ? 75  LEU A C   1 
ATOM   588 O O   . LEU A 1 75 ? 14.031  -5.009  -9.317  1.00 19.10 ? 75  LEU A O   1 
ATOM   589 C CB  . LEU A 1 75 ? 11.482  -3.526  -7.806  1.00 16.69 ? 75  LEU A CB  1 
ATOM   590 C CG  . LEU A 1 75 ? 9.982   -3.367  -8.075  1.00 19.19 ? 75  LEU A CG  1 
ATOM   591 C CD1 . LEU A 1 75 ? 9.443   -2.077  -7.427  1.00 20.23 ? 75  LEU A CD1 1 
ATOM   592 C CD2 . LEU A 1 75 ? 9.658   -3.355  -9.564  1.00 20.69 ? 75  LEU A CD2 1 
ATOM   593 N N   . ALA A 1 76 ? 14.218  -4.830  -7.040  1.00 16.49 ? 76  ALA A N   1 
ATOM   594 C CA  . ALA A 1 76 ? 15.681  -4.880  -7.088  1.00 17.92 ? 76  ALA A CA  1 
ATOM   595 C C   . ALA A 1 76 ? 16.261  -6.198  -7.612  1.00 17.96 ? 76  ALA A C   1 
ATOM   596 O O   . ALA A 1 76 ? 17.363  -6.168  -8.161  1.00 20.76 ? 76  ALA A O   1 
ATOM   597 C CB  . ALA A 1 76 ? 16.282  -4.522  -5.758  1.00 17.74 ? 76  ALA A CB  1 
ATOM   598 N N   . ALA A 1 77 ? 15.541  -7.297  -7.466  1.00 18.35 ? 77  ALA A N   1 
ATOM   599 C CA  . ALA A 1 77 ? 15.980  -8.599  -7.945  1.00 21.51 ? 77  ALA A CA  1 
ATOM   600 C C   . ALA A 1 77 ? 15.428  -8.852  -9.306  1.00 22.95 ? 77  ALA A C   1 
ATOM   601 O O   . ALA A 1 77 ? 15.687  -9.943  -9.889  1.00 26.11 ? 77  ALA A O   1 
ATOM   602 C CB  . ALA A 1 77 ? 15.314  -9.590  -7.029  1.00 23.23 ? 77  ALA A CB  1 
ATOM   603 N N   . GLY A 1 78 ? 14.787  -7.847  -9.920  1.00 22.17 ? 78  GLY A N   1 
ATOM   604 C CA  . GLY A 1 78 ? 14.355  -7.908  -11.293 1.00 23.44 ? 78  GLY A CA  1 
ATOM   605 C C   . GLY A 1 78 ? 13.022  -8.675  -11.409 1.00 22.18 ? 78  GLY A C   1 
ATOM   606 O O   . GLY A 1 78 ? 12.647  -9.240  -12.549 1.00 26.29 ? 78  GLY A O   1 
ATOM   607 N N   . ILE A 1 79 ? 12.245  -8.753  -10.312 1.00 21.65 ? 79  ILE A N   1 
ATOM   608 C CA  . ILE A 1 79 ? 11.020  -9.512  -10.296 1.00 21.47 ? 79  ILE A CA  1 
ATOM   609 C C   . ILE A 1 79 ? 9.839   -8.550  -10.232 1.00 22.08 ? 79  ILE A C   1 
ATOM   610 O O   . ILE A 1 79 ? 9.794   -7.674  -9.347  1.00 23.92 ? 79  ILE A O   1 
ATOM   611 C CB  . ILE A 1 79 ? 10.974  -10.451 -9.120  1.00 20.96 ? 79  ILE A CB  1 
ATOM   612 C CG1 . ILE A 1 79 ? 12.110  -11.442 -9.277  1.00 24.13 ? 79  ILE A CG1 1 
ATOM   613 C CG2 . ILE A 1 79 ? 9.616   -11.101 -8.998  1.00 22.30 ? 79  ILE A CG2 1 
ATOM   614 C CD1 . ILE A 1 79 ? 12.366  -12.301 -8.134  1.00 24.65 ? 79  ILE A CD1 1 
ATOM   615 N N   . ASP A 1 80 ? 8.889   -8.716  -11.148 1.00 22.41 ? 80  ASP A N   1 
ATOM   616 C CA  . ASP A 1 80 ? 7.682   -7.866  -11.099 1.00 22.59 ? 80  ASP A CA  1 
ATOM   617 C C   . ASP A 1 80 ? 6.925   -8.129  -9.792  1.00 21.41 ? 80  ASP A C   1 
ATOM   618 O O   . ASP A 1 80 ? 6.526   -9.256  -9.492  1.00 22.99 ? 80  ASP A O   1 
ATOM   619 C CB  . ASP A 1 80 ? 6.746   -8.261  -12.243 1.00 25.81 ? 80  ASP A CB  1 
ATOM   620 C CG  . ASP A 1 80 ? 5.630   -7.210  -12.467 1.00 31.09 ? 80  ASP A CG  1 
ATOM   621 O OD1 . ASP A 1 80 ? 5.320   -6.495  -11.487 1.00 34.26 ? 80  ASP A OD1 1 
ATOM   622 O OD2 . ASP A 1 80 ? 5.123   -7.066  -13.627 1.00 36.52 ? 80  ASP A OD2 1 
ATOM   623 N N   . PRO A 1 81 ? 6.783   -7.111  -8.930  1.00 20.67 ? 81  PRO A N   1 
ATOM   624 C CA  . PRO A 1 81 ? 6.199   -7.344  -7.655  1.00 20.50 ? 81  PRO A CA  1 
ATOM   625 C C   . PRO A 1 81 ? 4.715   -7.684  -7.728  1.00 19.94 ? 81  PRO A C   1 
ATOM   626 O O   . PRO A 1 81 ? 4.171   -8.196  -6.772  1.00 21.41 ? 81  PRO A O   1 
ATOM   627 C CB  . PRO A 1 81 ? 6.479   -6.045  -6.895  1.00 20.57 ? 81  PRO A CB  1 
ATOM   628 C CG  . PRO A 1 81 ? 6.528   -5.057  -7.929  1.00 21.57 ? 81  PRO A CG  1 
ATOM   629 C CD  . PRO A 1 81 ? 7.213   -5.725  -9.082  1.00 21.91 ? 81  PRO A CD  1 
ATOM   630 N N   . SER A 1 82 ? 4.083   -7.467  -8.875  1.00 20.70 ? 82  SER A N   1 
ATOM   631 C CA  . SER A 1 82 ? 2.670   -7.907  -9.048  1.00 23.12 ? 82  SER A CA  1 
ATOM   632 C C   . SER A 1 82 ? 2.513   -9.423  -9.071  1.00 23.75 ? 82  SER A C   1 
ATOM   633 O O   . SER A 1 82 ? 1.395   -9.921  -8.931  1.00 24.22 ? 82  SER A O   1 
ATOM   634 C CB  . SER A 1 82 ? 2.054   -7.299  -10.264 1.00 26.23 ? 82  SER A CB  1 
ATOM   635 O OG  . SER A 1 82 ? 2.592   -7.803  -11.445 1.00 30.91 ? 82  SER A OG  1 
ATOM   636 N N   . ALA A 1 83 ? 3.629   -10.140 -9.130  1.00 22.00 ? 83  ALA A N   1 
ATOM   637 C CA  . ALA A 1 83 ? 3.553   -11.616 -9.178  1.00 22.09 ? 83  ALA A CA  1 
ATOM   638 C C   . ALA A 1 83 ? 3.426   -12.183 -7.801  1.00 21.04 ? 83  ALA A C   1 
ATOM   639 O O   . ALA A 1 83 ? 3.066   -13.317 -7.637  1.00 23.91 ? 83  ALA A O   1 
ATOM   640 C CB  . ALA A 1 83 ? 4.786   -12.202 -9.842  1.00 22.38 ? 83  ALA A CB  1 
ATOM   641 N N   . LYS A 1 84 ? 3.581   -11.342 -6.789  1.00 21.17 ? 84  LYS A N   1 
ATOM   642 C CA  . LYS A 1 84 ? 3.562   -11.774 -5.397  1.00 22.03 ? 84  LYS A CA  1 
ATOM   643 C C   . LYS A 1 84 ? 2.133   -11.812 -4.816  1.00 23.49 ? 84  LYS A C   1 
ATOM   644 O O   . LYS A 1 84 ? 1.337   -10.852 -5.029  1.00 24.93 ? 84  LYS A O   1 
ATOM   645 C CB  . LYS A 1 84 ? 4.389   -10.779 -4.555  1.00 23.04 ? 84  LYS A CB  1 
ATOM   646 C CG  . LYS A 1 84 ? 4.368   -11.028 -3.067  1.00 25.15 ? 84  LYS A CG  1 
ATOM   647 C CD  . LYS A 1 84 ? 5.040   -12.231 -2.694  1.00 29.23 ? 84  LYS A CD  1 
ATOM   648 C CE  . LYS A 1 84 ? 5.183   -12.259 -1.165  1.00 34.96 ? 84  LYS A CE  1 
ATOM   649 N NZ  . LYS A 1 84 ? 5.933   -13.444 -0.768  1.00 36.80 ? 84  LYS A NZ  1 
ATOM   650 N N   . LYS A 1 85 ? 1.802   -12.850 -4.054  1.00 23.72 ? 85  LYS A N   1 
ATOM   651 C CA  . LYS A 1 85 ? 0.589   -12.858 -3.227  1.00 24.58 ? 85  LYS A CA  1 
ATOM   652 C C   . LYS A 1 85 ? 0.842   -12.001 -2.008  1.00 23.70 ? 85  LYS A C   1 
ATOM   653 O O   . LYS A 1 85 ? 1.563   -12.405 -1.134  1.00 24.36 ? 85  LYS A O   1 
ATOM   654 C CB  . LYS A 1 85 ? 0.220   -14.304 -2.794  1.00 26.38 ? 85  LYS A CB  1 
ATOM   655 C CG  . LYS A 1 85 ? -0.999  -14.360 -1.859  1.00 29.24 ? 85  LYS A CG  1 
ATOM   656 C CD  . LYS A 1 85 ? -1.353  -15.830 -1.552  1.00 36.19 ? 85  LYS A CD  1 
ATOM   657 C CE  . LYS A 1 85 ? -2.484  -16.206 -2.379  1.00 42.68 ? 85  LYS A CE  1 
ATOM   658 N NZ  . LYS A 1 85 ? -3.641  -15.570 -1.674  1.00 46.52 ? 85  LYS A NZ  1 
ATOM   659 N N   . GLN A 1 86 ? 0.217   -10.829 -1.936  1.00 23.12 ? 86  GLN A N   1 
ATOM   660 C CA  . GLN A 1 86 ? 0.570   -9.903  -0.863  1.00 24.54 ? 86  GLN A CA  1 
ATOM   661 C C   . GLN A 1 86 ? 0.242   -10.451 0.499   1.00 26.74 ? 86  GLN A C   1 
ATOM   662 O O   . GLN A 1 86 ? 0.901   -10.147 1.472   1.00 26.82 ? 86  GLN A O   1 
ATOM   663 C CB  . GLN A 1 86 ? -0.146  -8.540  -1.051  1.00 24.36 ? 86  GLN A CB  1 
ATOM   664 C CG  . GLN A 1 86 ? 0.338   -7.713  -2.205  1.00 24.15 ? 86  GLN A CG  1 
ATOM   665 C CD  . GLN A 1 86 ? 1.814   -7.380  -2.120  1.00 22.87 ? 86  GLN A CD  1 
ATOM   666 O OE1 . GLN A 1 86 ? 2.528   -7.418  -3.157  1.00 29.56 ? 86  GLN A OE1 1 
ATOM   667 N NE2 . GLN A 1 86 ? 2.300   -7.171  -0.937  1.00 23.90 ? 86  GLN A NE2 1 
ATOM   668 N N   . ALA A 1 87 ? -0.826  -11.228 0.573   1.00 26.89 ? 87  ALA A N   1 
ATOM   669 C CA  . ALA A 1 87 ? -1.205  -11.864 1.818   1.00 30.55 ? 87  ALA A CA  1 
ATOM   670 C C   . ALA A 1 87 ? -0.185  -12.783 2.443   1.00 32.00 ? 87  ALA A C   1 
ATOM   671 O O   . ALA A 1 87 ? -0.221  -13.064 3.643   1.00 33.58 ? 87  ALA A O   1 
ATOM   672 C CB  . ALA A 1 87 ? -2.528  -12.578 1.641   1.00 31.60 ? 87  ALA A CB  1 
ATOM   673 N N   . ASP A 1 88 ? 0.771   -13.249 1.656   1.00 32.58 ? 88  ASP A N   1 
ATOM   674 C CA  . ASP A 1 88 ? 1.834   -14.037 2.246   1.00 34.29 ? 88  ASP A CA  1 
ATOM   675 C C   . ASP A 1 88 ? 2.726   -13.222 3.185   1.00 33.22 ? 88  ASP A C   1 
ATOM   676 O O   . ASP A 1 88 ? 3.506   -13.777 3.994   1.00 35.24 ? 88  ASP A O   1 
ATOM   677 C CB  . ASP A 1 88 ? 2.618   -14.680 1.100   1.00 34.64 ? 88  ASP A CB  1 
ATOM   678 C CG  . ASP A 1 88 ? 1.924   -15.921 0.569   1.00 40.11 ? 88  ASP A CG  1 
ATOM   679 O OD1 . ASP A 1 88 ? 0.924   -16.343 1.179   1.00 44.55 ? 88  ASP A OD1 1 
ATOM   680 O OD2 . ASP A 1 88 ? 2.378   -16.474 -0.449  1.00 42.99 ? 88  ASP A OD2 1 
ATOM   681 N N   . ASN A 1 89 ? 2.646   -11.888 3.084   1.00 33.01 ? 89  ASN A N   1 
ATOM   682 C CA  . ASN A 1 89 ? 3.243   -11.019 4.062   1.00 31.92 ? 89  ASN A CA  1 
ATOM   683 C C   . ASN A 1 89 ? 2.390   -10.937 5.317   1.00 33.04 ? 89  ASN A C   1 
ATOM   684 O O   . ASN A 1 89 ? 1.397   -10.235 5.365   1.00 33.21 ? 89  ASN A O   1 
ATOM   685 C CB  . ASN A 1 89 ? 3.358   -9.600  3.504   1.00 30.70 ? 89  ASN A CB  1 
ATOM   686 C CG  . ASN A 1 89 ? 4.354   -9.491  2.388   1.00 31.95 ? 89  ASN A CG  1 
ATOM   687 O OD1 . ASN A 1 89 ? 5.575   -9.574  2.613   1.00 37.36 ? 89  ASN A OD1 1 
ATOM   688 N ND2 . ASN A 1 89 ? 3.859   -9.217  1.209   1.00 32.66 ? 89  ASN A ND2 1 
ATOM   689 N N   . LYS A 1 90 ? 2.729   -11.692 6.335   1.00 34.85 ? 90  LYS A N   1 
ATOM   690 C CA  . LYS A 1 90 ? 1.869   -11.701 7.522   1.00 36.08 ? 90  LYS A CA  1 
ATOM   691 C C   . LYS A 1 90 ? 1.862   -10.336 8.163   1.00 35.21 ? 90  LYS A C   1 
ATOM   692 O O   . LYS A 1 90 ? 2.900   -9.623  8.220   1.00 36.76 ? 90  LYS A O   1 
ATOM   693 C CB  . LYS A 1 90 ? 2.342   -12.748 8.542   1.00 37.10 ? 90  LYS A CB  1 
ATOM   694 C CG  . LYS A 1 90 ? 2.285   -14.143 8.011   1.00 39.53 ? 90  LYS A CG  1 
ATOM   695 N N   . THR A 1 91 ? 0.707   -9.940  8.667   1.00 33.35 ? 91  THR A N   1 
ATOM   696 C CA  . THR A 1 91 ? 0.602   -8.636  9.286   1.00 32.83 ? 91  THR A CA  1 
ATOM   697 C C   . THR A 1 91 ? 0.998   -8.698  10.748  1.00 33.96 ? 91  THR A C   1 
ATOM   698 O O   . THR A 1 91 ? 1.140   -9.776  11.340  1.00 34.22 ? 91  THR A O   1 
ATOM   699 C CB  . THR A 1 91 ? -0.825  -8.086  9.243   1.00 31.49 ? 91  THR A CB  1 
ATOM   700 O OG1 . THR A 1 91 ? -1.679  -8.978  9.992   1.00 32.49 ? 91  THR A OG1 1 
ATOM   701 C CG2 . THR A 1 91 ? -1.320  -7.918  7.839   1.00 31.19 ? 91  THR A CG2 1 
ATOM   702 N N   . ILE A 1 92 ? 1.209   -7.547  11.331  1.00 35.82 ? 92  ILE A N   1 
ATOM   703 C CA  . ILE A 1 92 ? 1.679   -7.536  12.710  1.00 39.07 ? 92  ILE A CA  1 
ATOM   704 C C   . ILE A 1 92 ? 0.674   -8.265  13.626  1.00 40.98 ? 92  ILE A C   1 
ATOM   705 O O   . ILE A 1 92 ? 1.074   -9.108  14.482  1.00 41.52 ? 92  ILE A O   1 
ATOM   706 C CB  . ILE A 1 92 ? 1.993   -6.095  13.200  1.00 39.88 ? 92  ILE A CB  1 
ATOM   707 C CG1 . ILE A 1 92 ? 3.206   -5.489  12.470  1.00 41.96 ? 92  ILE A CG1 1 
ATOM   708 C CG2 . ILE A 1 92 ? 2.204   -6.160  14.707  1.00 40.31 ? 92  ILE A CG2 1 
ATOM   709 C CD1 . ILE A 1 92 ? 3.323   -3.979  12.597  1.00 43.81 ? 92  ILE A CD1 1 
ATOM   710 N N   . GLN A 1 93 ? -0.621  -7.970  13.449  1.00 40.82 ? 93  GLN A N   1 
ATOM   711 C CA  . GLN A 1 93 ? -1.700  -8.675  14.156  1.00 42.01 ? 93  GLN A CA  1 
ATOM   712 C C   . GLN A 1 93 ? -1.804  -10.166 13.886  1.00 42.43 ? 93  GLN A C   1 
ATOM   713 O O   . GLN A 1 93 ? -2.105  -10.936 14.807  1.00 42.95 ? 93  GLN A O   1 
ATOM   714 C CB  . GLN A 1 93 ? -3.058  -8.113  13.788  1.00 41.46 ? 93  GLN A CB  1 
ATOM   715 N N   . GLU A 1 94 ? -1.655  -10.555 12.623  1.00 42.20 ? 94  GLU A N   1 
ATOM   716 C CA  . GLU A 1 94 ? -1.661  -11.954 12.279  1.00 42.88 ? 94  GLU A CA  1 
ATOM   717 C C   . GLU A 1 94 ? -0.551  -12.622 13.050  1.00 44.32 ? 94  GLU A C   1 
ATOM   718 O O   . GLU A 1 94 ? -0.729  -13.745 13.511  1.00 43.57 ? 94  GLU A O   1 
ATOM   719 C CB  . GLU A 1 94 ? -1.499  -12.148 10.766  1.00 42.89 ? 94  GLU A CB  1 
ATOM   720 C CG  . GLU A 1 94 ? -2.828  -11.918 10.043  1.00 43.14 ? 94  GLU A CG  1 
ATOM   721 C CD  . GLU A 1 94 ? -2.679  -11.853 8.554   1.00 45.50 ? 94  GLU A CD  1 
ATOM   722 O OE1 . GLU A 1 94 ? -1.507  -11.989 8.080   1.00 41.30 ? 94  GLU A OE1 1 
ATOM   723 O OE2 . GLU A 1 94 ? -3.736  -11.665 7.890   1.00 48.73 ? 94  GLU A OE2 1 
ATOM   724 N N   . LYS A 1 95 ? 0.580   -11.926 13.217  1.00 46.82 ? 95  LYS A N   1 
ATOM   725 C CA  . LYS A 1 95 ? 1.715   -12.440 14.004  1.00 49.71 ? 95  LYS A CA  1 
ATOM   726 C C   . LYS A 1 95 ? 1.302   -12.782 15.433  1.00 51.40 ? 95  LYS A C   1 
ATOM   727 O O   . LYS A 1 95 ? 1.621   -13.842 15.975  1.00 52.26 ? 95  LYS A O   1 
ATOM   728 C CB  . LYS A 1 95 ? 2.820   -11.382 14.042  1.00 50.14 ? 95  LYS A CB  1 
ATOM   729 C CG  . LYS A 1 95 ? 3.755   -11.451 12.845  1.00 51.86 ? 95  LYS A CG  1 
ATOM   730 C CD  . LYS A 1 95 ? 3.010   -11.846 11.579  1.00 53.54 ? 95  LYS A CD  1 
ATOM   731 N N   . ARG A 1 96 ? 0.619   -11.856 16.063  1.00 52.88 ? 96  ARG A N   1 
ATOM   732 C CA  . ARG A 1 96 ? -0.102  -12.185 17.281  1.00 54.29 ? 96  ARG A CA  1 
ATOM   733 C C   . ARG A 1 96 ? -0.953  -13.437 17.068  1.00 55.00 ? 96  ARG A C   1 
ATOM   734 O O   . ARG A 1 96 ? -2.118  -13.374 16.659  1.00 55.98 ? 96  ARG A O   1 
ATOM   735 C CB  . ARG A 1 96 ? -0.966  -11.002 17.679  1.00 54.76 ? 96  ARG A CB  1 
ATOM   736 C CG  . ARG A 1 96 ? -0.189  -9.947  18.400  1.00 56.36 ? 96  ARG A CG  1 
ATOM   737 C CD  . ARG A 1 96 ? 1.071   -9.582  17.658  1.00 56.90 ? 96  ARG A CD  1 
HETATM 738 O O   . HOH B 2 .  ? -2.432  -16.285 17.049  1.00 51.35 ? 109 HOH A O   1 
HETATM 739 O O   . HOH B 2 .  ? -6.401  -8.451  18.224  1.00 53.97 ? 110 HOH A O   1 
HETATM 740 O O   . HOH B 2 .  ? 1.348   15.082  1.821   1.00 62.16 ? 111 HOH A O   1 
HETATM 741 O O   . HOH B 2 .  ? -0.939  -5.669  -10.025 1.00 39.43 ? 112 HOH A O   1 
HETATM 742 O O   . HOH B 2 .  ? -18.202 6.469   3.110   1.00 66.80 ? 113 HOH A O   1 
HETATM 743 O O   . HOH B 2 .  ? 1.203   -18.386 -1.535  1.00 46.59 ? 114 HOH A O   1 
HETATM 744 O O   . HOH B 2 .  ? -6.641  2.083   15.951  1.00 60.58 ? 115 HOH A O   1 
HETATM 745 O O   . HOH B 2 .  ? -1.090  -8.803  -9.644  1.00 46.98 ? 116 HOH A O   1 
HETATM 746 O O   . HOH B 2 .  ? -4.100  -9.181  -0.131  1.00 35.50 ? 117 HOH A O   1 
HETATM 747 O O   . HOH B 2 .  ? 5.670   -4.569  10.921  1.00 60.60 ? 118 HOH A O   1 
HETATM 748 O O   . HOH B 2 .  ? -1.514  12.750  -3.151  1.00 51.19 ? 119 HOH A O   1 
HETATM 749 O O   . HOH B 2 .  ? -1.145  -4.951  -13.192 1.00 63.44 ? 120 HOH A O   1 
HETATM 750 O O   . HOH B 2 .  ? -13.005 11.148  10.187  1.00 59.07 ? 121 HOH A O   1 
HETATM 751 O O   . HOH B 2 .  ? 11.968  -1.148  -12.025 1.00 43.60 ? 122 HOH A O   1 
HETATM 752 O O   . HOH B 2 .  ? 3.734   -4.824  -14.057 1.00 64.65 ? 123 HOH A O   1 
HETATM 753 O O   . HOH B 2 .  ? 13.373  -3.551  -14.174 1.00 56.32 ? 124 HOH A O   1 
HETATM 754 O O   . HOH B 2 .  ? -4.050  -1.990  -8.870  1.00 74.74 ? 125 HOH A O   1 
HETATM 755 O O   . HOH B 2 .  ? -5.588  12.759  12.698  1.00 55.38 ? 126 HOH A O   1 
HETATM 756 O O   . HOH B 2 .  ? 7.293   5.307   -7.419  1.00 41.64 ? 127 HOH A O   1 
HETATM 757 O O   . HOH B 2 .  ? -3.008  -2.224  -11.473 1.00 56.34 ? 128 HOH A O   1 
HETATM 758 O O   . HOH B 2 .  ? -11.796 15.524  4.332   1.00 58.53 ? 129 HOH A O   1 
HETATM 759 O O   . HOH B 2 .  ? 1.545   7.862   -7.233  1.00 55.39 ? 130 HOH A O   1 
HETATM 760 O O   . HOH B 2 .  ? -11.199 -0.057  4.175   1.00 20.45 ? 131 HOH A O   1 
HETATM 761 O O   . HOH B 2 .  ? 16.352  -7.964  -3.640  1.00 22.12 ? 132 HOH A O   1 
HETATM 762 O O   . HOH B 2 .  ? -5.922  -6.532  2.549   1.00 20.22 ? 133 HOH A O   1 
HETATM 763 O O   . HOH B 2 .  ? 13.893  -1.383  -5.581  1.00 17.64 ? 134 HOH A O   1 
HETATM 764 O O   . HOH B 2 .  ? -12.863 9.787   -1.026  1.00 23.35 ? 135 HOH A O   1 
HETATM 765 O O   . HOH B 2 .  ? 5.971   4.651   2.126   1.00 21.80 ? 136 HOH A O   1 
HETATM 766 O O   . HOH B 2 .  ? 4.942   -6.894  -0.983  1.00 26.16 ? 137 HOH A O   1 
HETATM 767 O O   . HOH B 2 .  ? 16.210  -7.686  4.709   1.00 31.27 ? 138 HOH A O   1 
HETATM 768 O O   . HOH B 2 .  ? -4.230  3.694   12.052  1.00 29.60 ? 139 HOH A O   1 
HETATM 769 O O   . HOH B 2 .  ? 2.127   -7.213  6.092   1.00 31.08 ? 140 HOH A O   1 
HETATM 770 O O   . HOH B 2 .  ? 1.520   -8.331  -5.654  1.00 29.81 ? 141 HOH A O   1 
HETATM 771 O O   . HOH B 2 .  ? -5.158  13.790  -2.713  1.00 27.71 ? 142 HOH A O   1 
HETATM 772 O O   . HOH B 2 .  ? 3.283   -15.229 -4.071  1.00 27.56 ? 143 HOH A O   1 
HETATM 773 O O   . HOH B 2 .  ? -12.855 3.519   15.211  1.00 37.47 ? 144 HOH A O   1 
HETATM 774 O O   . HOH B 2 .  ? 0.949   1.155   11.960  1.00 27.63 ? 145 HOH A O   1 
HETATM 775 O O   . HOH B 2 .  ? -1.797  -5.235  -7.710  1.00 29.53 ? 146 HOH A O   1 
HETATM 776 O O   . HOH B 2 .  ? -7.446  -7.123  0.166   1.00 27.37 ? 147 HOH A O   1 
HETATM 777 O O   . HOH B 2 .  ? 12.195  0.443   -6.743  1.00 34.04 ? 148 HOH A O   1 
HETATM 778 O O   . HOH B 2 .  ? 10.619  -9.417  -1.152  1.00 27.51 ? 149 HOH A O   1 
HETATM 779 O O   . HOH B 2 .  ? -3.143  -7.197  16.702  1.00 44.04 ? 150 HOH A O   1 
HETATM 780 O O   . HOH B 2 .  ? -1.468  -5.547  11.758  1.00 37.28 ? 151 HOH A O   1 
HETATM 781 O O   . HOH B 2 .  ? -3.491  -6.872  -1.771  1.00 33.48 ? 152 HOH A O   1 
HETATM 782 O O   . HOH B 2 .  ? -13.430 8.872   -7.909  1.00 40.00 ? 153 HOH A O   1 
HETATM 783 O O   . HOH B 2 .  ? 2.926   8.208   -3.163  1.00 46.76 ? 154 HOH A O   1 
HETATM 784 O O   . HOH B 2 .  ? 5.249   -7.287  -4.185  1.00 33.24 ? 155 HOH A O   1 
HETATM 785 O O   . HOH B 2 .  ? 14.581  -9.839  -14.582 1.00 31.29 ? 156 HOH A O   1 
HETATM 786 O O   . HOH B 2 .  ? -5.840  -5.258  -1.618  1.00 35.63 ? 157 HOH A O   1 
HETATM 787 O O   . HOH B 2 .  ? 18.711  -7.416  -5.068  1.00 29.97 ? 158 HOH A O   1 
HETATM 788 O O   . HOH B 2 .  ? -2.117  2.068   10.832  1.00 27.88 ? 159 HOH A O   1 
HETATM 789 O O   . HOH B 2 .  ? -0.652  8.538   15.117  1.00 35.71 ? 160 HOH A O   1 
HETATM 790 O O   . HOH B 2 .  ? -6.707  12.372  8.343   1.00 33.83 ? 161 HOH A O   1 
HETATM 791 O O   . HOH B 2 .  ? -0.499  -1.254  -13.169 1.00 45.10 ? 162 HOH A O   1 
HETATM 792 O O   . HOH B 2 .  ? -1.973  -10.268 -3.721  1.00 30.45 ? 163 HOH A O   1 
HETATM 793 O O   . HOH B 2 .  ? -4.873  -1.606  11.467  1.00 39.51 ? 164 HOH A O   1 
HETATM 794 O O   . HOH B 2 .  ? 14.340  -7.146  -15.311 1.00 42.97 ? 165 HOH A O   1 
HETATM 795 O O   . HOH B 2 .  ? 1.962   6.744   -5.162  1.00 33.08 ? 166 HOH A O   1 
HETATM 796 O O   . HOH B 2 .  ? 13.211  -3.775  -11.576 1.00 32.41 ? 167 HOH A O   1 
HETATM 797 O O   . HOH B 2 .  ? 12.917  -10.775 -2.163  1.00 38.67 ? 168 HOH A O   1 
HETATM 798 O O   . HOH B 2 .  ? -0.813  -6.741  -5.571  1.00 30.84 ? 169 HOH A O   1 
HETATM 799 O O   . HOH B 2 .  ? -3.677  0.105   12.287  1.00 37.15 ? 170 HOH A O   1 
HETATM 800 O O   . HOH B 2 .  ? 0.694   -1.586  13.246  1.00 44.86 ? 171 HOH A O   1 
HETATM 801 O O   . HOH B 2 .  ? -5.290  12.535  -5.184  1.00 34.37 ? 172 HOH A O   1 
HETATM 802 O O   . HOH B 2 .  ? 8.462   -13.148 -2.130  1.00 37.48 ? 173 HOH A O   1 
HETATM 803 O O   . HOH B 2 .  ? -4.194  -12.243 16.895  1.00 44.95 ? 174 HOH A O   1 
HETATM 804 O O   . HOH B 2 .  ? 6.967   -1.089  8.819   1.00 31.26 ? 175 HOH A O   1 
HETATM 805 O O   . HOH B 2 .  ? 6.085   9.074   -3.158  1.00 41.88 ? 176 HOH A O   1 
HETATM 806 O O   . HOH B 2 .  ? -4.541  3.821   14.769  1.00 43.37 ? 177 HOH A O   1 
HETATM 807 O O   . HOH B 2 .  ? 17.349  -11.766 -9.349  1.00 39.76 ? 178 HOH A O   1 
HETATM 808 O O   . HOH B 2 .  ? 12.211  0.508   5.794   1.00 39.00 ? 179 HOH A O   1 
HETATM 809 O O   . HOH B 2 .  ? -16.405 0.047   0.835   1.00 33.09 ? 180 HOH A O   1 
HETATM 810 O O   . HOH B 2 .  ? 8.245   -10.636 -1.349  1.00 36.72 ? 181 HOH A O   1 
HETATM 811 O O   . HOH B 2 .  ? -19.300 13.723  -0.869  1.00 36.06 ? 182 HOH A O   1 
HETATM 812 O O   . HOH B 2 .  ? -2.034  -11.856 5.410   1.00 38.83 ? 183 HOH A O   1 
HETATM 813 O O   . HOH B 2 .  ? 9.141   4.782   6.278   1.00 39.81 ? 184 HOH A O   1 
HETATM 814 O O   . HOH B 2 .  ? -12.057 1.851   5.895   1.00 39.10 ? 185 HOH A O   1 
HETATM 815 O O   . HOH B 2 .  ? 0.010   12.448  3.262   1.00 40.04 ? 186 HOH A O   1 
HETATM 816 O O   . HOH B 2 .  ? 3.248   3.314   12.413  1.00 54.28 ? 187 HOH A O   1 
HETATM 817 O O   . HOH B 2 .  ? -5.933  13.736  10.698  1.00 41.78 ? 188 HOH A O   1 
HETATM 818 O O   . HOH B 2 .  ? 6.566   -8.312  -2.535  1.00 39.50 ? 189 HOH A O   1 
HETATM 819 O O   . HOH B 2 .  ? 5.257   -7.046  4.973   1.00 44.60 ? 190 HOH A O   1 
HETATM 820 O O   . HOH B 2 .  ? 9.843   1.950   -9.247  1.00 41.06 ? 191 HOH A O   1 
HETATM 821 O O   . HOH B 2 .  ? -4.365  4.785   -6.658  1.00 39.67 ? 192 HOH A O   1 
HETATM 822 O O   . HOH B 2 .  ? 3.839   -6.538  8.832   1.00 38.62 ? 193 HOH A O   1 
HETATM 823 O O   . HOH B 2 .  ? -0.489  12.519  13.243  1.00 41.82 ? 194 HOH A O   1 
HETATM 824 O O   . HOH B 2 .  ? -17.506 0.481   3.318   1.00 37.89 ? 195 HOH A O   1 
HETATM 825 O O   . HOH B 2 .  ? 13.117  5.139   5.975   1.00 56.22 ? 196 HOH A O   1 
HETATM 826 O O   . HOH B 2 .  ? 12.202  3.849   -3.243  1.00 36.49 ? 197 HOH A O   1 
HETATM 827 O O   . HOH B 2 .  ? 16.635  -10.206 0.336   1.00 44.85 ? 198 HOH A O   1 
HETATM 828 O O   . HOH B 2 .  ? 10.812  -3.995  6.055   1.00 38.56 ? 199 HOH A O   1 
HETATM 829 O O   . HOH B 2 .  ? -10.960 4.158   9.213   1.00 39.14 ? 200 HOH A O   1 
HETATM 830 O O   . HOH B 2 .  ? 10.715  6.556   -4.770  1.00 49.08 ? 201 HOH A O   1 
HETATM 831 O O   . HOH B 2 .  ? 8.340   1.491   -6.308  1.00 38.97 ? 202 HOH A O   1 
HETATM 832 O O   . HOH B 2 .  ? -2.794  -7.711  -4.332  1.00 33.77 ? 203 HOH A O   1 
HETATM 833 O O   . HOH B 2 .  ? 2.149   6.044   13.472  1.00 53.79 ? 204 HOH A O   1 
HETATM 834 O O   . HOH B 2 .  ? 11.946  -5.598  4.199   1.00 38.24 ? 205 HOH A O   1 
HETATM 835 O O   . HOH B 2 .  ? -19.353 9.619   -4.568  1.00 39.37 ? 206 HOH A O   1 
HETATM 836 O O   . HOH B 2 .  ? 4.734   -15.827 -1.703  1.00 39.24 ? 207 HOH A O   1 
HETATM 837 O O   . HOH B 2 .  ? 0.865   -14.886 6.231   1.00 75.08 ? 208 HOH A O   1 
HETATM 838 O O   . HOH B 2 .  ? -3.136  -11.305 -1.340  1.00 30.55 ? 209 HOH A O   1 
HETATM 839 O O   . HOH B 2 .  ? 4.569   6.939   10.962  1.00 42.55 ? 210 HOH A O   1 
HETATM 840 O O   . HOH B 2 .  ? -12.180 4.554   12.580  1.00 46.15 ? 211 HOH A O   1 
HETATM 841 O O   . HOH B 2 .  ? 0.344   -15.751 10.302  1.00 62.37 ? 212 HOH A O   1 
HETATM 842 O O   . HOH B 2 .  ? -4.587  6.283   15.747  1.00 48.50 ? 213 HOH A O   1 
HETATM 843 O O   . HOH B 2 .  ? 5.549   -13.368 2.018   1.00 45.45 ? 214 HOH A O   1 
HETATM 844 O O   . HOH B 2 .  ? -2.294  6.778   16.868  1.00 47.99 ? 215 HOH A O   1 
HETATM 845 O O   . HOH B 2 .  ? 2.924   -16.305 4.948   1.00 56.03 ? 216 HOH A O   1 
HETATM 846 O O   . HOH B 2 .  ? -18.065 9.739   0.287   1.00 43.21 ? 217 HOH A O   1 
HETATM 847 O O   . HOH B 2 .  ? 8.203   -8.125  -20.341 1.00 76.33 ? 218 HOH A O   1 
HETATM 848 O O   . HOH B 2 .  ? 16.179  -13.561 -8.010  1.00 50.62 ? 219 HOH A O   1 
HETATM 849 O O   . HOH B 2 .  ? -9.888  14.075  8.975   1.00 63.65 ? 220 HOH A O   1 
HETATM 850 O O   . HOH B 2 .  ? -7.348  8.083   15.968  1.00 71.19 ? 221 HOH A O   1 
HETATM 851 O O   . HOH B 2 .  ? -12.472 7.928   10.856  1.00 65.20 ? 222 HOH A O   1 
HETATM 852 O O   . HOH B 2 .  ? 5.850   -7.479  -16.227 1.00 46.49 ? 223 HOH A O   1 
HETATM 853 O O   . HOH B 2 .  ? -17.653 -0.854  -4.188  1.00 48.30 ? 224 HOH A O   1 
HETATM 854 O O   . HOH B 2 .  ? 2.046   -10.550 -12.349 1.00 45.81 ? 225 HOH A O   1 
HETATM 855 O O   . HOH B 2 .  ? -15.456 8.010   5.506   1.00 46.55 ? 226 HOH A O   1 
HETATM 856 O O   . HOH B 2 .  ? 15.938  -10.685 -3.299  1.00 48.19 ? 227 HOH A O   1 
HETATM 857 O O   . HOH B 2 .  ? -16.679 9.560   -7.353  1.00 54.75 ? 228 HOH A O   1 
HETATM 858 O O   . HOH B 2 .  ? -10.454 16.111  5.831   1.00 72.44 ? 229 HOH A O   1 
HETATM 859 O O   . HOH B 2 .  ? -7.299  0.330   -5.799  1.00 51.91 ? 230 HOH A O   1 
HETATM 860 O O   . HOH B 2 .  ? -3.805  -8.016  10.548  1.00 47.47 ? 231 HOH A O   1 
HETATM 861 O O   . HOH B 2 .  ? -10.190 0.125   -6.403  1.00 69.55 ? 232 HOH A O   1 
HETATM 862 O O   . HOH B 2 .  ? 19.688  -8.716  -7.051  1.00 56.84 ? 233 HOH A O   1 
HETATM 863 O O   . HOH B 2 .  ? 7.708   -11.151 1.475   1.00 41.97 ? 234 HOH A O   1 
HETATM 864 O O   . HOH B 2 .  ? -7.442  -3.235  -5.208  1.00 41.37 ? 235 HOH A O   1 
HETATM 865 O O   . HOH B 2 .  ? 3.947   4.144   -18.238 1.00 58.15 ? 236 HOH A O   1 
HETATM 866 O O   . HOH B 2 .  ? 18.654  -7.074  -11.461 1.00 70.92 ? 237 HOH A O   1 
# 
loop_
_atom_site_anisotrop.id 
_atom_site_anisotrop.type_symbol 
_atom_site_anisotrop.pdbx_label_atom_id 
_atom_site_anisotrop.pdbx_label_alt_id 
_atom_site_anisotrop.pdbx_label_comp_id 
_atom_site_anisotrop.pdbx_label_asym_id 
_atom_site_anisotrop.pdbx_label_seq_id 
_atom_site_anisotrop.pdbx_PDB_ins_code 
_atom_site_anisotrop.U[1][1] 
_atom_site_anisotrop.U[2][2] 
_atom_site_anisotrop.U[3][3] 
_atom_site_anisotrop.U[1][2] 
_atom_site_anisotrop.U[1][3] 
_atom_site_anisotrop.U[2][3] 
_atom_site_anisotrop.pdbx_auth_seq_id 
_atom_site_anisotrop.pdbx_auth_comp_id 
_atom_site_anisotrop.pdbx_auth_asym_id 
_atom_site_anisotrop.pdbx_auth_atom_id 
1   N N   . SER A 2  ? 0.5209 0.4940 0.5334 -0.0280 0.0203  -0.0125 2   SER A N   
2   C CA  . SER A 2  ? 0.4887 0.4742 0.5107 -0.0140 0.0206  -0.0214 2   SER A CA  
3   C C   . SER A 2  ? 0.4372 0.4173 0.4688 -0.0170 0.0295  -0.0502 2   SER A C   
4   O O   . SER A 2  ? 0.4800 0.3773 0.4757 -0.0186 0.0392  -0.0824 2   SER A O   
5   C CB  . SER A 2  ? 0.5078 0.5099 0.5362 -0.0194 0.0147  -0.0189 2   SER A CB  
6   O OG  . SER A 2  ? 0.5657 0.5372 0.6191 0.0048  0.0331  -0.0084 2   SER A OG  
7   N N   . LEU A 3  ? 0.3625 0.3456 0.4004 -0.0149 0.0495  -0.0641 3   LEU A N   
8   C CA  . LEU A 3  ? 0.3365 0.3338 0.3832 -0.0059 0.0355  -0.0558 3   LEU A CA  
9   C C   . LEU A 3  ? 0.3260 0.3443 0.3700 0.0050  0.0267  -0.0692 3   LEU A C   
10  O O   . LEU A 3  ? 0.3072 0.3359 0.3677 -0.0088 0.0180  -0.0961 3   LEU A O   
11  C CB  . LEU A 3  ? 0.3074 0.3374 0.3553 -0.0106 0.0411  -0.0607 3   LEU A CB  
12  C CG  . LEU A 3  ? 0.3491 0.3557 0.4018 -0.0218 0.0186  -0.0324 3   LEU A CG  
13  C CD1 . LEU A 3  ? 0.3288 0.3623 0.3594 -0.0489 -0.0032 -0.0275 3   LEU A CD1 
14  C CD2 . LEU A 3  ? 0.4235 0.4538 0.4383 0.0143  -0.0223 -0.0173 3   LEU A CD2 
15  N N   . THR A 4  ? 0.3203 0.3837 0.3820 0.0151  0.0263  -0.0562 4   THR A N   
16  C CA  . THR A 4  ? 0.3156 0.3797 0.3536 0.0164  0.0106  -0.0690 4   THR A CA  
17  C C   . THR A 4  ? 0.3173 0.3671 0.3326 0.0385  0.0299  -0.0759 4   THR A C   
18  O O   . THR A 4  ? 0.2774 0.3924 0.3257 0.0286  0.0162  -0.0731 4   THR A O   
19  C CB  . THR A 4  ? 0.3650 0.3795 0.3628 0.0089  0.0122  -0.0598 4   THR A CB  
20  O OG1 . THR A 4  ? 0.3742 0.4181 0.3952 0.0196  0.0119  -0.1123 4   THR A OG1 
21  C CG2 . THR A 4  ? 0.3772 0.4528 0.3871 0.0005  0.0038  -0.0550 4   THR A CG2 
22  N N   . ASP A 5  ? 0.3139 0.3296 0.3288 0.0322  0.0193  -0.0735 5   ASP A N   
23  C CA  . ASP A 5  ? 0.3383 0.3660 0.3535 0.0309  0.0158  -0.0578 5   ASP A CA  
24  C C   . ASP A 5  ? 0.3370 0.3517 0.3537 0.0222  0.0054  -0.0677 5   ASP A C   
25  O O   . ASP A 5  ? 0.3097 0.3679 0.3159 0.0219  0.0281  -0.0655 5   ASP A O   
26  C CB  . ASP A 5  ? 0.3443 0.3909 0.3391 0.0427  0.0163  -0.0594 5   ASP A CB  
27  C CG  . ASP A 5  ? 0.4132 0.4358 0.3955 0.0511  -0.0087 -0.0347 5   ASP A CG  
28  O OD1 . ASP A 5  ? 0.4139 0.5137 0.4028 0.0693  0.0398  -0.0443 5   ASP A OD1 
29  O OD2 . ASP A 5  ? 0.4675 0.5592 0.3983 0.0548  0.0007  -0.0036 5   ASP A OD2 
30  N N   . SER A 6  ? 0.3469 0.3567 0.3767 0.0209  0.0020  -0.0782 6   SER A N   
31  C CA  . SER A 6  ? 0.3497 0.3433 0.3773 0.0086  0.0218  -0.0779 6   SER A CA  
32  C C   . SER A 6  ? 0.3201 0.3209 0.3706 0.0068  0.0249  -0.0754 6   SER A C   
33  O O   . SER A 6  ? 0.3043 0.3335 0.3785 0.0148  0.0310  -0.0915 6   SER A O   
34  C CB  . SER A 6  ? 0.3745 0.3662 0.4031 -0.0138 0.0205  -0.0745 6   SER A CB  
35  O OG  . SER A 6  ? 0.5056 0.4316 0.4962 -0.0202 0.0107  -0.0559 6   SER A OG  
36  N N   . LYS A 7  ? 0.2946 0.3062 0.3389 0.0056  0.0296  -0.0761 7   LYS A N   
37  C CA  . LYS A 7  ? 0.2913 0.2935 0.3595 0.0056  0.0346  -0.0568 7   LYS A CA  
38  C C   . LYS A 7  ? 0.2716 0.2724 0.3251 0.0109  0.0161  -0.0528 7   LYS A C   
39  O O   . LYS A 7  ? 0.2805 0.2645 0.3568 0.0095  0.0323  -0.0680 7   LYS A O   
40  C CB  . LYS A 7  ? 0.3307 0.3096 0.3668 -0.0116 0.0261  -0.0513 7   LYS A CB  
41  C CG  . LYS A 7  ? 0.4343 0.3967 0.4387 -0.0285 0.0025  -0.0277 7   LYS A CG  
42  C CD  . LYS A 7  ? 0.4697 0.4883 0.4772 -0.0133 0.0327  -0.0012 7   LYS A CD  
43  N N   . VAL A 8  ? 0.2487 0.2651 0.3180 -0.0014 0.0258  -0.0449 8   VAL A N   
44  C CA  . VAL A 8  ? 0.2579 0.2683 0.3168 0.0034  0.0165  -0.0359 8   VAL A CA  
45  C C   . VAL A 8  ? 0.2818 0.2762 0.3036 -0.0053 0.0180  -0.0281 8   VAL A C   
46  O O   . VAL A 8  ? 0.2562 0.2932 0.3345 0.0037  0.0230  -0.0186 8   VAL A O   
47  C CB  . VAL A 8  ? 0.2622 0.2609 0.3062 0.0072  0.0208  -0.0410 8   VAL A CB  
48  C CG1 . VAL A 8  ? 0.2844 0.2939 0.2990 -0.0019 0.0324  -0.0348 8   VAL A CG1 
49  C CG2 . VAL A 8  ? 0.2871 0.2720 0.3200 0.0038  0.0254  -0.0466 8   VAL A CG2 
50  N N   . LYS A 9  ? 0.2756 0.2939 0.3109 -0.0017 0.0139  -0.0259 9   LYS A N   
51  C CA  . LYS A 9  ? 0.2818 0.2825 0.3044 -0.0010 0.0246  -0.0242 9   LYS A CA  
52  C C   . LYS A 9  ? 0.2800 0.3035 0.3224 0.0044  0.0367  -0.0234 9   LYS A C   
53  O O   . LYS A 9  ? 0.2800 0.3109 0.3202 -0.0158 0.0468  -0.0310 9   LYS A O   
54  C CB  . LYS A 9  ? 0.2879 0.2862 0.3017 0.0010  0.0307  -0.0283 9   LYS A CB  
55  C CG  . LYS A 9  ? 0.3167 0.3757 0.3849 -0.0045 0.0220  -0.0090 9   LYS A CG  
56  C CD  . LYS A 9  ? 0.4370 0.4513 0.4179 0.0043  0.0307  -0.0032 9   LYS A CD  
57  C CE  . LYS A 9  ? 0.5121 0.5263 0.5306 -0.0126 0.0127  -0.0034 9   LYS A CE  
58  N NZ  . LYS A 9  ? 0.5482 0.5718 0.5688 -0.0094 -0.0097 0.0054  9   LYS A NZ  
59  N N   . ASN A 10 ? 0.2815 0.3043 0.3495 0.0080  0.0352  -0.0249 10  ASN A N   
60  C CA  . ASN A 10 ? 0.3124 0.3121 0.3629 0.0162  0.0367  -0.0293 10  ASN A CA  
61  C C   . ASN A 10 ? 0.3075 0.2951 0.3598 0.0373  0.0270  -0.0294 10  ASN A C   
62  O O   . ASN A 10 ? 0.3672 0.3148 0.3634 0.0701  0.0309  -0.0444 10  ASN A O   
63  C CB  . ASN A 10 ? 0.3623 0.3513 0.3876 0.0215  0.0273  -0.0370 10  ASN A CB  
64  C CG  . ASN A 10 ? 0.4192 0.3800 0.4035 0.0060  0.0411  -0.0424 10  ASN A CG  
65  O OD1 . ASN A 10 ? 0.5948 0.4778 0.4273 -0.0278 0.0360  -0.0569 10  ASN A OD1 
66  N ND2 . ASN A 10 ? 0.5000 0.5105 0.3992 0.0225  -0.0263 -0.0296 10  ASN A ND2 
67  N N   . ALA A 11 ? 0.3103 0.2457 0.3316 0.0260  0.0305  -0.0316 11  ALA A N   
68  C CA  . ALA A 11 ? 0.2925 0.2420 0.3329 0.0377  0.0241  -0.0362 11  ALA A CA  
69  C C   . ALA A 11 ? 0.2912 0.2698 0.3567 0.0477  0.0265  -0.0248 11  ALA A C   
70  O O   . ALA A 11 ? 0.2710 0.2791 0.3719 0.0541  0.0321  -0.0122 11  ALA A O   
71  C CB  . ALA A 11 ? 0.2651 0.2519 0.3066 0.0502  0.0282  -0.0290 11  ALA A CB  
72  N N   . LYS A 12 ? 0.3638 0.3006 0.4006 0.0391  0.0171  -0.0142 12  LYS A N   
73  C CA  . LYS A 12 ? 0.3491 0.3372 0.4184 0.0497  0.0233  -0.0043 12  LYS A CA  
74  C C   . LYS A 12 ? 0.3134 0.3130 0.4125 0.0636  0.0264  0.0045  12  LYS A C   
75  O O   . LYS A 12 ? 0.2976 0.3021 0.4260 0.0586  0.0300  0.0270  12  LYS A O   
76  C CB  . LYS A 12 ? 0.4037 0.4010 0.4612 0.0362  0.0162  -0.0089 12  LYS A CB  
77  C CG  . LYS A 12 ? 0.4421 0.4185 0.5034 0.0195  0.0107  -0.0070 12  LYS A CG  
78  C CD  . LYS A 12 ? 0.5268 0.5394 0.5655 0.0083  0.0011  -0.0070 12  LYS A CD  
79  C CE  . LYS A 12 ? 0.5559 0.4041 0.5478 0.0009  -0.0173 0.0345  12  LYS A CE  
80  N NZ  . LYS A 12 ? 0.6146 0.5466 0.5589 -0.0205 -0.0055 -0.0440 12  LYS A NZ  
81  N N   . SER A 13 ? 0.3032 0.3139 0.4116 0.0494  0.0422  0.0069  13  SER A N   
82  C CA  . SER A 13 ? 0.3121 0.3263 0.4092 0.0416  0.0251  0.0172  13  SER A CA  
83  C C   . SER A 13 ? 0.2966 0.3291 0.3901 0.0432  0.0164  0.0105  13  SER A C   
84  O O   . SER A 13 ? 0.3477 0.3479 0.4264 0.0761  0.0232  0.0302  13  SER A O   
85  C CB  . SER A 13 ? 0.3531 0.3786 0.4221 0.0549  0.0131  0.0091  13  SER A CB  
86  O OG  . SER A 13 ? 0.4209 0.4234 0.4972 0.0118  0.0300  0.0449  13  SER A OG  
87  N N   . LEU A 14 ? 0.2709 0.2791 0.3899 0.0258  -0.0055 0.0277  14  LEU A N   
88  C CA  . LEU A 14 ? 0.2777 0.2725 0.3714 0.0203  -0.0074 0.0264  14  LEU A CA  
89  C C   . LEU A 14 ? 0.3058 0.2820 0.4041 0.0027  -0.0196 0.0239  14  LEU A C   
90  O O   . LEU A 14 ? 0.3226 0.2637 0.4567 0.0083  -0.0406 0.0425  14  LEU A O   
91  C CB  . LEU A 14 ? 0.2379 0.2451 0.3722 0.0452  -0.0036 0.0286  14  LEU A CB  
92  C CG  . LEU A 14 ? 0.3125 0.2990 0.3451 0.0189  0.0132  0.0142  14  LEU A CG  
93  C CD1 . LEU A 14 ? 0.3607 0.2808 0.3632 0.0116  -0.0001 -0.0075 14  LEU A CD1 
94  C CD2 . LEU A 14 ? 0.3536 0.3573 0.3908 0.0230  -0.0017 -0.0131 14  LEU A CD2 
95  N N   . GLU A 15 ? 0.3218 0.2775 0.4158 0.0009  -0.0479 0.0239  15  GLU A N   
96  C CA  . GLU A 15 ? 0.3337 0.2928 0.4173 -0.0076 -0.0379 0.0117  15  GLU A CA  
97  C C   . GLU A 15 ? 0.3373 0.2990 0.4189 -0.0076 -0.0445 -0.0003 15  GLU A C   
98  O O   . GLU A 15 ? 0.3117 0.3138 0.4639 0.0043  -0.0825 -0.0030 15  GLU A O   
99  C CB  . GLU A 15 ? 0.3439 0.2974 0.4116 -0.0002 -0.0401 0.0210  15  GLU A CB  
100 C CG  . GLU A 15 ? 0.4201 0.3730 0.4720 0.0056  -0.0385 -0.0123 15  GLU A CG  
101 C CD  . GLU A 15 ? 0.5321 0.5098 0.5578 -0.0269 -0.0094 0.0070  15  GLU A CD  
102 O OE1 . GLU A 15 ? 0.6284 0.6074 0.6370 -0.0342 -0.0504 -0.0102 15  GLU A OE1 
103 O OE2 . GLU A 15 ? 0.6025 0.5913 0.5945 -0.0220 -0.0136 -0.0308 15  GLU A OE2 
104 N N   . LYS A 16 ? 0.3041 0.2881 0.4057 -0.0080 -0.0526 -0.0154 16  LYS A N   
105 C CA  . LYS A 16 ? 0.3172 0.2965 0.4030 -0.0087 -0.0416 -0.0128 16  LYS A CA  
106 C C   . LYS A 16 ? 0.2982 0.2587 0.3617 -0.0052 -0.0454 -0.0190 16  LYS A C   
107 O O   . LYS A 16 ? 0.2890 0.2100 0.3886 0.0129  -0.0530 -0.0338 16  LYS A O   
108 C CB  . LYS A 16 ? 0.3508 0.3136 0.4009 0.0138  -0.0471 -0.0163 16  LYS A CB  
109 C CG  . LYS A 16 ? 0.3895 0.3841 0.4489 0.0332  -0.0321 0.0226  16  LYS A CG  
110 C CD  . LYS A 16 ? 0.5091 0.4972 0.5133 -0.0057 0.0055  0.0087  16  LYS A CD  
111 N N   . GLU A 17 ? 0.2774 0.2765 0.3699 0.0028  -0.0464 -0.0234 17  GLU A N   
112 C CA  . GLU A 17 ? 0.2942 0.2687 0.3600 0.0126  -0.0385 -0.0142 17  GLU A CA  
113 C C   . GLU A 17 ? 0.2962 0.2493 0.3553 0.0085  -0.0291 0.0093  17  GLU A C   
114 O O   . GLU A 17 ? 0.3073 0.2860 0.3514 -0.0063 -0.0374 0.0202  17  GLU A O   
115 C CB  . GLU A 17 ? 0.3147 0.2985 0.3707 0.0261  -0.0261 -0.0049 17  GLU A CB  
116 C CG  . GLU A 17 ? 0.3965 0.3325 0.4127 0.0280  -0.0249 -0.0099 17  GLU A CG  
117 C CD  . GLU A 17 ? 0.4817 0.4358 0.4912 0.0199  0.0127  -0.0364 17  GLU A CD  
118 O OE1 . GLU A 17 ? 0.5635 0.3836 0.5158 0.0253  -0.0118 -0.0339 17  GLU A OE1 
119 O OE2 . GLU A 17 ? 0.5583 0.5462 0.5442 0.0513  0.0323  -0.0581 17  GLU A OE2 
120 N N   . TYR A 18 ? 0.2896 0.1952 0.3371 0.0022  -0.0318 0.0033  18  TYR A N   
121 C CA  . TYR A 18 ? 0.2736 0.1987 0.3224 0.0083  -0.0172 0.0048  18  TYR A CA  
122 C C   . TYR A 18 ? 0.2616 0.2077 0.3318 0.0020  -0.0131 0.0011  18  TYR A C   
123 O O   . TYR A 18 ? 0.2613 0.1471 0.3754 0.0148  -0.0103 -0.0086 18  TYR A O   
124 C CB  . TYR A 18 ? 0.2742 0.2107 0.3439 0.0312  -0.0154 0.0125  18  TYR A CB  
125 C CG  . TYR A 18 ? 0.2554 0.1256 0.3375 0.0066  0.0148  0.0054  18  TYR A CG  
126 C CD1 . TYR A 18 ? 0.2512 0.1621 0.3193 0.0277  0.0016  -0.0182 18  TYR A CD1 
127 C CD2 . TYR A 18 ? 0.2514 0.1980 0.3814 0.0202  -0.0054 -0.0191 18  TYR A CD2 
128 C CE1 . TYR A 18 ? 0.2333 0.1843 0.3208 0.0138  -0.0034 -0.0329 18  TYR A CE1 
129 C CE2 . TYR A 18 ? 0.2972 0.1585 0.3688 0.0547  0.0056  -0.0095 18  TYR A CE2 
130 C CZ  . TYR A 18 ? 0.2729 0.1905 0.3414 0.0038  0.0120  -0.0304 18  TYR A CZ  
131 O OH  . TYR A 18 ? 0.2922 0.1957 0.3786 0.0121  0.0463  -0.0400 18  TYR A OH  
132 N N   . LYS A 19 ? 0.2860 0.2069 0.3698 -0.0070 0.0030  0.0102  19  LYS A N   
133 C CA  . LYS A 19 ? 0.2880 0.2383 0.3646 -0.0063 -0.0002 0.0154  19  LYS A CA  
134 C C   . LYS A 19 ? 0.2502 0.1890 0.3658 -0.0254 -0.0031 0.0173  19  LYS A C   
135 O O   . LYS A 19 ? 0.3192 0.1822 0.4478 -0.0343 -0.0495 0.0418  19  LYS A O   
136 C CB  . LYS A 19 ? 0.3160 0.2399 0.3805 -0.0135 0.0030  0.0127  19  LYS A CB  
137 C CG  . LYS A 19 ? 0.4370 0.3537 0.4067 0.0092  -0.0072 0.0355  19  LYS A CG  
138 C CD  . LYS A 19 ? 0.5209 0.4541 0.5047 0.0154  0.0319  -0.0063 19  LYS A CD  
139 C CE  . LYS A 19 ? 0.5429 0.5429 0.5554 0.0050  -0.0153 0.0003  19  LYS A CE  
140 N NZ  . LYS A 19 ? 0.5708 0.6072 0.6386 0.0284  0.0200  -0.0304 19  LYS A NZ  
141 N N   . LEU A 20 ? 0.2694 0.1782 0.3566 -0.0232 0.0035  -0.0118 20  LEU A N   
142 C CA  . LEU A 20 ? 0.2472 0.2122 0.3394 0.0097  0.0102  -0.0092 20  LEU A CA  
143 C C   . LEU A 20 ? 0.2276 0.2163 0.3468 0.0052  0.0266  -0.0027 20  LEU A C   
144 O O   . LEU A 20 ? 0.2598 0.1904 0.3604 -0.0070 0.0171  -0.0271 20  LEU A O   
145 C CB  . LEU A 20 ? 0.2508 0.1986 0.3357 0.0216  -0.0048 -0.0034 20  LEU A CB  
146 C CG  . LEU A 20 ? 0.2803 0.2683 0.3612 0.0342  -0.0039 -0.0124 20  LEU A CG  
147 C CD1 . LEU A 20 ? 0.3389 0.2969 0.3553 0.0776  0.0001  -0.0127 20  LEU A CD1 
148 C CD2 . LEU A 20 ? 0.3430 0.2852 0.3882 0.0313  -0.0112 -0.0144 20  LEU A CD2 
149 N N   . THR A 21 ? 0.2743 0.2196 0.3654 -0.0225 0.0190  -0.0168 21  THR A N   
150 C CA  . THR A 21 ? 0.2635 0.2463 0.3722 -0.0208 0.0265  -0.0117 21  THR A CA  
151 C C   . THR A 21 ? 0.2751 0.2439 0.3556 -0.0310 0.0305  -0.0260 21  THR A C   
152 O O   . THR A 21 ? 0.3032 0.2638 0.3878 0.0112  0.0241  -0.0481 21  THR A O   
153 C CB  . THR A 21 ? 0.2996 0.2988 0.3934 -0.0009 0.0472  -0.0081 21  THR A CB  
154 O OG1 . THR A 21 ? 0.3385 0.4147 0.4904 -0.0152 0.0618  0.0174  21  THR A OG1 
155 C CG2 . THR A 21 ? 0.3636 0.3689 0.4534 -0.0115 0.0134  -0.0132 21  THR A CG2 
156 N N   . ASP A 22 ? 0.2569 0.2426 0.3490 -0.0246 0.0274  -0.0162 22  ASP A N   
157 C CA  . ASP A 22 ? 0.2686 0.2761 0.3327 -0.0169 0.0306  -0.0461 22  ASP A CA  
158 C C   . ASP A 22 ? 0.2658 0.3255 0.3578 -0.0261 0.0194  -0.0234 22  ASP A C   
159 O O   . ASP A 22 ? 0.3092 0.4018 0.4500 -0.0279 0.0139  -0.0090 22  ASP A O   
160 C CB  . ASP A 22 ? 0.2780 0.2895 0.3316 0.0012  0.0326  -0.0468 22  ASP A CB  
161 C CG  . ASP A 22 ? 0.3252 0.3246 0.3234 0.0198  0.0483  -0.0362 22  ASP A CG  
162 O OD1 . ASP A 22 ? 0.2871 0.2996 0.3627 0.0185  0.0552  -0.0656 22  ASP A OD1 
163 O OD2 . ASP A 22 ? 0.3078 0.3289 0.4049 -0.0010 0.0352  -0.1115 22  ASP A OD2 
164 N N   . GLY A 23 ? 0.2428 0.3376 0.3773 -0.0175 0.0216  -0.0472 23  GLY A N   
165 C CA  . GLY A 23 ? 0.2542 0.3094 0.3764 -0.0375 0.0368  -0.0440 23  GLY A CA  
166 C C   . GLY A 23 ? 0.2326 0.2862 0.3537 -0.0167 0.0403  -0.0235 23  GLY A C   
167 O O   . GLY A 23 ? 0.2464 0.2890 0.3225 -0.0596 0.0505  -0.0165 23  GLY A O   
168 N N   . PHE A 24 ? 0.2346 0.2745 0.3450 -0.0242 0.0442  -0.0109 24  PHE A N   
169 C CA  . PHE A 24 ? 0.2578 0.2556 0.3366 -0.0187 0.0417  0.0048  24  PHE A CA  
170 C C   . PHE A 24 ? 0.2190 0.2407 0.3263 -0.0183 0.0544  0.0085  24  PHE A C   
171 O O   . PHE A 24 ? 0.2456 0.2398 0.4268 -0.0157 0.0651  0.0007  24  PHE A O   
172 C CB  . PHE A 24 ? 0.2683 0.2778 0.3679 -0.0204 0.0254  0.0100  24  PHE A CB  
173 C CG  . PHE A 24 ? 0.3172 0.2952 0.3832 0.0054  0.0226  -0.0072 24  PHE A CG  
174 C CD1 . PHE A 24 ? 0.3668 0.4145 0.3925 -0.0477 0.0375  0.0181  24  PHE A CD1 
175 C CD2 . PHE A 24 ? 0.2668 0.3159 0.4168 0.0063  -0.0136 0.0028  24  PHE A CD2 
176 C CE1 . PHE A 24 ? 0.3956 0.4572 0.4277 -0.0186 0.0251  0.0112  24  PHE A CE1 
177 C CE2 . PHE A 24 ? 0.2870 0.2936 0.3366 0.0607  -0.0281 -0.0155 24  PHE A CE2 
178 C CZ  . PHE A 24 ? 0.3264 0.3897 0.4059 -0.0118 -0.0086 -0.0171 24  PHE A CZ  
179 N N   . GLY A 25 ? 0.2421 0.2315 0.3077 -0.0267 0.0494  0.0051  25  GLY A N   
180 C CA  . GLY A 25 ? 0.2358 0.2328 0.3001 -0.0172 0.0446  0.0055  25  GLY A CA  
181 C C   . GLY A 25 ? 0.2235 0.2337 0.3023 -0.0156 0.0346  -0.0164 25  GLY A C   
182 O O   . GLY A 25 ? 0.2642 0.2572 0.3137 -0.0315 0.0222  -0.0053 25  GLY A O   
183 N N   . MET A 26 ? 0.1919 0.2263 0.2783 -0.0407 0.0500  -0.0066 26  MET A N   
184 C CA  . MET A 26 ? 0.2144 0.2141 0.2888 -0.0322 0.0370  -0.0262 26  MET A CA  
185 C C   . MET A 26 ? 0.2206 0.2150 0.3104 -0.0354 0.0443  -0.0272 26  MET A C   
186 O O   . MET A 26 ? 0.2070 0.2348 0.3822 -0.0360 0.0476  -0.0748 26  MET A O   
187 C CB  . MET A 26 ? 0.2225 0.1857 0.3088 -0.0263 0.0458  -0.0243 26  MET A CB  
188 C CG  . MET A 26 ? 0.2663 0.2472 0.3243 -0.0415 0.0307  -0.0402 26  MET A CG  
189 S SD  . MET A 26 ? 0.3399 0.2843 0.3631 -0.0161 0.0633  -0.0135 26  MET A SD  
190 C CE  . MET A 26 ? 0.2790 0.2718 0.3435 -0.0634 0.0535  0.0137  26  MET A CE  
191 N N   . HIS A 27 ? 0.2175 0.1983 0.3244 -0.0207 0.0392  -0.0289 27  HIS A N   
192 C CA  . HIS A 27 ? 0.2163 0.1978 0.2983 -0.0076 0.0224  -0.0185 27  HIS A CA  
193 C C   . HIS A 27 ? 0.1913 0.1975 0.3003 -0.0120 0.0269  -0.0255 27  HIS A C   
194 O O   . HIS A 27 ? 0.2056 0.1921 0.2848 0.0035  0.0277  -0.0183 27  HIS A O   
195 C CB  . HIS A 27 ? 0.2668 0.1973 0.3146 -0.0209 0.0366  -0.0135 27  HIS A CB  
196 C CG  . HIS A 27 ? 0.2918 0.2116 0.3287 -0.0010 0.0120  0.0130  27  HIS A CG  
197 N ND1 . HIS A 27 ? 0.3989 0.2771 0.3728 -0.0256 -0.0206 0.0157  27  HIS A ND1 
198 C CD2 . HIS A 27 ? 0.3869 0.2344 0.2814 -0.0571 0.0690  -0.0216 27  HIS A CD2 
199 C CE1 . HIS A 27 ? 0.3919 0.2406 0.3199 -0.0483 0.0040  0.0336  27  HIS A CE1 
200 N NE2 . HIS A 27 ? 0.3760 0.3062 0.3734 0.0049  0.0045  0.0085  27  HIS A NE2 
201 N N   . LEU A 28 ? 0.1917 0.1893 0.3058 -0.0083 0.0399  -0.0377 28  LEU A N   
202 C CA  . LEU A 28 ? 0.2075 0.1661 0.2944 -0.0052 0.0219  -0.0129 28  LEU A CA  
203 C C   . LEU A 28 ? 0.2290 0.1907 0.3000 -0.0015 0.0282  -0.0137 28  LEU A C   
204 O O   . LEU A 28 ? 0.2510 0.1692 0.3464 -0.0157 -0.0022 0.0055  28  LEU A O   
205 C CB  . LEU A 28 ? 0.1904 0.1521 0.3180 0.0235  0.0166  -0.0196 28  LEU A CB  
206 C CG  . LEU A 28 ? 0.1854 0.2069 0.3247 0.0340  0.0069  0.0121  28  LEU A CG  
207 C CD1 . LEU A 28 ? 0.2122 0.2361 0.3454 0.0117  0.0404  0.0202  28  LEU A CD1 
208 C CD2 . LEU A 28 ? 0.2623 0.3206 0.3081 0.0495  0.0250  0.0331  28  LEU A CD2 
209 N N   . LEU A 29 ? 0.2467 0.1671 0.3003 -0.0091 0.0011  -0.0025 29  LEU A N   
210 C CA  . LEU A 29 ? 0.2513 0.1894 0.3006 -0.0078 0.0062  -0.0186 29  LEU A CA  
211 C C   . LEU A 29 ? 0.2230 0.1694 0.3105 -0.0018 0.0010  -0.0025 29  LEU A C   
212 O O   . LEU A 29 ? 0.1986 0.1651 0.3764 -0.0100 0.0370  0.0193  29  LEU A O   
213 C CB  . LEU A 29 ? 0.2568 0.2140 0.3129 -0.0027 0.0164  -0.0362 29  LEU A CB  
214 C CG  . LEU A 29 ? 0.3487 0.2623 0.3085 0.0273  0.0086  -0.0207 29  LEU A CG  
215 C CD1 . LEU A 29 ? 0.3362 0.3208 0.3159 0.0158  -0.0057 -0.0076 29  LEU A CD1 
216 C CD2 . LEU A 29 ? 0.3869 0.3624 0.3736 -0.0112 -0.0265 -0.0115 29  LEU A CD2 
217 N N   . VAL A 30 ? 0.2431 0.1481 0.3225 -0.0056 0.0017  -0.0074 30  VAL A N   
218 C CA  . VAL A 30 ? 0.2220 0.1596 0.3251 -0.0048 -0.0046 -0.0014 30  VAL A CA  
219 C C   . VAL A 30 ? 0.2498 0.1850 0.3287 -0.0041 -0.0146 0.0073  30  VAL A C   
220 O O   . VAL A 30 ? 0.2366 0.1720 0.3385 0.0016  -0.0403 0.0170  30  VAL A O   
221 C CB  . VAL A 30 ? 0.2306 0.2001 0.3085 0.0092  0.0039  -0.0183 30  VAL A CB  
222 C CG1 . VAL A 30 ? 0.2367 0.2237 0.3407 0.0260  0.0173  -0.0081 30  VAL A CG1 
223 C CG2 . VAL A 30 ? 0.2428 0.1813 0.3269 -0.0016 -0.0181 -0.0315 30  VAL A CG2 
224 N N   . HIS A 31 ? 0.2556 0.1922 0.3839 -0.0056 -0.0467 0.0117  31  HIS A N   
225 C CA  . HIS A 31 ? 0.2883 0.2235 0.3796 -0.0189 -0.0331 0.0005  31  HIS A CA  
226 C C   . HIS A 31 ? 0.3026 0.2138 0.3977 -0.0136 -0.0297 0.0114  31  HIS A C   
227 O O   . HIS A 31 ? 0.2486 0.2289 0.4597 0.0123  -0.0297 0.0209  31  HIS A O   
228 C CB  . HIS A 31 ? 0.2928 0.1989 0.3723 -0.0032 -0.0530 -0.0128 31  HIS A CB  
229 C CG  . HIS A 31 ? 0.3685 0.2459 0.3800 -0.0066 -0.0191 -0.0121 31  HIS A CG  
230 N ND1 . HIS A 31 ? 0.4136 0.3187 0.4480 0.0007  -0.0379 0.0142  31  HIS A ND1 
231 C CD2 . HIS A 31 ? 0.3782 0.3838 0.4003 -0.0466 -0.0399 -0.0037 31  HIS A CD2 
232 C CE1 . HIS A 31 ? 0.3965 0.3491 0.4316 0.0140  -0.0072 -0.0006 31  HIS A CE1 
233 N NE2 . HIS A 31 ? 0.4019 0.3545 0.4795 -0.0023 -0.0325 0.0039  31  HIS A NE2 
234 N N   . PRO A 32 ? 0.2887 0.2851 0.4328 -0.0158 -0.0234 0.0123  32  PRO A N   
235 C CA  . PRO A 32 ? 0.3532 0.3214 0.4576 -0.0075 -0.0120 0.0084  32  PRO A CA  
236 C C   . PRO A 32 ? 0.3417 0.3654 0.4715 -0.0118 -0.0073 -0.0031 32  PRO A C   
237 O O   . PRO A 32 ? 0.3503 0.3813 0.5205 -0.0087 0.0354  0.0087  32  PRO A O   
238 C CB  . PRO A 32 ? 0.3563 0.3375 0.4539 0.0024  -0.0087 0.0127  32  PRO A CB  
239 C CG  . PRO A 32 ? 0.3622 0.3614 0.4630 0.0219  -0.0234 0.0302  32  PRO A CG  
240 C CD  . PRO A 32 ? 0.2933 0.2793 0.4406 0.0219  -0.0414 -0.0002 32  PRO A CD  
241 N N   . ASN A 33 ? 0.3477 0.3732 0.4777 -0.0108 -0.0142 -0.0099 33  ASN A N   
242 C CA  . ASN A 33 ? 0.3298 0.3708 0.4669 0.0016  -0.0088 -0.0139 33  ASN A CA  
243 C C   . ASN A 33 ? 0.3441 0.3878 0.4762 -0.0093 0.0063  -0.0072 33  ASN A C   
244 O O   . ASN A 33 ? 0.3454 0.4140 0.5485 -0.0043 0.0018  -0.0015 33  ASN A O   
245 C CB  . ASN A 33 ? 0.3456 0.3879 0.4785 -0.0142 -0.0214 -0.0273 33  ASN A CB  
246 C CG  . ASN A 33 ? 0.3660 0.2989 0.4001 0.0006  -0.0355 -0.0085 33  ASN A CG  
247 O OD1 . ASN A 33 ? 0.3801 0.2548 0.4435 -0.0134 -0.0441 0.0039  33  ASN A OD1 
248 N ND2 . ASN A 33 ? 0.3777 0.3037 0.4343 0.0363  -0.0228 -0.0013 33  ASN A ND2 
249 N N   . GLY A 34 ? 0.3250 0.3207 0.4576 0.0063  0.0179  -0.0105 34  GLY A N   
250 C CA  . GLY A 34 ? 0.2879 0.2934 0.4260 0.0173  0.0209  0.0011  34  GLY A CA  
251 C C   . GLY A 34 ? 0.2879 0.2626 0.3907 0.0131  0.0072  0.0073  34  GLY A C   
252 O O   . GLY A 34 ? 0.3219 0.2817 0.4135 0.0601  0.0326  0.0468  34  GLY A O   
253 N N   . SER A 35 ? 0.2460 0.2349 0.3848 -0.0013 0.0111  0.0168  35  SER A N   
254 C CA  . SER A 35 ? 0.2210 0.1851 0.3439 0.0026  0.0066  0.0162  35  SER A CA  
255 C C   . SER A 35 ? 0.2191 0.1747 0.3542 0.0076  -0.0030 0.0141  35  SER A C   
256 O O   . SER A 35 ? 0.2185 0.1987 0.3863 0.0080  0.0124  0.0391  35  SER A O   
257 C CB  . SER A 35 ? 0.2362 0.2083 0.3219 -0.0193 -0.0006 0.0023  35  SER A CB  
258 O OG  . SER A 35 ? 0.2733 0.2333 0.3317 -0.0875 -0.0012 0.0136  35  SER A OG  
259 N N   . LYS A 36 ? 0.1841 0.1406 0.3521 0.0100  -0.0045 0.0067  36  LYS A N   
260 C CA  . LYS A 36 ? 0.1889 0.1673 0.3086 0.0236  0.0058  0.0021  36  LYS A CA  
261 C C   . LYS A 36 ? 0.2198 0.1653 0.2905 0.0110  0.0054  -0.0126 36  LYS A C   
262 O O   . LYS A 36 ? 0.2388 0.2147 0.3059 0.0274  -0.0116 -0.0039 36  LYS A O   
263 C CB  . LYS A 36 ? 0.1862 0.1823 0.3126 0.0273  0.0079  -0.0104 36  LYS A CB  
264 C CG  . LYS A 36 ? 0.2279 0.2164 0.3170 0.0210  0.0080  0.0141  36  LYS A CG  
265 C CD  . LYS A 36 ? 0.2346 0.2283 0.3246 0.0080  0.0264  -0.0024 36  LYS A CD  
266 C CE  . LYS A 36 ? 0.2433 0.2882 0.3442 0.0159  0.0110  -0.0138 36  LYS A CE  
267 N NZ  . LYS A 36 ? 0.2380 0.3163 0.3264 0.0290  0.0288  -0.0434 36  LYS A NZ  
268 N N   . TYR A 37 ? 0.2036 0.1457 0.3101 0.0024  0.0076  -0.0247 37  TYR A N   
269 C CA  . TYR A 37 ? 0.2225 0.1821 0.3003 0.0101  0.0194  -0.0275 37  TYR A CA  
270 C C   . TYR A 37 ? 0.2165 0.1736 0.3102 -0.0030 0.0143  -0.0255 37  TYR A C   
271 O O   . TYR A 37 ? 0.2169 0.1562 0.3757 -0.0110 0.0122  -0.0017 37  TYR A O   
272 C CB  . TYR A 37 ? 0.2451 0.1592 0.2886 0.0180  0.0275  -0.0357 37  TYR A CB  
273 C CG  . TYR A 37 ? 0.2360 0.1963 0.2746 -0.0086 0.0101  -0.0252 37  TYR A CG  
274 C CD1 . TYR A 37 ? 0.2331 0.2210 0.2566 -0.0112 0.0120  -0.0068 37  TYR A CD1 
275 C CD2 . TYR A 37 ? 0.2339 0.1829 0.2729 0.0218  0.0112  -0.0022 37  TYR A CD2 
276 C CE1 . TYR A 37 ? 0.2386 0.1599 0.3271 0.0137  -0.0142 -0.0022 37  TYR A CE1 
277 C CE2 . TYR A 37 ? 0.2415 0.1763 0.2509 0.0130  -0.0008 -0.0370 37  TYR A CE2 
278 C CZ  . TYR A 37 ? 0.2596 0.1912 0.2497 0.0044  0.0116  0.0040  37  TYR A CZ  
279 O OH  . TYR A 37 ? 0.3058 0.2403 0.2418 -0.0361 0.0021  0.0164  37  TYR A OH  
280 N N   . TRP A 38 ? 0.1853 0.1468 0.2607 -0.0036 0.0230  -0.0352 38  TRP A N   
281 C CA  . TRP A 38 ? 0.1960 0.1713 0.2521 -0.0046 0.0203  -0.0199 38  TRP A CA  
282 C C   . TRP A 38 ? 0.1821 0.1640 0.2410 -0.0102 0.0272  -0.0261 38  TRP A C   
283 O O   . TRP A 38 ? 0.2161 0.1796 0.2350 0.0012  0.0310  -0.0298 38  TRP A O   
284 C CB  . TRP A 38 ? 0.2036 0.1761 0.2385 0.0034  0.0273  -0.0115 38  TRP A CB  
285 C CG  . TRP A 38 ? 0.1805 0.1991 0.2387 0.0273  0.0178  -0.0178 38  TRP A CG  
286 C CD1 . TRP A 38 ? 0.2416 0.1880 0.2475 0.0007  0.0088  -0.0116 38  TRP A CD1 
287 C CD2 . TRP A 38 ? 0.1940 0.2032 0.2387 0.0347  0.0051  -0.0070 38  TRP A CD2 
288 N NE1 . TRP A 38 ? 0.2290 0.2363 0.2440 0.0295  0.0228  -0.0043 38  TRP A NE1 
289 C CE2 . TRP A 38 ? 0.1954 0.2432 0.2578 0.0150  0.0276  -0.0267 38  TRP A CE2 
290 C CE3 . TRP A 38 ? 0.2050 0.2048 0.2787 0.0360  0.0179  -0.0344 38  TRP A CE3 
291 C CZ2 . TRP A 38 ? 0.2123 0.2493 0.2822 0.0293  0.0040  -0.0072 38  TRP A CZ2 
292 C CZ3 . TRP A 38 ? 0.2811 0.2254 0.2837 0.0250  -0.0070 -0.0297 38  TRP A CZ3 
293 C CH2 . TRP A 38 ? 0.2328 0.2561 0.3081 0.0282  0.0065  -0.0394 38  TRP A CH2 
294 N N   . ARG A 39 ? 0.2056 0.1686 0.2361 -0.0061 0.0277  -0.0065 39  ARG A N   
295 C CA  . ARG A 39 ? 0.2180 0.2193 0.2493 -0.0081 0.0277  -0.0106 39  ARG A CA  
296 C C   . ARG A 39 ? 0.2298 0.2134 0.2315 -0.0136 0.0294  -0.0149 39  ARG A C   
297 O O   . ARG A 39 ? 0.2044 0.2354 0.2661 -0.0251 0.0475  -0.0664 39  ARG A O   
298 C CB  . ARG A 39 ? 0.2661 0.2794 0.2727 -0.0047 0.0103  -0.0124 39  ARG A CB  
299 C CG  . ARG A 39 ? 0.3875 0.3578 0.4231 -0.0131 0.0169  0.0159  39  ARG A CG  
300 C CD  . ARG A 39 ? 0.5015 0.5386 0.5195 0.0108  -0.0015 0.0027  39  ARG A CD  
301 N NE  . ARG A 39 ? 0.5682 0.5436 0.5929 0.0026  0.0054  -0.0152 39  ARG A NE  
302 C CZ  . ARG A 39 ? 0.5144 0.5047 0.5454 0.0021  0.0009  -0.0266 39  ARG A CZ  
303 N NH1 . ARG A 39 ? 0.3375 0.3488 0.3669 0.0210  0.0291  -0.1311 39  ARG A NH1 
304 N NH2 . ARG A 39 ? 0.5080 0.5351 0.4706 0.0370  -0.0127 -0.0423 39  ARG A NH2 
305 N N   . LEU A 40 ? 0.2238 0.1938 0.2305 -0.0064 0.0502  -0.0097 40  LEU A N   
306 C CA  . LEU A 40 ? 0.2004 0.1793 0.2127 0.0088  0.0301  0.0030  40  LEU A CA  
307 C C   . LEU A 40 ? 0.2395 0.1727 0.2195 0.0012  0.0063  0.0176  40  LEU A C   
308 O O   . LEU A 40 ? 0.2976 0.2133 0.2134 -0.0193 0.0298  0.0073  40  LEU A O   
309 C CB  . LEU A 40 ? 0.2190 0.2034 0.2071 0.0101  0.0347  0.0256  40  LEU A CB  
310 C CG  . LEU A 40 ? 0.2263 0.2165 0.2494 0.0310  0.0271  0.0011  40  LEU A CG  
311 C CD1 . LEU A 40 ? 0.2564 0.3088 0.2649 -0.0024 -0.0078 0.0045  40  LEU A CD1 
312 C CD2 . LEU A 40 ? 0.2733 0.2520 0.3123 0.0139  0.0199  0.0244  40  LEU A CD2 
313 N N   . SER A 41 ? 0.2510 0.2105 0.2378 0.0028  0.0236  0.0271  41  SER A N   
314 C CA  . SER A 41 ? 0.2760 0.2412 0.2591 -0.0036 0.0115  0.0331  41  SER A CA  
315 C C   . SER A 41 ? 0.2764 0.2594 0.2548 -0.0039 0.0247  0.0481  41  SER A C   
316 O O   . SER A 41 ? 0.2673 0.3225 0.3013 -0.0466 0.0575  0.0341  41  SER A O   
317 C CB  . SER A 41 ? 0.3190 0.2553 0.2736 -0.0007 0.0220  0.0672  41  SER A CB  
318 O OG  . SER A 41 ? 0.4416 0.3630 0.3202 0.0014  0.0512  0.0269  41  SER A OG  
319 N N   . TYR A 42 ? 0.2592 0.2939 0.2718 0.0008  0.0176  0.0465  42  TYR A N   
320 C CA  . TYR A 42 ? 0.2849 0.3165 0.2679 0.0181  0.0289  0.0203  42  TYR A CA  
321 C C   . TYR A 42 ? 0.3101 0.3605 0.2835 0.0013  0.0364  0.0473  42  TYR A C   
322 O O   . TYR A 42 ? 0.3152 0.3654 0.2746 0.0149  0.0638  0.0402  42  TYR A O   
323 C CB  . TYR A 42 ? 0.2684 0.3382 0.2499 0.0208  0.0202  0.0335  42  TYR A CB  
324 C CG  . TYR A 42 ? 0.2713 0.2799 0.2420 0.0381  0.0247  0.0435  42  TYR A CG  
325 C CD1 . TYR A 42 ? 0.2507 0.3169 0.2879 -0.0079 0.0503  0.0237  42  TYR A CD1 
326 C CD2 . TYR A 42 ? 0.2817 0.3347 0.2685 0.0221  0.0305  0.0160  42  TYR A CD2 
327 C CE1 . TYR A 42 ? 0.3041 0.3340 0.3137 -0.0046 0.0553  0.0153  42  TYR A CE1 
328 C CE2 . TYR A 42 ? 0.3311 0.3675 0.2969 0.0025  0.0276  0.0093  42  TYR A CE2 
329 C CZ  . TYR A 42 ? 0.3508 0.3533 0.3261 -0.0145 0.0433  0.0131  42  TYR A CZ  
330 O OH  . TYR A 42 ? 0.3675 0.3886 0.3648 -0.0315 0.0625  -0.0149 42  TYR A OH  
331 N N   . ARG A 43 ? 0.3715 0.4163 0.3441 0.0205  0.0396  0.0214  43  ARG A N   
332 C CA  . ARG A 43 ? 0.4167 0.4378 0.3745 0.0134  0.0363  0.0198  43  ARG A CA  
333 C C   . ARG A 43 ? 0.4050 0.4448 0.3717 0.0184  0.0570  0.0145  43  ARG A C   
334 O O   . ARG A 43 ? 0.4160 0.4572 0.3466 0.0353  0.1001  0.0126  43  ARG A O   
335 C CB  . ARG A 43 ? 0.4518 0.4643 0.4286 0.0059  0.0300  0.0118  43  ARG A CB  
336 C CG  . ARG A 43 ? 0.5153 0.5206 0.5030 0.0146  0.0310  0.0121  43  ARG A CG  
337 C CD  . ARG A 43 ? 0.6278 0.6461 0.5970 0.0138  0.0029  0.0136  43  ARG A CD  
338 N NE  . ARG A 43 ? 0.6622 0.6902 0.6679 0.0109  0.0218  0.0062  43  ARG A NE  
339 C CZ  . ARG A 43 ? 0.7018 0.7219 0.6859 0.0039  0.0024  0.0153  43  ARG A CZ  
340 N NH1 . ARG A 43 ? 0.6913 0.7065 0.7058 0.0039  0.0059  0.0252  43  ARG A NH1 
341 N NH2 . ARG A 43 ? 0.7314 0.7615 0.7187 0.0144  0.0064  0.0055  43  ARG A NH2 
342 N N   . PHE A 44 ? 0.4477 0.4532 0.3969 0.0127  0.0421  0.0276  44  PHE A N   
343 C CA  . PHE A 44 ? 0.4782 0.4904 0.4316 0.0134  0.0330  0.0084  44  PHE A CA  
344 C C   . PHE A 44 ? 0.5312 0.5465 0.4756 0.0171  0.0178  0.0021  44  PHE A C   
345 O O   . PHE A 44 ? 0.5672 0.5887 0.4592 0.0271  0.0314  -0.0019 44  PHE A O   
346 C CB  . PHE A 44 ? 0.4643 0.4654 0.4129 0.0130  0.0272  0.0072  44  PHE A CB  
347 C CG  . PHE A 44 ? 0.4362 0.4385 0.3722 -0.0122 0.0350  0.0063  44  PHE A CG  
348 C CD1 . PHE A 44 ? 0.5045 0.4696 0.4685 0.0007  0.0129  -0.0060 44  PHE A CD1 
349 C CD2 . PHE A 44 ? 0.4563 0.4104 0.3576 0.0118  0.0315  -0.0116 44  PHE A CD2 
350 C CE1 . PHE A 44 ? 0.5015 0.4397 0.4858 0.0071  0.0104  0.0179  44  PHE A CE1 
351 C CE2 . PHE A 44 ? 0.4564 0.4187 0.4035 -0.0193 0.0223  0.0137  44  PHE A CE2 
352 C CZ  . PHE A 44 ? 0.4848 0.4314 0.4110 -0.0271 -0.0116 -0.0158 44  PHE A CZ  
353 N N   . GLU A 45 ? 0.5877 0.5941 0.5420 0.0109  0.0187  0.0059  45  GLU A N   
354 C CA  . GLU A 45 ? 0.6202 0.6256 0.5788 -0.0004 0.0063  0.0002  45  GLU A CA  
355 C C   . GLU A 45 ? 0.6268 0.6376 0.5922 -0.0021 0.0038  0.0035  45  GLU A C   
356 O O   . GLU A 45 ? 0.6463 0.6675 0.6318 -0.0046 -0.0129 -0.0060 45  GLU A O   
357 C CB  . GLU A 45 ? 0.6310 0.6395 0.5990 -0.0007 0.0051  0.0016  45  GLU A CB  
358 C CG  . GLU A 45 ? 0.6675 0.6658 0.6361 0.0034  0.0012  -0.0020 45  GLU A CG  
359 C CD  . GLU A 45 ? 0.7108 0.7137 0.6797 -0.0051 -0.0006 0.0034  45  GLU A CD  
360 O OE1 . GLU A 45 ? 0.7435 0.7232 0.6906 0.0136  0.0105  -0.0373 45  GLU A OE1 
361 O OE2 . GLU A 45 ? 0.7380 0.7856 0.7289 0.0190  -0.0051 0.0017  45  GLU A OE2 
362 N N   . LYS A 46 ? 0.6274 0.6253 0.5820 -0.0045 0.0114  0.0049  46  LYS A N   
363 C CA  . LYS A 46 ? 0.6315 0.6298 0.6061 -0.0048 0.0078  0.0146  46  LYS A CA  
364 C C   . LYS A 46 ? 0.6196 0.6160 0.5929 -0.0025 0.0074  0.0227  46  LYS A C   
365 O O   . LYS A 46 ? 0.6545 0.6426 0.6019 -0.0049 0.0231  0.0290  46  LYS A O   
366 C CB  . LYS A 46 ? 0.6182 0.6362 0.6102 -0.0034 0.0104  0.0092  46  LYS A CB  
367 C CG  . LYS A 46 ? 0.6425 0.6341 0.6260 0.0022  0.0097  0.0132  46  LYS A CG  
368 N N   . LYS A 47 ? 0.6133 0.6046 0.5355 0.0118  0.0227  0.0318  47  LYS A N   
369 C CA  . LYS A 47 ? 0.5816 0.5692 0.4927 0.0136  0.0130  0.0285  47  LYS A CA  
370 C C   . LYS A 47 ? 0.5528 0.5429 0.4567 0.0199  0.0164  0.0289  47  LYS A C   
371 O O   . LYS A 47 ? 0.5341 0.5240 0.4055 0.0278  0.0405  0.0436  47  LYS A O   
372 C CB  . LYS A 47 ? 0.5923 0.5731 0.5006 0.0134  0.0077  0.0166  47  LYS A CB  
373 C CG  . LYS A 47 ? 0.6092 0.5913 0.5374 0.0079  0.0042  0.0098  47  LYS A CG  
374 C CD  . LYS A 47 ? 0.6167 0.6013 0.5704 -0.0149 0.0078  0.0032  47  LYS A CD  
375 N N   . GLN A 48 ? 0.5195 0.5181 0.4175 0.0159  0.0101  0.0362  48  GLN A N   
376 C CA  . GLN A 48 ? 0.5078 0.4995 0.4207 0.0095  0.0080  0.0268  48  GLN A CA  
377 C C   . GLN A 48 ? 0.4717 0.4595 0.3653 0.0002  -0.0108 0.0359  48  GLN A C   
378 O O   . GLN A 48 ? 0.5195 0.4950 0.3568 -0.0051 -0.0115 0.0831  48  GLN A O   
379 C CB  . GLN A 48 ? 0.5263 0.5097 0.4502 0.0125  0.0110  0.0288  48  GLN A CB  
380 C CG  . GLN A 48 ? 0.5765 0.5555 0.5177 0.0045  0.0139  0.0061  48  GLN A CG  
381 C CD  . GLN A 48 ? 0.6010 0.5977 0.5922 -0.0005 0.0085  -0.0061 48  GLN A CD  
382 O OE1 . GLN A 48 ? 0.6861 0.6475 0.6431 0.0001  0.0261  0.0016  48  GLN A OE1 
383 N NE2 . GLN A 48 ? 0.6564 0.6538 0.6234 -0.0124 0.0304  -0.0137 48  GLN A NE2 
384 N N   . ARG A 49 ? 0.4266 0.4334 0.2942 -0.0072 -0.0035 0.0341  49  ARG A N   
385 C CA  . ARG A 49 ? 0.3879 0.4207 0.2915 0.0012  -0.0100 0.0132  49  ARG A CA  
386 C C   . ARG A 49 ? 0.3450 0.3752 0.2734 0.0018  0.0009  0.0216  49  ARG A C   
387 O O   . ARG A 49 ? 0.3282 0.3363 0.2723 0.0089  0.0019  0.0279  49  ARG A O   
388 C CB  . ARG A 49 ? 0.4105 0.4263 0.2710 -0.0146 0.0198  0.0041  49  ARG A CB  
389 C CG  . ARG A 49 ? 0.4767 0.4656 0.3736 -0.0062 0.0314  -0.0113 49  ARG A CG  
390 C CD  . ARG A 49 ? 0.5063 0.5048 0.4310 0.0012  -0.0116 -0.0313 49  ARG A CD  
391 N NE  . ARG A 49 ? 0.5571 0.6001 0.4975 0.0057  0.0194  -0.0230 49  ARG A NE  
392 N N   . LEU A 50 ? 0.3363 0.3473 0.2861 -0.0071 -0.0118 0.0283  50  LEU A N   
393 C CA  . LEU A 50 ? 0.3237 0.3322 0.3011 -0.0021 -0.0029 0.0093  50  LEU A CA  
394 C C   . LEU A 50 ? 0.3190 0.3056 0.3017 -0.0113 -0.0011 0.0008  50  LEU A C   
395 O O   . LEU A 50 ? 0.3916 0.3486 0.2896 -0.0245 -0.0124 -0.0002 50  LEU A O   
396 C CB  . LEU A 50 ? 0.3440 0.3338 0.3584 -0.0114 -0.0066 0.0158  50  LEU A CB  
397 C CG  . LEU A 50 ? 0.3788 0.4291 0.3897 0.0166  0.0145  0.0097  50  LEU A CG  
398 C CD1 . LEU A 50 ? 0.3862 0.4329 0.4322 0.0395  0.0143  -0.0180 50  LEU A CD1 
399 C CD2 . LEU A 50 ? 0.4313 0.4764 0.4749 0.0300  0.0042  0.0031  50  LEU A CD2 
400 N N   . LEU A 51 ? 0.3002 0.2494 0.2316 -0.0275 0.0334  0.0000  51  LEU A N   
401 C CA  . LEU A 51 ? 0.2870 0.2594 0.2770 -0.0158 0.0323  -0.0001 51  LEU A CA  
402 C C   . LEU A 51 ? 0.2794 0.2361 0.2433 -0.0355 0.0372  -0.0021 51  LEU A C   
403 O O   . LEU A 51 ? 0.2714 0.2405 0.2662 -0.0483 0.0584  -0.0161 51  LEU A O   
404 C CB  . LEU A 51 ? 0.2926 0.2819 0.2597 -0.0048 0.0385  0.0045  51  LEU A CB  
405 C CG  . LEU A 51 ? 0.3172 0.3244 0.3417 -0.0118 -0.0018 0.0105  51  LEU A CG  
406 C CD1 . LEU A 51 ? 0.3786 0.3624 0.3861 0.0026  -0.0037 -0.0083 51  LEU A CD1 
407 C CD2 . LEU A 51 ? 0.3150 0.3459 0.3534 0.0128  -0.0042 0.0092  51  LEU A CD2 
408 N N   . ALA A 52 ? 0.2596 0.2179 0.2536 -0.0206 0.0280  -0.0014 52  ALA A N   
409 C CA  . ALA A 52 ? 0.2342 0.2063 0.2584 -0.0024 0.0248  -0.0178 52  ALA A CA  
410 C C   . ALA A 52 ? 0.2401 0.2032 0.2450 0.0135  0.0323  -0.0084 52  ALA A C   
411 O O   . ALA A 52 ? 0.3269 0.2223 0.2768 0.0297  0.0207  -0.0085 52  ALA A O   
412 C CB  . ALA A 52 ? 0.2345 0.2273 0.2893 0.0119  0.0238  -0.0037 52  ALA A CB  
413 N N   . LEU A 53 ? 0.1993 0.1804 0.2439 0.0118  0.0310  -0.0053 53  LEU A N   
414 C CA  . LEU A 53 ? 0.2116 0.1888 0.2363 0.0012  0.0223  -0.0014 53  LEU A CA  
415 C C   . LEU A 53 ? 0.2393 0.2212 0.2603 0.0048  0.0129  0.0227  53  LEU A C   
416 O O   . LEU A 53 ? 0.2558 0.3234 0.3080 0.0046  0.0170  0.0868  53  LEU A O   
417 C CB  . LEU A 53 ? 0.2094 0.2016 0.2539 0.0104  0.0333  -0.0101 53  LEU A CB  
418 C CG  . LEU A 53 ? 0.2343 0.2189 0.2432 -0.0067 0.0244  0.0164  53  LEU A CG  
419 C CD1 . LEU A 53 ? 0.2722 0.2386 0.2545 -0.0310 0.0085  0.0082  53  LEU A CD1 
420 C CD2 . LEU A 53 ? 0.2426 0.2848 0.2946 0.0100  0.0364  0.0203  53  LEU A CD2 
421 N N   . GLY A 54 ? 0.2322 0.1842 0.2692 0.0046  0.0492  -0.0008 54  GLY A N   
422 C CA  . GLY A 54 ? 0.2591 0.1816 0.2748 0.0030  0.0625  -0.0005 54  GLY A CA  
423 C C   . GLY A 54 ? 0.2374 0.2099 0.2732 0.0232  0.0303  0.0081  54  GLY A C   
424 O O   . GLY A 54 ? 0.2395 0.1960 0.2722 0.0060  0.0475  0.0016  54  GLY A O   
425 N N   . VAL A 55 ? 0.2148 0.1698 0.2403 0.0289  0.0341  -0.0004 55  VAL A N   
426 C CA  . VAL A 55 ? 0.2069 0.2011 0.2335 0.0085  0.0367  -0.0167 55  VAL A CA  
427 C C   . VAL A 55 ? 0.2112 0.2011 0.2420 0.0095  0.0216  -0.0141 55  VAL A C   
428 O O   . VAL A 55 ? 0.2319 0.2238 0.2461 -0.0028 0.0105  -0.0296 55  VAL A O   
429 C CB  . VAL A 55 ? 0.2372 0.2233 0.2415 0.0137  0.0225  -0.0180 55  VAL A CB  
430 C CG1 . VAL A 55 ? 0.2409 0.2628 0.2679 -0.0150 0.0102  -0.0172 55  VAL A CG1 
431 C CG2 . VAL A 55 ? 0.2366 0.2920 0.2769 -0.0036 0.0137  -0.0328 55  VAL A CG2 
432 N N   . TYR A 56 ? 0.2095 0.2109 0.2564 -0.0028 0.0235  -0.0136 56  TYR A N   
433 C CA  . TYR A 56 ? 0.2027 0.2360 0.2644 0.0068  0.0270  -0.0208 56  TYR A CA  
434 C C   . TYR A 56 ? 0.2160 0.2510 0.2564 -0.0029 0.0137  -0.0327 56  TYR A C   
435 O O   . TYR A 56 ? 0.2057 0.2827 0.3464 0.0220  0.0199  -0.0368 56  TYR A O   
436 C CB  . TYR A 56 ? 0.2116 0.2276 0.2589 0.0007  0.0193  -0.0386 56  TYR A CB  
437 C CG  . TYR A 56 ? 0.2316 0.2270 0.2491 0.0244  0.0071  -0.0332 56  TYR A CG  
438 C CD1 . TYR A 56 ? 0.2240 0.2504 0.2972 0.0046  0.0073  -0.0390 56  TYR A CD1 
439 C CD2 . TYR A 56 ? 0.2416 0.2405 0.2749 0.0142  0.0199  -0.0271 56  TYR A CD2 
440 C CE1 . TYR A 56 ? 0.2571 0.2619 0.2829 0.0093  -0.0056 -0.0224 56  TYR A CE1 
441 C CE2 . TYR A 56 ? 0.2621 0.2222 0.2607 0.0173  0.0041  -0.0296 56  TYR A CE2 
442 C CZ  . TYR A 56 ? 0.2787 0.2526 0.2365 0.0044  0.0067  -0.0430 56  TYR A CZ  
443 O OH  . TYR A 56 ? 0.3502 0.3169 0.2388 -0.0161 0.0645  -0.0385 56  TYR A OH  
444 N N   . PRO A 57 ? 0.2315 0.2773 0.2854 0.0082  0.0448  -0.0381 57  PRO A N   
445 C CA  . PRO A 57 ? 0.2483 0.2854 0.2505 0.0045  0.0450  -0.0226 57  PRO A CA  
446 C C   . PRO A 57 ? 0.2530 0.2930 0.2606 -0.0053 0.0357  0.0010  57  PRO A C   
447 O O   . PRO A 57 ? 0.3015 0.3292 0.2874 0.0340  0.0545  0.0185  57  PRO A O   
448 C CB  . PRO A 57 ? 0.2797 0.2915 0.2873 0.0152  0.0418  -0.0324 57  PRO A CB  
449 C CG  . PRO A 57 ? 0.2684 0.3105 0.2598 0.0006  0.0581  -0.0303 57  PRO A CG  
450 C CD  . PRO A 57 ? 0.2451 0.3227 0.3198 -0.0163 0.0265  -0.0192 57  PRO A CD  
451 N N   . ALA A 58 ? 0.2280 0.2699 0.2514 -0.0114 0.0399  0.0119  58  ALA A N   
452 C CA  . ALA A 58 ? 0.2434 0.2721 0.2478 -0.0015 0.0267  0.0039  58  ALA A CA  
453 C C   . ALA A 58 ? 0.2512 0.2627 0.2739 0.0160  0.0234  0.0206  58  ALA A C   
454 O O   . ALA A 58 ? 0.2783 0.3430 0.2896 0.0435  0.0533  0.0770  58  ALA A O   
455 C CB  . ALA A 58 ? 0.2795 0.2705 0.2501 -0.0091 0.0432  0.0037  58  ALA A CB  
456 N N   . VAL A 59 ? 0.2088 0.2495 0.2467 0.0121  0.0387  0.0169  59  VAL A N   
457 C CA  . VAL A 59 ? 0.2171 0.2326 0.2458 0.0224  0.0267  0.0221  59  VAL A CA  
458 C C   . VAL A 59 ? 0.1940 0.2642 0.2434 0.0087  0.0379  0.0048  59  VAL A C   
459 O O   . VAL A 59 ? 0.2674 0.2441 0.2291 0.0181  0.0349  -0.0050 59  VAL A O   
460 C CB  . VAL A 59 ? 0.2046 0.2681 0.2368 0.0039  0.0092  0.0096  59  VAL A CB  
461 C CG1 . VAL A 59 ? 0.2320 0.2691 0.2755 0.0029  0.0103  0.0246  59  VAL A CG1 
462 C CG2 . VAL A 59 ? 0.2570 0.2453 0.2842 0.0160  0.0387  0.0228  59  VAL A CG2 
463 N N   . SER A 60 ? 0.2170 0.2694 0.2242 0.0131  0.0414  0.0002  60  SER A N   
464 C CA  . SER A 60 ? 0.2128 0.2629 0.2356 0.0174  0.0534  -0.0149 60  SER A CA  
465 C C   . SER A 60 ? 0.1937 0.2422 0.2265 0.0083  0.0381  -0.0053 60  SER A C   
466 O O   . SER A 60 ? 0.2009 0.2685 0.2133 0.0224  0.0484  -0.0230 60  SER A O   
467 C CB  . SER A 60 ? 0.2742 0.3054 0.2786 0.0178  0.0459  0.0089  60  SER A CB  
468 O OG  . SER A 60 ? 0.2634 0.3399 0.2310 0.0151  0.0133  0.0039  60  SER A OG  
469 N N   . LEU A 61 ? 0.2105 0.2856 0.2264 0.0014  0.0450  -0.0163 61  LEU A N   
470 C CA  . LEU A 61 ? 0.2207 0.2515 0.2616 0.0021  0.0152  -0.0135 61  LEU A CA  
471 C C   . LEU A 61 ? 0.2388 0.2680 0.2500 0.0183  0.0169  -0.0134 61  LEU A C   
472 O O   . LEU A 61 ? 0.2079 0.3103 0.2460 0.0095  0.0197  -0.0192 61  LEU A O   
473 C CB  . LEU A 61 ? 0.2407 0.2749 0.2497 0.0095  0.0085  -0.0500 61  LEU A CB  
474 C CG  . LEU A 61 ? 0.2400 0.2912 0.2795 0.0008  0.0028  -0.0306 61  LEU A CG  
475 C CD1 . LEU A 61 ? 0.2125 0.2764 0.3069 -0.0162 -0.0115 -0.0483 61  LEU A CD1 
476 C CD2 . LEU A 61 ? 0.2927 0.3032 0.3019 0.0028  0.0090  -0.0253 61  LEU A CD2 
477 N N   . ALA A 62 ? 0.2477 0.2941 0.2742 0.0227  0.0192  -0.0058 62  ALA A N   
478 C CA  . ALA A 62 ? 0.2378 0.2834 0.2760 0.0233  0.0081  0.0134  62  ALA A CA  
479 C C   . ALA A 62 ? 0.2374 0.2924 0.2732 0.0255  0.0056  0.0135  62  ALA A C   
480 O O   . ALA A 62 ? 0.2459 0.3149 0.2609 0.0323  0.0166  0.0057  62  ALA A O   
481 C CB  . ALA A 62 ? 0.2778 0.3348 0.3081 0.0176  0.0038  -0.0066 62  ALA A CB  
482 N N   . ASP A 63 ? 0.2222 0.2676 0.2704 0.0217  0.0141  0.0139  63  ASP A N   
483 C CA  . ASP A 63 ? 0.2414 0.2818 0.2508 0.0215  0.0161  0.0169  63  ASP A CA  
484 C C   . ASP A 63 ? 0.2011 0.2432 0.2250 0.0066  0.0289  0.0008  63  ASP A C   
485 O O   . ASP A 63 ? 0.2157 0.2424 0.2344 0.0014  0.0526  0.0068  63  ASP A O   
486 C CB  . ASP A 63 ? 0.2522 0.3024 0.2519 0.0136  0.0290  0.0078  63  ASP A CB  
487 C CG  . ASP A 63 ? 0.3328 0.3710 0.3067 0.0360  0.0086  0.0409  63  ASP A CG  
488 O OD1 . ASP A 63 ? 0.3301 0.4332 0.3176 0.0494  0.0559  0.0615  63  ASP A OD1 
489 O OD2 . ASP A 63 ? 0.3326 0.3374 0.3151 0.0795  0.0177  0.0271  63  ASP A OD2 
490 N N   . ALA A 64 ? 0.1874 0.2504 0.2226 0.0175  0.0526  0.0020  64  ALA A N   
491 C CA  . ALA A 64 ? 0.1766 0.2310 0.2155 0.0028  0.0171  0.0087  64  ALA A CA  
492 C C   . ALA A 64 ? 0.1779 0.2356 0.2172 -0.0044 0.0232  0.0018  64  ALA A C   
493 O O   . ALA A 64 ? 0.1626 0.2416 0.2241 0.0173  0.0482  0.0011  64  ALA A O   
494 C CB  . ALA A 64 ? 0.1890 0.2212 0.2381 -0.0027 0.0340  0.0105  64  ALA A CB  
495 N N   . ARG A 65 ? 0.1772 0.2465 0.2251 -0.0130 0.0278  -0.0095 65  ARG A N   
496 C CA  . ARG A 65 ? 0.1780 0.2545 0.2439 -0.0043 0.0135  -0.0194 65  ARG A CA  
497 C C   . ARG A 65 ? 0.1651 0.2330 0.2400 -0.0068 0.0121  -0.0026 65  ARG A C   
498 O O   . ARG A 65 ? 0.1742 0.2659 0.2542 0.0172  0.0393  -0.0038 65  ARG A O   
499 C CB  . ARG A 65 ? 0.1945 0.2555 0.2424 -0.0198 0.0324  -0.0229 65  ARG A CB  
500 C CG  . ARG A 65 ? 0.2309 0.2694 0.2511 0.0093  0.0290  -0.0352 65  ARG A CG  
501 C CD  . ARG A 65 ? 0.2573 0.2911 0.2787 0.0159  -0.0045 -0.0244 65  ARG A CD  
502 N NE  . ARG A 65 ? 0.2787 0.2888 0.2903 -0.0037 -0.0085 -0.0492 65  ARG A NE  
503 C CZ  . ARG A 65 ? 0.3008 0.3392 0.3241 -0.0169 -0.0265 -0.0251 65  ARG A CZ  
504 N NH1 . ARG A 65 ? 0.3691 0.3854 0.3456 -0.0283 0.0108  -0.0283 65  ARG A NH1 
505 N NH2 . ARG A 65 ? 0.3542 0.3279 0.3545 -0.0204 0.0028  -0.0883 65  ARG A NH2 
506 N N   . GLN A 66 ? 0.1765 0.2597 0.2773 0.0118  0.0237  0.0062  66  GLN A N   
507 C CA  . GLN A 66 ? 0.1983 0.2582 0.2435 0.0062  0.0367  0.0156  66  GLN A CA  
508 C C   . GLN A 66 ? 0.1811 0.2431 0.2430 0.0094  0.0222  0.0202  66  GLN A C   
509 O O   . GLN A 66 ? 0.1825 0.2780 0.2499 0.0116  0.0297  0.0411  66  GLN A O   
510 C CB  . GLN A 66 ? 0.2425 0.2900 0.2593 0.0335  0.0425  0.0262  66  GLN A CB  
511 C CG  . GLN A 66 ? 0.3290 0.3430 0.2887 0.0133  0.0378  0.0343  66  GLN A CG  
512 C CD  . GLN A 66 ? 0.4424 0.4587 0.4428 0.0129  0.0019  0.0325  66  GLN A CD  
513 O OE1 . GLN A 66 ? 0.5772 0.5943 0.5768 0.0440  0.0224  -0.0191 66  GLN A OE1 
514 N NE2 . GLN A 66 ? 0.5251 0.5112 0.4239 0.0126  -0.0155 0.0132  66  GLN A NE2 
515 N N   . ARG A 67 ? 0.1656 0.2105 0.2343 0.0083  0.0340  0.0256  67  ARG A N   
516 C CA  . ARG A 67 ? 0.1777 0.1974 0.2262 0.0062  0.0300  0.0028  67  ARG A CA  
517 C C   . ARG A 67 ? 0.1876 0.1984 0.2285 -0.0006 0.0346  -0.0024 67  ARG A C   
518 O O   . ARG A 67 ? 0.1735 0.2293 0.2516 -0.0002 0.0396  0.0090  67  ARG A O   
519 C CB  . ARG A 67 ? 0.1854 0.2082 0.2449 -0.0008 0.0325  0.0227  67  ARG A CB  
520 C CG  . ARG A 67 ? 0.2103 0.2061 0.2659 -0.0117 0.0317  0.0132  67  ARG A CG  
521 C CD  . ARG A 67 ? 0.2187 0.2229 0.2564 0.0005  0.0546  0.0321  67  ARG A CD  
522 N NE  . ARG A 67 ? 0.2555 0.2553 0.2809 -0.0154 0.0166  0.0435  67  ARG A NE  
523 C CZ  . ARG A 67 ? 0.2296 0.2544 0.2191 -0.0163 0.0340  0.0141  67  ARG A CZ  
524 N NH1 . ARG A 67 ? 0.2270 0.2347 0.2348 0.0144  0.0507  0.0502  67  ARG A NH1 
525 N NH2 . ARG A 67 ? 0.2604 0.2733 0.2764 -0.0323 0.0615  0.0535  67  ARG A NH2 
526 N N   . ARG A 68 ? 0.1832 0.1904 0.2211 -0.0001 0.0464  -0.0105 68  ARG A N   
527 C CA  . ARG A 68 ? 0.1879 0.1974 0.2470 0.0035  0.0284  -0.0088 68  ARG A CA  
528 C C   . ARG A 68 ? 0.1876 0.2004 0.2379 -0.0017 0.0331  -0.0190 68  ARG A C   
529 O O   . ARG A 68 ? 0.1959 0.1953 0.2614 0.0286  0.0387  -0.0073 68  ARG A O   
530 C CB  . ARG A 68 ? 0.1807 0.2034 0.2647 0.0217  0.0507  -0.0322 68  ARG A CB  
531 C CG  . ARG A 68 ? 0.2293 0.2116 0.2858 -0.0165 0.0246  -0.0123 68  ARG A CG  
532 C CD  . ARG A 68 ? 0.2734 0.2325 0.2763 -0.0293 0.0592  0.0134  68  ARG A CD  
533 N NE  . ARG A 68 ? 0.2731 0.3025 0.3484 -0.0535 0.0087  -0.0559 68  ARG A NE  
534 C CZ  . ARG A 68 ? 0.3189 0.3070 0.3335 -0.0318 0.0243  -0.0245 68  ARG A CZ  
535 N NH1 . ARG A 68 ? 0.3154 0.3265 0.3550 -0.0056 -0.0020 -0.0315 68  ARG A NH1 
536 N NH2 . ARG A 68 ? 0.3441 0.3534 0.3782 -0.0135 -0.0029 -0.0344 68  ARG A NH2 
537 N N   . ASP A 69 ? 0.1545 0.2591 0.2345 0.0165  0.0390  -0.0146 69  ASP A N   
538 C CA  . ASP A 69 ? 0.1739 0.2590 0.2496 0.0187  0.0326  -0.0070 69  ASP A CA  
539 C C   . ASP A 69 ? 0.1620 0.2273 0.2202 0.0081  0.0241  0.0091  69  ASP A C   
540 O O   . ASP A 69 ? 0.1555 0.2791 0.2483 0.0069  0.0355  0.0036  69  ASP A O   
541 C CB  . ASP A 69 ? 0.1828 0.2661 0.2769 0.0171  0.0326  -0.0070 69  ASP A CB  
542 C CG  . ASP A 69 ? 0.2377 0.3417 0.2927 0.0069  0.0459  -0.0270 69  ASP A CG  
543 O OD1 . ASP A 69 ? 0.2872 0.4155 0.3024 0.0343  -0.0171 -0.0506 69  ASP A OD1 
544 O OD2 . ASP A 69 ? 0.2783 0.3602 0.3207 0.0020  0.0210  -0.0320 69  ASP A OD2 
545 N N   . GLU A 70 ? 0.1848 0.2414 0.2303 -0.0070 0.0271  0.0063  70  GLU A N   
546 C CA  . GLU A 70 ? 0.1934 0.2320 0.2625 0.0027  0.0352  0.0053  70  GLU A CA  
547 C C   . GLU A 70 ? 0.1883 0.2081 0.2650 -0.0026 0.0269  -0.0013 70  GLU A C   
548 O O   . GLU A 70 ? 0.2074 0.2132 0.2737 0.0041  0.0392  0.0029  70  GLU A O   
549 C CB  . GLU A 70 ? 0.2189 0.2305 0.2895 0.0196  0.0369  0.0163  70  GLU A CB  
550 C CG  . GLU A 70 ? 0.2884 0.2760 0.3126 0.0185  0.0198  0.0085  70  GLU A CG  
551 C CD  . GLU A 70 ? 0.3842 0.4012 0.3663 0.0420  0.0106  0.0167  70  GLU A CD  
552 O OE1 . GLU A 70 ? 0.4491 0.4753 0.4184 -0.0012 0.0286  0.0029  70  GLU A OE1 
553 O OE2 . GLU A 70 ? 0.5099 0.4339 0.4941 0.0679  0.0235  0.0000  70  GLU A OE2 
554 N N   . ALA A 71 ? 0.1682 0.1951 0.2278 0.0087  0.0196  -0.0004 71  ALA A N   
555 C CA  . ALA A 71 ? 0.1844 0.1785 0.2275 0.0011  0.0175  -0.0147 71  ALA A CA  
556 C C   . ALA A 71 ? 0.1832 0.1770 0.2106 0.0128  0.0241  -0.0036 71  ALA A C   
557 O O   . ALA A 71 ? 0.1897 0.1893 0.2069 0.0229  0.0212  -0.0110 71  ALA A O   
558 C CB  . ALA A 71 ? 0.1572 0.1819 0.2164 0.0010  0.0151  -0.0083 71  ALA A CB  
559 N N   . LYS A 72 ? 0.1893 0.2034 0.2169 0.0025  0.0386  -0.0244 72  LYS A N   
560 C CA  . LYS A 72 ? 0.1845 0.2096 0.2294 -0.0132 0.0241  -0.0161 72  LYS A CA  
561 C C   . LYS A 72 ? 0.1611 0.1969 0.1995 -0.0054 0.0270  -0.0010 72  LYS A C   
562 O O   . LYS A 72 ? 0.1864 0.1846 0.2254 -0.0124 0.0457  -0.0054 72  LYS A O   
563 C CB  . LYS A 72 ? 0.2044 0.2107 0.2592 -0.0032 0.0470  -0.0209 72  LYS A CB  
564 C CG  . LYS A 72 ? 0.2286 0.3067 0.3520 0.0025  0.0419  0.0051  72  LYS A CG  
565 C CD  . LYS A 72 ? 0.2488 0.3340 0.3639 0.0219  0.0394  0.0373  72  LYS A CD  
566 C CE  . LYS A 72 ? 0.2699 0.2820 0.4019 -0.0178 0.0320  -0.0007 72  LYS A CE  
567 N NZ  . LYS A 72 ? 0.3492 0.3460 0.3910 -0.0138 0.0136  0.0050  72  LYS A NZ  
568 N N   . LYS A 73 ? 0.1590 0.2053 0.2093 0.0007  0.0327  0.0036  73  LYS A N   
569 C CA  . LYS A 73 ? 0.1707 0.2091 0.2217 -0.0124 0.0234  -0.0087 73  LYS A CA  
570 C C   . LYS A 73 ? 0.1743 0.2141 0.2364 -0.0060 0.0329  -0.0332 73  LYS A C   
571 O O   . LYS A 73 ? 0.2033 0.2170 0.2313 -0.0260 0.0443  -0.0451 73  LYS A O   
572 C CB  . LYS A 73 ? 0.1876 0.2254 0.2437 -0.0037 0.0244  -0.0057 73  LYS A CB  
573 C CG  . LYS A 73 ? 0.2313 0.2243 0.2643 0.0033  0.0106  -0.0048 73  LYS A CG  
574 C CD  . LYS A 73 ? 0.2899 0.4212 0.2801 -0.0196 0.0441  0.0419  73  LYS A CD  
575 C CE  . LYS A 73 ? 0.4408 0.4207 0.4403 0.0051  0.0036  0.0155  73  LYS A CE  
576 N NZ  . LYS A 73 ? 0.3628 0.4533 0.4479 -0.0361 0.0021  0.1222  73  LYS A NZ  
577 N N   . LEU A 74 ? 0.1668 0.1971 0.2292 0.0000  0.0303  -0.0424 74  LEU A N   
578 C CA  . LEU A 74 ? 0.2097 0.2170 0.2486 0.0030  0.0141  -0.0320 74  LEU A CA  
579 C C   . LEU A 74 ? 0.1919 0.2052 0.2367 -0.0028 0.0151  -0.0381 74  LEU A C   
580 O O   . LEU A 74 ? 0.2402 0.2057 0.2404 -0.0233 0.0362  -0.0625 74  LEU A O   
581 C CB  . LEU A 74 ? 0.2243 0.2028 0.2655 -0.0102 0.0142  -0.0344 74  LEU A CB  
582 C CG  . LEU A 74 ? 0.2241 0.2322 0.2826 0.0088  0.0183  -0.0052 74  LEU A CG  
583 C CD1 . LEU A 74 ? 0.2426 0.2796 0.3769 -0.0282 0.0084  0.0159  74  LEU A CD1 
584 C CD2 . LEU A 74 ? 0.2882 0.2292 0.3187 0.0037  0.0140  -0.0019 74  LEU A CD2 
585 N N   . LEU A 75 ? 0.1839 0.2032 0.2121 0.0125  0.0210  -0.0270 75  LEU A N   
586 C CA  . LEU A 75 ? 0.1937 0.2250 0.2085 0.0103  0.0028  -0.0175 75  LEU A CA  
587 C C   . LEU A 75 ? 0.1977 0.2420 0.2241 -0.0071 0.0164  -0.0136 75  LEU A C   
588 O O   . LEU A 75 ? 0.2270 0.2724 0.2262 -0.0225 0.0171  -0.0236 75  LEU A O   
589 C CB  . LEU A 75 ? 0.2012 0.2052 0.2278 -0.0153 -0.0072 -0.0222 75  LEU A CB  
590 C CG  . LEU A 75 ? 0.2458 0.2655 0.2179 0.0085  0.0086  -0.0026 75  LEU A CG  
591 C CD1 . LEU A 75 ? 0.2817 0.2345 0.2521 0.0155  -0.0134 0.0198  75  LEU A CD1 
592 C CD2 . LEU A 75 ? 0.2696 0.2558 0.2606 -0.0369 -0.0128 -0.0078 75  LEU A CD2 
593 N N   . ALA A 76 ? 0.1869 0.2256 0.2137 -0.0057 0.0174  -0.0319 76  ALA A N   
594 C CA  . ALA A 76 ? 0.2102 0.2367 0.2337 0.0107  0.0253  -0.0243 76  ALA A CA  
595 C C   . ALA A 76 ? 0.2112 0.2210 0.2500 0.0136  0.0453  -0.0471 76  ALA A C   
596 O O   . ALA A 76 ? 0.2525 0.2632 0.2729 -0.0448 0.0455  -0.0441 76  ALA A O   
597 C CB  . ALA A 76 ? 0.1895 0.2321 0.2523 -0.0011 0.0162  -0.0148 76  ALA A CB  
598 N N   . ALA A 77 ? 0.1889 0.2219 0.2865 -0.0113 0.0570  -0.0390 77  ALA A N   
599 C CA  . ALA A 77 ? 0.2526 0.2570 0.3076 0.0013  0.0498  -0.0482 77  ALA A CA  
600 C C   . ALA A 77 ? 0.2509 0.2891 0.3317 0.0077  0.0420  -0.0557 77  ALA A C   
601 O O   . ALA A 77 ? 0.2891 0.3181 0.3846 0.0137  0.0438  -0.0882 77  ALA A O   
602 C CB  . ALA A 77 ? 0.2732 0.2770 0.3323 0.0146  0.0643  -0.0598 77  ALA A CB  
603 N N   . GLY A 78 ? 0.2580 0.3065 0.2778 -0.0132 0.0455  -0.0529 78  GLY A N   
604 C CA  . GLY A 78 ? 0.2642 0.3337 0.2924 -0.0179 0.0451  -0.0412 78  GLY A CA  
605 C C   . GLY A 78 ? 0.2709 0.3154 0.2564 -0.0105 0.0229  -0.0661 78  GLY A C   
606 O O   . GLY A 78 ? 0.2986 0.3862 0.3137 -0.0337 0.0197  -0.0940 78  GLY A O   
607 N N   . ILE A 79 ? 0.2471 0.2725 0.3030 -0.0092 0.0223  -0.0912 79  ILE A N   
608 C CA  . ILE A 79 ? 0.2495 0.2642 0.3019 -0.0065 0.0141  -0.0871 79  ILE A CA  
609 C C   . ILE A 79 ? 0.2335 0.2838 0.3215 -0.0120 -0.0013 -0.0703 79  ILE A C   
610 O O   . ILE A 79 ? 0.2852 0.2991 0.3246 -0.0062 0.0094  -0.1015 79  ILE A O   
611 C CB  . ILE A 79 ? 0.2362 0.2447 0.3155 -0.0236 0.0096  -0.0798 79  ILE A CB  
612 C CG1 . ILE A 79 ? 0.2979 0.2853 0.3334 -0.0130 -0.0166 -0.0856 79  ILE A CG1 
613 C CG2 . ILE A 79 ? 0.2647 0.2670 0.3154 -0.0304 -0.0079 -0.0542 79  ILE A CG2 
614 C CD1 . ILE A 79 ? 0.2797 0.2660 0.3907 0.0009  0.0129  -0.0395 79  ILE A CD1 
615 N N   . ASP A 80 ? 0.2527 0.3130 0.2854 -0.0139 -0.0027 -0.0559 80  ASP A N   
616 C CA  . ASP A 80 ? 0.2658 0.2946 0.2979 0.0005  -0.0008 -0.0498 80  ASP A CA  
617 C C   . ASP A 80 ? 0.2599 0.2623 0.2910 -0.0099 0.0072  -0.0371 80  ASP A C   
618 O O   . ASP A 80 ? 0.2649 0.2660 0.3426 -0.0027 0.0556  -0.0743 80  ASP A O   
619 C CB  . ASP A 80 ? 0.3018 0.3668 0.3118 0.0250  -0.0146 -0.0328 80  ASP A CB  
620 C CG  . ASP A 80 ? 0.3906 0.4039 0.3866 0.0574  -0.0284 -0.0119 80  ASP A CG  
621 O OD1 . ASP A 80 ? 0.4116 0.5003 0.3896 0.0700  -0.0029 0.0122  80  ASP A OD1 
622 O OD2 . ASP A 80 ? 0.4422 0.5460 0.3992 0.0136  -0.0298 -0.0347 80  ASP A OD2 
623 N N   . PRO A 81 ? 0.2592 0.2290 0.2971 -0.0172 0.0241  -0.0392 81  PRO A N   
624 C CA  . PRO A 81 ? 0.2539 0.2374 0.2873 -0.0113 0.0129  -0.0424 81  PRO A CA  
625 C C   . PRO A 81 ? 0.2526 0.2276 0.2774 -0.0053 0.0293  -0.0509 81  PRO A C   
626 O O   . PRO A 81 ? 0.2612 0.2350 0.3172 0.0007  0.0524  -0.0616 81  PRO A O   
627 C CB  . PRO A 81 ? 0.2160 0.2649 0.3004 -0.0204 0.0057  -0.0550 81  PRO A CB  
628 C CG  . PRO A 81 ? 0.2415 0.2516 0.3263 -0.0206 0.0161  -0.0436 81  PRO A CG  
629 C CD  . PRO A 81 ? 0.2688 0.2412 0.3222 -0.0212 0.0244  -0.0167 81  PRO A CD  
630 N N   . SER A 82 ? 0.2329 0.2605 0.2930 -0.0048 0.0305  -0.0554 82  SER A N   
631 C CA  . SER A 82 ? 0.2689 0.2909 0.3186 -0.0102 0.0235  -0.0344 82  SER A CA  
632 C C   . SER A 82 ? 0.2720 0.2962 0.3339 -0.0092 0.0236  -0.0453 82  SER A C   
633 O O   . SER A 82 ? 0.2814 0.2956 0.3429 -0.0226 0.0150  -0.0645 82  SER A O   
634 C CB  . SER A 82 ? 0.2902 0.3394 0.3667 -0.0056 0.0119  -0.0233 82  SER A CB  
635 O OG  . SER A 82 ? 0.4039 0.3956 0.3748 -0.0277 -0.0028 -0.0226 82  SER A OG  
636 N N   . ALA A 83 ? 0.2813 0.2530 0.3016 0.0009  0.0435  -0.0629 83  ALA A N   
637 C CA  . ALA A 83 ? 0.2705 0.2577 0.3110 -0.0024 0.0312  -0.0530 83  ALA A CA  
638 C C   . ALA A 83 ? 0.2681 0.2380 0.2932 -0.0073 0.0492  -0.0490 83  ALA A C   
639 O O   . ALA A 83 ? 0.3208 0.2758 0.3118 -0.0314 0.0601  -0.0595 83  ALA A O   
640 C CB  . ALA A 83 ? 0.2726 0.2680 0.3098 0.0094  0.0395  -0.0651 83  ALA A CB  
641 N N   . LYS A 84 ? 0.2743 0.2380 0.2920 -0.0229 0.0370  -0.0511 84  LYS A N   
642 C CA  . LYS A 84 ? 0.3066 0.2358 0.2943 -0.0097 0.0311  -0.0285 84  LYS A CA  
643 C C   . LYS A 84 ? 0.3065 0.2639 0.3221 0.0053  0.0449  -0.0172 84  LYS A C   
644 O O   . LYS A 84 ? 0.2975 0.3118 0.3377 0.0214  0.0678  0.0092  84  LYS A O   
645 C CB  . LYS A 84 ? 0.3073 0.2896 0.2786 -0.0275 0.0351  -0.0159 84  LYS A CB  
646 C CG  . LYS A 84 ? 0.3327 0.3174 0.3055 -0.0306 0.0268  -0.0177 84  LYS A CG  
647 C CD  . LYS A 84 ? 0.3707 0.3753 0.3645 -0.0153 -0.0039 -0.0009 84  LYS A CD  
648 C CE  . LYS A 84 ? 0.4465 0.4629 0.4187 0.0153  0.0059  -0.0073 84  LYS A CE  
649 N NZ  . LYS A 84 ? 0.4786 0.4709 0.4487 0.0331  -0.0219 0.0206  84  LYS A NZ  
650 N N   . LYS A 85 ? 0.2939 0.2785 0.3288 0.0058  0.0540  -0.0314 85  LYS A N   
651 C CA  . LYS A 85 ? 0.3151 0.2914 0.3274 0.0013  0.0494  -0.0295 85  LYS A CA  
652 C C   . LYS A 85 ? 0.2841 0.2977 0.3184 -0.0058 0.0307  -0.0256 85  LYS A C   
653 O O   . LYS A 85 ? 0.3158 0.3082 0.3016 0.0127  0.0461  -0.0318 85  LYS A O   
654 C CB  . LYS A 85 ? 0.3286 0.3199 0.3535 -0.0095 0.0502  -0.0232 85  LYS A CB  
655 C CG  . LYS A 85 ? 0.3904 0.3445 0.3757 -0.0050 0.0619  -0.0088 85  LYS A CG  
656 C CD  . LYS A 85 ? 0.4605 0.4272 0.4870 -0.0240 0.0329  0.0030  85  LYS A CD  
657 C CE  . LYS A 85 ? 0.5427 0.5292 0.5496 -0.0188 0.0087  0.0116  85  LYS A CE  
658 N NZ  . LYS A 85 ? 0.5805 0.5634 0.6237 0.0091  0.0329  -0.0064 85  LYS A NZ  
659 N N   . GLN A 86 ? 0.2803 0.2895 0.3087 -0.0087 0.0249  -0.0214 86  GLN A N   
660 C CA  . GLN A 86 ? 0.3083 0.2955 0.3284 0.0005  0.0225  -0.0327 86  GLN A CA  
661 C C   . GLN A 86 ? 0.3376 0.3215 0.3567 0.0165  0.0179  -0.0362 86  GLN A C   
662 O O   . GLN A 86 ? 0.3318 0.3506 0.3364 0.0303  0.0254  -0.0470 86  GLN A O   
663 C CB  . GLN A 86 ? 0.2909 0.3016 0.3330 0.0042  0.0038  -0.0307 86  GLN A CB  
664 C CG  . GLN A 86 ? 0.2808 0.2958 0.3410 0.0121  0.0184  -0.0462 86  GLN A CG  
665 C CD  . GLN A 86 ? 0.2609 0.3032 0.3047 0.0061  0.0150  -0.0354 86  GLN A CD  
666 O OE1 . GLN A 86 ? 0.3736 0.3272 0.4220 -0.0167 0.0598  -0.0111 86  GLN A OE1 
667 N NE2 . GLN A 86 ? 0.2837 0.3005 0.3238 0.0068  0.0204  -0.0274 86  GLN A NE2 
668 N N   . ALA A 87 ? 0.3348 0.3209 0.3659 0.0049  0.0330  -0.0262 87  ALA A N   
669 C CA  . ALA A 87 ? 0.4005 0.3763 0.3837 0.0022  0.0210  -0.0158 87  ALA A CA  
670 C C   . ALA A 87 ? 0.4210 0.3957 0.3991 -0.0003 0.0192  0.0005  87  ALA A C   
671 O O   . ALA A 87 ? 0.4675 0.4114 0.3969 -0.0015 0.0252  0.0228  87  ALA A O   
672 C CB  . ALA A 87 ? 0.4019 0.3962 0.4025 -0.0085 0.0167  -0.0051 87  ALA A CB  
673 N N   . ASP A 88 ? 0.4195 0.3951 0.4232 0.0125  0.0140  0.0029  88  ASP A N   
674 C CA  . ASP A 88 ? 0.4443 0.4218 0.4368 0.0099  0.0159  0.0090  88  ASP A CA  
675 C C   . ASP A 88 ? 0.4354 0.4107 0.4160 0.0191  0.0153  0.0114  88  ASP A C   
676 O O   . ASP A 88 ? 0.4873 0.4266 0.4250 0.0297  0.0036  0.0311  88  ASP A O   
677 C CB  . ASP A 88 ? 0.4526 0.4241 0.4393 0.0087  0.0186  -0.0115 88  ASP A CB  
678 C CG  . ASP A 88 ? 0.5108 0.5025 0.5107 -0.0103 0.0170  -0.0185 88  ASP A CG  
679 O OD1 . ASP A 88 ? 0.5466 0.5691 0.5770 -0.0098 0.0377  -0.0280 88  ASP A OD1 
680 O OD2 . ASP A 88 ? 0.5502 0.5537 0.5293 0.0221  0.0233  -0.0608 88  ASP A OD2 
681 N N   . ASN A 89 ? 0.4322 0.4097 0.4123 0.0163  0.0284  0.0183  89  ASN A N   
682 C CA  . ASN A 89 ? 0.4056 0.4076 0.3994 0.0120  0.0193  0.0192  89  ASN A CA  
683 C C   . ASN A 89 ? 0.4293 0.4218 0.4041 0.0170  0.0148  0.0176  89  ASN A C   
684 O O   . ASN A 89 ? 0.4235 0.4309 0.4075 0.0253  0.0335  0.0299  89  ASN A O   
685 C CB  . ASN A 89 ? 0.3949 0.3946 0.3765 0.0229  0.0265  0.0132  89  ASN A CB  
686 C CG  . ASN A 89 ? 0.4038 0.4135 0.3967 0.0065  0.0145  0.0046  89  ASN A CG  
687 O OD1 . ASN A 89 ? 0.4137 0.5380 0.4676 -0.0192 0.0041  0.0128  89  ASN A OD1 
688 N ND2 . ASN A 89 ? 0.4615 0.3916 0.3875 -0.0271 -0.0004 -0.0170 89  ASN A ND2 
689 N N   . LYS A 90 ? 0.4531 0.4435 0.4273 0.0138  0.0133  0.0223  90  LYS A N   
690 C CA  . LYS A 90 ? 0.4567 0.4676 0.4462 0.0149  0.0178  0.0137  90  LYS A CA  
691 C C   . LYS A 90 ? 0.4419 0.4602 0.4355 -0.0002 0.0103  0.0099  90  LYS A C   
692 O O   . LYS A 90 ? 0.4392 0.5099 0.4475 0.0099  -0.0004 0.0173  90  LYS A O   
693 C CB  . LYS A 90 ? 0.4816 0.4770 0.4508 0.0070  0.0133  0.0193  90  LYS A CB  
694 C CG  . LYS A 90 ? 0.5003 0.5008 0.5009 0.0116  0.0244  0.0033  90  LYS A CG  
695 N N   . THR A 91 ? 0.4140 0.4399 0.4132 0.0082  0.0051  0.0059  91  THR A N   
696 C CA  . THR A 91 ? 0.4109 0.4341 0.4022 0.0046  0.0161  0.0089  91  THR A CA  
697 C C   . THR A 91 ? 0.4381 0.4469 0.4050 0.0105  0.0124  0.0114  91  THR A C   
698 O O   . THR A 91 ? 0.4323 0.4660 0.4019 0.0238  0.0219  0.0181  91  THR A O   
699 C CB  . THR A 91 ? 0.3926 0.4195 0.3841 0.0026  0.0092  0.0035  91  THR A CB  
700 O OG1 . THR A 91 ? 0.4133 0.4383 0.3825 -0.0076 0.0525  0.0120  91  THR A OG1 
701 C CG2 . THR A 91 ? 0.3897 0.4207 0.3745 0.0061  0.0074  0.0188  91  THR A CG2 
702 N N   . ILE A 92 ? 0.4794 0.4654 0.4162 0.0063  0.0083  0.0124  92  ILE A N   
703 C CA  . ILE A 92 ? 0.5133 0.5010 0.4702 0.0056  -0.0047 0.0023  92  ILE A CA  
704 C C   . ILE A 92 ? 0.5385 0.5208 0.4977 0.0029  -0.0032 0.0031  92  ILE A C   
705 O O   . ILE A 92 ? 0.5533 0.5179 0.5064 0.0123  0.0083  0.0233  92  ILE A O   
706 C CB  . ILE A 92 ? 0.5201 0.5173 0.4777 0.0002  -0.0017 0.0009  92  ILE A CB  
707 C CG1 . ILE A 92 ? 0.5497 0.5361 0.5084 0.0007  -0.0142 0.0032  92  ILE A CG1 
708 C CG2 . ILE A 92 ? 0.5278 0.5245 0.4790 -0.0085 -0.0262 -0.0071 92  ILE A CG2 
709 C CD1 . ILE A 92 ? 0.5702 0.5552 0.5391 -0.0100 -0.0235 0.0142  92  ILE A CD1 
710 N N   . GLN A 93 ? 0.5331 0.5172 0.5004 0.0075  0.0047  -0.0034 93  GLN A N   
711 C CA  . GLN A 93 ? 0.5578 0.5214 0.5171 -0.0009 0.0096  -0.0001 93  GLN A CA  
712 C C   . GLN A 93 ? 0.5710 0.5213 0.5198 -0.0027 0.0128  0.0026  93  GLN A C   
713 O O   . GLN A 93 ? 0.5843 0.5434 0.5041 -0.0062 0.0197  0.0048  93  GLN A O   
714 C CB  . GLN A 93 ? 0.5415 0.5169 0.5169 -0.0023 -0.0038 0.0060  93  GLN A CB  
715 N N   . GLU A 94 ? 0.5610 0.5258 0.5165 0.0023  0.0176  0.0002  94  GLU A N   
716 C CA  . GLU A 94 ? 0.5566 0.5424 0.5299 -0.0004 0.0138  0.0026  94  GLU A CA  
717 C C   . GLU A 94 ? 0.5700 0.5626 0.5510 0.0054  0.0127  0.0018  94  GLU A C   
718 O O   . GLU A 94 ? 0.5466 0.5524 0.5564 0.0103  0.0196  -0.0008 94  GLU A O   
719 C CB  . GLU A 94 ? 0.5542 0.5410 0.5343 -0.0008 0.0106  -0.0046 94  GLU A CB  
720 C CG  . GLU A 94 ? 0.5634 0.5518 0.5237 0.0172  0.0167  0.0153  94  GLU A CG  
721 C CD  . GLU A 94 ? 0.5885 0.5892 0.5509 0.0056  -0.0034 0.0049  94  GLU A CD  
722 O OE1 . GLU A 94 ? 0.5482 0.5477 0.4730 -0.0279 0.0152  0.0047  94  GLU A OE1 
723 O OE2 . GLU A 94 ? 0.6058 0.6248 0.6207 0.0228  -0.0179 0.0211  94  GLU A OE2 
724 N N   . LYS A 95 ? 0.6002 0.5932 0.5854 -0.0014 0.0054  0.0065  95  LYS A N   
725 C CA  . LYS A 95 ? 0.6308 0.6329 0.6250 0.0015  0.0026  0.0053  95  LYS A CA  
726 C C   . LYS A 95 ? 0.6560 0.6523 0.6447 0.0023  0.0045  0.0109  95  LYS A C   
727 O O   . LYS A 95 ? 0.6684 0.6662 0.6507 0.0065  0.0006  0.0149  95  LYS A O   
728 C CB  . LYS A 95 ? 0.6404 0.6346 0.6299 -0.0021 0.0006  0.0072  95  LYS A CB  
729 C CG  . LYS A 95 ? 0.6592 0.6517 0.6595 0.0049  0.0043  0.0041  95  LYS A CG  
730 C CD  . LYS A 95 ? 0.6806 0.6744 0.6791 -0.0076 -0.0026 0.0046  95  LYS A CD  
731 N N   . ARG A 96 ? 0.6718 0.6739 0.6632 0.0013  0.0071  0.0039  96  ARG A N   
732 C CA  . ARG A 96 ? 0.6928 0.6934 0.6764 0.0046  0.0046  0.0053  96  ARG A CA  
733 C C   . ARG A 96 ? 0.7006 0.7005 0.6883 0.0041  0.0074  0.0069  96  ARG A C   
734 O O   . ARG A 96 ? 0.7205 0.7132 0.6929 0.0163  0.0082  0.0024  96  ARG A O   
735 C CB  . ARG A 96 ? 0.6975 0.6991 0.6839 0.0013  0.0059  0.0044  96  ARG A CB  
736 C CG  . ARG A 96 ? 0.7155 0.7169 0.7087 0.0014  -0.0015 0.0034  96  ARG A CG  
737 C CD  . ARG A 96 ? 0.7147 0.7268 0.7203 0.0043  0.0040  0.0030  96  ARG A CD  
738 O O   . HOH B .  ? 0.6328 0.6766 0.6417 0.0318  -0.0173 -0.0213 109 HOH A O   
739 O O   . HOH B .  ? 0.6655 0.6698 0.7153 -0.0312 0.0016  0.0040  110 HOH A O   
740 O O   . HOH B .  ? 0.7777 0.7964 0.7876 0.0224  0.0062  -0.0139 111 HOH A O   
741 O O   . HOH B .  ? 0.4287 0.6110 0.4585 0.0091  0.0480  -0.0572 112 HOH A O   
742 O O   . HOH B .  ? 0.8359 0.8535 0.8485 0.0271  0.0162  0.0295  113 HOH A O   
743 O O   . HOH B .  ? 0.6156 0.5112 0.6432 -0.0372 0.0002  -0.0287 114 HOH A O   
744 O O   . HOH B .  ? 0.7607 0.7759 0.7649 -0.0374 -0.0012 0.0071  115 HOH A O   
745 O O   . HOH B .  ? 0.5056 0.6183 0.6609 -0.0177 -0.0320 -0.0588 116 HOH A O   
746 O O   . HOH B .  ? 0.4258 0.5152 0.4078 0.0412  0.0172  0.0390  117 HOH A O   
747 O O   . HOH B .  ? 0.7820 0.7501 0.7702 -0.0115 0.0102  -0.0132 118 HOH A O   
748 O O   . HOH B .  ? 0.6564 0.5941 0.6942 -0.1206 0.0028  -0.0182 119 HOH A O   
749 O O   . HOH B .  ? 0.8304 0.7882 0.7918 -0.0212 0.0030  0.0011  120 HOH A O   
750 O O   . HOH B .  ? 0.7106 0.7537 0.7801 0.0293  0.0376  -0.0195 121 HOH A O   
751 O O   . HOH B .  ? 0.5610 0.5452 0.5501 -0.0855 -0.0686 -0.0033 122 HOH A O   
752 O O   . HOH B .  ? 0.8364 0.8073 0.8127 -0.0043 0.0099  -0.0344 123 HOH A O   
753 O O   . HOH B .  ? 0.7004 0.7767 0.6625 -0.0233 0.0306  -0.0135 124 HOH A O   
754 O O   . HOH B .  ? 0.9427 0.9456 0.9512 -0.0121 -0.0012 -0.0005 125 HOH A O   
755 O O   . HOH B .  ? 0.7050 0.6812 0.7177 0.0039  0.0208  -0.0095 126 HOH A O   
756 O O   . HOH B .  ? 0.4747 0.5612 0.5459 -0.0401 0.0705  -0.0322 127 HOH A O   
757 O O   . HOH B .  ? 0.7335 0.6922 0.7149 -0.0284 -0.0161 -0.0188 128 HOH A O   
758 O O   . HOH B .  ? 0.7326 0.7421 0.7491 -0.0335 -0.0055 -0.0052 129 HOH A O   
759 O O   . HOH B .  ? 0.7159 0.6697 0.7187 0.0235  0.0413  0.0107  130 HOH A O   
760 O O   . HOH B .  ? 0.2663 0.1959 0.3145 -0.0472 0.0049  -0.0066 131 HOH A O   
761 O O   . HOH B .  ? 0.2572 0.3078 0.2754 0.0472  -0.0017 0.0132  132 HOH A O   
762 O O   . HOH B .  ? 0.2609 0.2242 0.2828 -0.0184 0.0403  -0.0059 133 HOH A O   
763 O O   . HOH B .  ? 0.2290 0.2011 0.2400 -0.0264 0.0087  -0.0113 134 HOH A O   
764 O O   . HOH B .  ? 0.2095 0.2224 0.4551 0.0289  -0.0138 0.0064  135 HOH A O   
765 O O   . HOH B .  ? 0.2849 0.2342 0.3092 -0.0404 0.0245  -0.0321 136 HOH A O   
766 O O   . HOH B .  ? 0.3042 0.2747 0.4149 -0.0066 0.0201  -0.0545 137 HOH A O   
767 O O   . HOH B .  ? 0.3233 0.3555 0.5090 -0.0585 -0.0829 0.1298  138 HOH A O   
768 O O   . HOH B .  ? 0.3635 0.4061 0.3549 0.0501  -0.0129 -0.0561 139 HOH A O   
769 O O   . HOH B .  ? 0.4039 0.4146 0.3623 0.0619  -0.0086 -0.0122 140 HOH A O   
770 O O   . HOH B .  ? 0.3719 0.3386 0.4222 0.0312  0.0593  -0.0604 141 HOH A O   
771 O O   . HOH B .  ? 0.3883 0.2310 0.4333 0.0446  0.0119  0.0412  142 HOH A O   
772 O O   . HOH B .  ? 0.4032 0.3136 0.3302 0.0419  0.1199  -0.0283 143 HOH A O   
773 O O   . HOH B .  ? 0.5558 0.3810 0.4867 -0.1655 0.0106  0.0208  144 HOH A O   
774 O O   . HOH B .  ? 0.3492 0.4588 0.2417 0.0394  0.0400  -0.0085 145 HOH A O   
775 O O   . HOH B .  ? 0.4541 0.3186 0.3491 -0.0552 -0.0165 -0.0779 146 HOH A O   
776 O O   . HOH B .  ? 0.3372 0.4226 0.2800 0.0620  0.0499  -0.0055 147 HOH A O   
777 O O   . HOH B .  ? 0.3484 0.4302 0.5147 0.0382  -0.0438 0.0685  148 HOH A O   
778 O O   . HOH B .  ? 0.3310 0.2878 0.4265 0.0153  -0.0115 0.0557  149 HOH A O   
779 O O   . HOH B .  ? 0.5568 0.6394 0.4771 0.0355  0.0673  -0.0222 150 HOH A O   
780 O O   . HOH B .  ? 0.5225 0.5067 0.3871 0.0011  0.0505  0.0312  151 HOH A O   
781 O O   . HOH B .  ? 0.4512 0.3661 0.4545 -0.0217 0.0364  -0.0296 152 HOH A O   
782 O O   . HOH B .  ? 0.5267 0.4301 0.5628 -0.0043 -0.0881 -0.1064 153 HOH A O   
783 O O   . HOH B .  ? 0.5922 0.5990 0.5855 -0.0312 0.0574  0.0204  154 HOH A O   
784 O O   . HOH B .  ? 0.4029 0.3812 0.4787 -0.0413 0.0442  -0.0787 155 HOH A O   
785 O O   . HOH B .  ? 0.4579 0.3179 0.4131 -0.0565 0.0186  -0.0628 156 HOH A O   
786 O O   . HOH B .  ? 0.3701 0.6106 0.3729 -0.0386 0.0610  -0.0269 157 HOH A O   
787 O O   . HOH B .  ? 0.3441 0.3801 0.4145 -0.0126 0.0396  0.0277  158 HOH A O   
788 O O   . HOH B .  ? 0.2742 0.4271 0.3580 0.0313  0.1028  -0.0726 159 HOH A O   
789 O O   . HOH B .  ? 0.4843 0.5024 0.3700 0.0237  0.0227  -0.1060 160 HOH A O   
790 O O   . HOH B .  ? 0.5147 0.2995 0.4708 0.0455  0.0327  -0.0317 161 HOH A O   
791 O O   . HOH B .  ? 0.6050 0.5921 0.5164 -0.0761 0.0049  0.0088  162 HOH A O   
792 O O   . HOH B .  ? 0.3585 0.4505 0.3479 -0.0431 -0.0223 0.0118  163 HOH A O   
793 O O   . HOH B .  ? 0.4004 0.5506 0.5500 0.0190  -0.0111 -0.0267 164 HOH A O   
794 O O   . HOH B .  ? 0.6512 0.4718 0.5095 -0.0343 0.0577  -0.0721 165 HOH A O   
795 O O   . HOH B .  ? 0.4532 0.3442 0.4594 0.0291  0.0689  0.0302  166 HOH A O   
796 O O   . HOH B .  ? 0.4892 0.4884 0.2538 0.0579  -0.0232 0.0250  167 HOH A O   
797 O O   . HOH B .  ? 0.5252 0.3597 0.5841 0.0533  -0.0071 -0.0835 168 HOH A O   
798 O O   . HOH B .  ? 0.3690 0.3689 0.4337 0.0306  0.0189  -0.0348 169 HOH A O   
799 O O   . HOH B .  ? 0.4147 0.4860 0.5109 0.0615  0.0713  0.0784  170 HOH A O   
800 O O   . HOH B .  ? 0.4780 0.6386 0.5878 0.0073  -0.0257 0.0388  171 HOH A O   
801 O O   . HOH B .  ? 0.5792 0.3088 0.4177 0.0629  -0.0045 -0.0017 172 HOH A O   
802 O O   . HOH B .  ? 0.4115 0.5412 0.4711 0.0750  0.0113  -0.0240 173 HOH A O   
803 O O   . HOH B .  ? 0.5163 0.5966 0.5948 -0.0333 -0.0104 0.0662  174 HOH A O   
804 O O   . HOH B .  ? 0.3469 0.5090 0.3317 -0.0029 0.0079  0.0146  175 HOH A O   
805 O O   . HOH B .  ? 0.5801 0.4202 0.5908 0.0535  -0.0560 -0.0446 176 HOH A O   
806 O O   . HOH B .  ? 0.5241 0.5747 0.5489 0.0030  -0.0521 -0.0785 177 HOH A O   
807 O O   . HOH B .  ? 0.4596 0.5208 0.5299 0.0655  -0.0310 -0.0824 178 HOH A O   
808 O O   . HOH B .  ? 0.5707 0.4340 0.4769 0.0210  -0.0128 -0.0589 179 HOH A O   
809 O O   . HOH B .  ? 0.4191 0.3207 0.5174 -0.0573 0.0043  0.0664  180 HOH A O   
810 O O   . HOH B .  ? 0.4449 0.4557 0.4947 -0.0350 0.0316  -0.0264 181 HOH A O   
811 O O   . HOH B .  ? 0.3870 0.4230 0.5600 -0.0304 -0.0229 -0.0025 182 HOH A O   
812 O O   . HOH B .  ? 0.5171 0.4855 0.4728 0.0806  0.0259  0.0305  183 HOH A O   
813 O O   . HOH B .  ? 0.3581 0.5562 0.5980 -0.1119 0.0482  -0.0831 184 HOH A O   
814 O O   . HOH B .  ? 0.5214 0.4281 0.5358 0.0747  0.0836  -0.0532 185 HOH A O   
815 O O   . HOH B .  ? 0.5080 0.3868 0.6265 0.0263  0.1032  -0.0306 186 HOH A O   
816 O O   . HOH B .  ? 0.6651 0.7064 0.6908 0.0327  -0.0064 0.0273  187 HOH A O   
817 O O   . HOH B .  ? 0.5739 0.4161 0.5971 -0.0400 0.0162  -0.0715 188 HOH A O   
818 O O   . HOH B .  ? 0.5180 0.4660 0.5165 -0.0707 0.0590  -0.0894 189 HOH A O   
819 O O   . HOH B .  ? 0.6512 0.5110 0.5323 -0.0374 -0.0570 -0.0159 190 HOH A O   
820 O O   . HOH B .  ? 0.3837 0.5712 0.6053 0.0002  0.0378  -0.0333 191 HOH A O   
821 O O   . HOH B .  ? 0.4750 0.6268 0.4051 0.0542  -0.0448 -0.0373 192 HOH A O   
822 O O   . HOH B .  ? 0.5024 0.5012 0.4635 0.0445  0.0170  0.0429  193 HOH A O   
823 O O   . HOH B .  ? 0.5536 0.4512 0.5840 -0.0251 0.0823  -0.0833 194 HOH A O   
824 O O   . HOH B .  ? 0.4316 0.5119 0.4959 0.0242  0.0511  0.0771  195 HOH A O   
825 O O   . HOH B .  ? 0.7490 0.6781 0.7090 0.0252  0.0159  -0.0211 196 HOH A O   
826 O O   . HOH B .  ? 0.3746 0.4191 0.5926 -0.1050 -0.0472 0.0428  197 HOH A O   
827 O O   . HOH B .  ? 0.6264 0.5136 0.5640 0.0174  -0.0412 0.0486  198 HOH A O   
828 O O   . HOH B .  ? 0.5228 0.4890 0.4530 0.0155  -0.0371 -0.0265 199 HOH A O   
829 O O   . HOH B .  ? 0.3691 0.4649 0.6529 -0.0407 0.1061  0.0387  200 HOH A O   
830 O O   . HOH B .  ? 0.5945 0.6871 0.5830 -0.0362 0.1003  0.0577  201 HOH A O   
831 O O   . HOH B .  ? 0.5630 0.4302 0.4875 -0.0622 0.0072  -0.0309 202 HOH A O   
832 O O   . HOH B .  ? 0.3669 0.4387 0.4773 0.0177  0.0081  -0.0319 203 HOH A O   
833 O O   . HOH B .  ? 0.6436 0.7299 0.6700 0.0235  0.0102  -0.0080 204 HOH A O   
834 O O   . HOH B .  ? 0.4722 0.4852 0.4955 0.0181  -0.0061 0.0443  205 HOH A O   
835 O O   . HOH B .  ? 0.4722 0.3566 0.6667 -0.0142 -0.0678 0.0239  206 HOH A O   
836 O O   . HOH B .  ? 0.5321 0.4919 0.4669 0.0239  0.0055  -0.0065 207 HOH A O   
837 O O   . HOH B .  ? 0.9577 0.9367 0.9582 -0.0109 -0.0068 0.0067  208 HOH A O   
838 O O   . HOH B .  ? 0.3177 0.3881 0.4550 -0.0458 0.0600  -0.0136 209 HOH A O   
839 O O   . HOH B .  ? 0.5865 0.5613 0.4686 0.0393  0.0286  -0.1215 210 HOH A O   
840 O O   . HOH B .  ? 0.5466 0.5841 0.6229 0.0245  0.0560  0.0492  211 HOH A O   
841 O O   . HOH B .  ? 0.7814 0.7847 0.8036 0.0341  0.0008  0.0211  212 HOH A O   
842 O O   . HOH B .  ? 0.6004 0.6107 0.6313 -0.0436 0.0200  -0.0493 213 HOH A O   
843 O O   . HOH B .  ? 0.6335 0.5953 0.4980 -0.0060 -0.0190 0.0254  214 HOH A O   
844 O O   . HOH B .  ? 0.5805 0.6579 0.5847 0.0028  0.0329  -0.0893 215 HOH A O   
845 O O   . HOH B .  ? 0.7240 0.6978 0.7069 0.0307  0.0017  0.0218  216 HOH A O   
846 O O   . HOH B .  ? 0.4892 0.5393 0.6132 0.0377  -0.0063 0.0958  217 HOH A O   
847 O O   . HOH B .  ? 0.9839 0.9567 0.9594 0.0124  -0.0044 -0.0104 218 HOH A O   
848 O O   . HOH B .  ? 0.6296 0.6953 0.5982 0.0768  -0.0199 0.0053  219 HOH A O   
849 O O   . HOH B .  ? 0.8377 0.7716 0.8089 0.0138  0.0008  0.0054  220 HOH A O   
850 O O   . HOH B .  ? 0.8977 0.9058 0.9012 0.0195  -0.0019 0.0007  221 HOH A O   
851 O O   . HOH B .  ? 0.7850 0.8092 0.8828 -0.0305 0.0098  -0.0431 222 HOH A O   
852 O O   . HOH B .  ? 0.5862 0.6127 0.5673 -0.0015 -0.0582 -0.0144 223 HOH A O   
853 O O   . HOH B .  ? 0.6744 0.5748 0.5857 0.0620  -0.0555 0.0136  224 HOH A O   
854 O O   . HOH B .  ? 0.5872 0.5867 0.5665 -0.0658 -0.0178 -0.0104 225 HOH A O   
855 O O   . HOH B .  ? 0.6280 0.6296 0.5111 -0.0328 -0.0011 0.0734  226 HOH A O   
856 O O   . HOH B .  ? 0.6929 0.4652 0.6730 -0.0629 -0.0415 0.0254  227 HOH A O   
857 O O   . HOH B .  ? 0.6964 0.6782 0.7053 -0.0133 -0.0577 -0.0175 228 HOH A O   
858 O O   . HOH B .  ? 0.9234 0.9185 0.9105 -0.0301 0.0014  0.0070  229 HOH A O   
859 O O   . HOH B .  ? 0.6363 0.6967 0.6391 -0.0145 -0.0304 -0.0395 230 HOH A O   
860 O O   . HOH B .  ? 0.5331 0.6627 0.6078 0.0464  0.0132  0.0354  231 HOH A O   
861 O O   . HOH B .  ? 0.8876 0.8914 0.8635 -0.0115 -0.0241 0.0030  232 HOH A O   
862 O O   . HOH B .  ? 0.7046 0.7013 0.7537 0.0114  0.0071  -0.0147 233 HOH A O   
863 O O   . HOH B .  ? 0.5309 0.4401 0.6233 -0.0231 0.0575  -0.0662 234 HOH A O   
864 O O   . HOH B .  ? 0.5300 0.5101 0.5316 -0.0308 -0.0668 -0.0248 235 HOH A O   
865 O O   . HOH B .  ? 0.7479 0.7344 0.7269 0.0009  0.0050  0.0427  236 HOH A O   
866 O O   . HOH B .  ? 0.8931 0.8925 0.9087 0.0082  -0.0063 -0.0278 237 HOH A O   
# 
loop_
_pdbx_poly_seq_scheme.asym_id 
_pdbx_poly_seq_scheme.entity_id 
_pdbx_poly_seq_scheme.seq_id 
_pdbx_poly_seq_scheme.mon_id 
_pdbx_poly_seq_scheme.ndb_seq_num 
_pdbx_poly_seq_scheme.pdb_seq_num 
_pdbx_poly_seq_scheme.auth_seq_num 
_pdbx_poly_seq_scheme.pdb_mon_id 
_pdbx_poly_seq_scheme.auth_mon_id 
_pdbx_poly_seq_scheme.pdb_strand_id 
_pdbx_poly_seq_scheme.pdb_ins_code 
_pdbx_poly_seq_scheme.hetero 
A 1 1   MET 1   1   ?  ?   ?   A . n 
A 1 2   SER 2   2   2  SER SER A . n 
A 1 3   LEU 3   3   3  LEU LEU A . n 
A 1 4   THR 4   4   4  THR THR A . n 
A 1 5   ASP 5   5   5  ASP ASP A . n 
A 1 6   SER 6   6   6  SER SER A . n 
A 1 7   LYS 7   7   7  LYS LYS A . n 
A 1 8   VAL 8   8   8  VAL VAL A . n 
A 1 9   LYS 9   9   9  LYS LYS A . n 
A 1 10  ASN 10  10  10 ASN ASN A . n 
A 1 11  ALA 11  11  11 ALA ALA A . n 
A 1 12  LYS 12  12  12 LYS LYS A . n 
A 1 13  SER 13  13  13 SER SER A . n 
A 1 14  LEU 14  14  14 LEU LEU A . n 
A 1 15  GLU 15  15  15 GLU GLU A . n 
A 1 16  LYS 16  16  16 LYS LYS A . n 
A 1 17  GLU 17  17  17 GLU GLU A . n 
A 1 18  TYR 18  18  18 TYR TYR A . n 
A 1 19  LYS 19  19  19 LYS LYS A . n 
A 1 20  LEU 20  20  20 LEU LEU A . n 
A 1 21  THR 21  21  21 THR THR A . n 
A 1 22  ASP 22  22  22 ASP ASP A . n 
A 1 23  GLY 23  23  23 GLY GLY A . n 
A 1 24  PHE 24  24  24 PHE PHE A . n 
A 1 25  GLY 25  25  25 GLY GLY A . n 
A 1 26  MET 26  26  26 MET MET A . n 
A 1 27  HIS 27  27  27 HIS HIS A . n 
A 1 28  LEU 28  28  28 LEU LEU A . n 
A 1 29  LEU 29  29  29 LEU LEU A . n 
A 1 30  VAL 30  30  30 VAL VAL A . n 
A 1 31  HIS 31  31  31 HIS HIS A . n 
A 1 32  PRO 32  32  32 PRO PRO A . n 
A 1 33  ASN 33  33  33 ASN ASN A . n 
A 1 34  GLY 34  34  34 GLY GLY A . n 
A 1 35  SER 35  35  35 SER SER A . n 
A 1 36  LYS 36  36  36 LYS LYS A . n 
A 1 37  TYR 37  37  37 TYR TYR A . n 
A 1 38  TRP 38  38  38 TRP TRP A . n 
A 1 39  ARG 39  39  39 ARG ARG A . n 
A 1 40  LEU 40  40  40 LEU LEU A . n 
A 1 41  SER 41  41  41 SER SER A . n 
A 1 42  TYR 42  42  42 TYR TYR A . n 
A 1 43  ARG 43  43  43 ARG ARG A . n 
A 1 44  PHE 44  44  44 PHE PHE A . n 
A 1 45  GLU 45  45  45 GLU GLU A . n 
A 1 46  LYS 46  46  46 LYS LYS A . n 
A 1 47  LYS 47  47  47 LYS LYS A . n 
A 1 48  GLN 48  48  48 GLN GLN A . n 
A 1 49  ARG 49  49  49 ARG ARG A . n 
A 1 50  LEU 50  50  50 LEU LEU A . n 
A 1 51  LEU 51  51  51 LEU LEU A . n 
A 1 52  ALA 52  52  52 ALA ALA A . n 
A 1 53  LEU 53  53  53 LEU LEU A . n 
A 1 54  GLY 54  54  54 GLY GLY A . n 
A 1 55  VAL 55  55  55 VAL VAL A . n 
A 1 56  TYR 56  56  56 TYR TYR A . n 
A 1 57  PRO 57  57  57 PRO PRO A . n 
A 1 58  ALA 58  58  58 ALA ALA A . n 
A 1 59  VAL 59  59  59 VAL VAL A . n 
A 1 60  SER 60  60  60 SER SER A . n 
A 1 61  LEU 61  61  61 LEU LEU A . n 
A 1 62  ALA 62  62  62 ALA ALA A . n 
A 1 63  ASP 63  63  63 ASP ASP A . n 
A 1 64  ALA 64  64  64 ALA ALA A . n 
A 1 65  ARG 65  65  65 ARG ARG A . n 
A 1 66  GLN 66  66  66 GLN GLN A . n 
A 1 67  ARG 67  67  67 ARG ARG A . n 
A 1 68  ARG 68  68  68 ARG ARG A . n 
A 1 69  ASP 69  69  69 ASP ASP A . n 
A 1 70  GLU 70  70  70 GLU GLU A . n 
A 1 71  ALA 71  71  71 ALA ALA A . n 
A 1 72  LYS 72  72  72 LYS LYS A . n 
A 1 73  LYS 73  73  73 LYS LYS A . n 
A 1 74  LEU 74  74  74 LEU LEU A . n 
A 1 75  LEU 75  75  75 LEU LEU A . n 
A 1 76  ALA 76  76  76 ALA ALA A . n 
A 1 77  ALA 77  77  77 ALA ALA A . n 
A 1 78  GLY 78  78  78 GLY GLY A . n 
A 1 79  ILE 79  79  79 ILE ILE A . n 
A 1 80  ASP 80  80  80 ASP ASP A . n 
A 1 81  PRO 81  81  81 PRO PRO A . n 
A 1 82  SER 82  82  82 SER SER A . n 
A 1 83  ALA 83  83  83 ALA ALA A . n 
A 1 84  LYS 84  84  84 LYS LYS A . n 
A 1 85  LYS 85  85  85 LYS LYS A . n 
A 1 86  GLN 86  86  86 GLN GLN A . n 
A 1 87  ALA 87  87  87 ALA ALA A . n 
A 1 88  ASP 88  88  88 ASP ASP A . n 
A 1 89  ASN 89  89  89 ASN ASN A . n 
A 1 90  LYS 90  90  90 LYS LYS A . n 
A 1 91  THR 91  91  91 THR THR A . n 
A 1 92  ILE 92  92  92 ILE ILE A . n 
A 1 93  GLN 93  93  93 GLN GLN A . n 
A 1 94  GLU 94  94  94 GLU GLU A . n 
A 1 95  LYS 95  95  95 LYS LYS A . n 
A 1 96  ARG 96  96  96 ARG ARG A . n 
A 1 97  ASN 97  97  ?  ?   ?   A . n 
A 1 98  ASN 98  98  ?  ?   ?   A . n 
A 1 99  THR 99  99  ?  ?   ?   A . n 
A 1 100 ARG 100 100 ?  ?   ?   A . n 
A 1 101 LEU 101 101 ?  ?   ?   A . n 
A 1 102 GLU 102 102 ?  ?   ?   A . n 
A 1 103 HIS 103 103 ?  ?   ?   A . n 
A 1 104 HIS 104 104 ?  ?   ?   A . n 
A 1 105 HIS 105 105 ?  ?   ?   A . n 
A 1 106 HIS 106 106 ?  ?   ?   A . n 
A 1 107 HIS 107 107 ?  ?   ?   A . n 
A 1 108 HIS 108 108 ?  ?   ?   A . n 
# 
loop_
_pdbx_nonpoly_scheme.asym_id 
_pdbx_nonpoly_scheme.entity_id 
_pdbx_nonpoly_scheme.mon_id 
_pdbx_nonpoly_scheme.ndb_seq_num 
_pdbx_nonpoly_scheme.pdb_seq_num 
_pdbx_nonpoly_scheme.auth_seq_num 
_pdbx_nonpoly_scheme.pdb_mon_id 
_pdbx_nonpoly_scheme.auth_mon_id 
_pdbx_nonpoly_scheme.pdb_strand_id 
_pdbx_nonpoly_scheme.pdb_ins_code 
B 2 HOH 1   109 109 HOH HOH A . 
B 2 HOH 2   110 110 HOH HOH A . 
B 2 HOH 3   111 111 HOH HOH A . 
B 2 HOH 4   112 112 HOH HOH A . 
B 2 HOH 5   113 113 HOH HOH A . 
B 2 HOH 6   114 114 HOH HOH A . 
B 2 HOH 7   115 115 HOH HOH A . 
B 2 HOH 8   116 116 HOH HOH A . 
B 2 HOH 9   117 117 HOH HOH A . 
B 2 HOH 10  118 118 HOH HOH A . 
B 2 HOH 11  119 119 HOH HOH A . 
B 2 HOH 12  120 120 HOH HOH A . 
B 2 HOH 13  121 121 HOH HOH A . 
B 2 HOH 14  122 122 HOH HOH A . 
B 2 HOH 15  123 123 HOH HOH A . 
B 2 HOH 16  124 124 HOH HOH A . 
B 2 HOH 17  125 125 HOH HOH A . 
B 2 HOH 18  126 126 HOH HOH A . 
B 2 HOH 19  127 127 HOH HOH A . 
B 2 HOH 20  128 128 HOH HOH A . 
B 2 HOH 21  129 129 HOH HOH A . 
B 2 HOH 22  130 130 HOH HOH A . 
B 2 HOH 23  131 1   HOH HOH A . 
B 2 HOH 24  132 2   HOH HOH A . 
B 2 HOH 25  133 3   HOH HOH A . 
B 2 HOH 26  134 4   HOH HOH A . 
B 2 HOH 27  135 5   HOH HOH A . 
B 2 HOH 28  136 6   HOH HOH A . 
B 2 HOH 29  137 7   HOH HOH A . 
B 2 HOH 30  138 8   HOH HOH A . 
B 2 HOH 31  139 9   HOH HOH A . 
B 2 HOH 32  140 10  HOH HOH A . 
B 2 HOH 33  141 11  HOH HOH A . 
B 2 HOH 34  142 12  HOH HOH A . 
B 2 HOH 35  143 13  HOH HOH A . 
B 2 HOH 36  144 14  HOH HOH A . 
B 2 HOH 37  145 15  HOH HOH A . 
B 2 HOH 38  146 16  HOH HOH A . 
B 2 HOH 39  147 17  HOH HOH A . 
B 2 HOH 40  148 18  HOH HOH A . 
B 2 HOH 41  149 19  HOH HOH A . 
B 2 HOH 42  150 20  HOH HOH A . 
B 2 HOH 43  151 21  HOH HOH A . 
B 2 HOH 44  152 22  HOH HOH A . 
B 2 HOH 45  153 23  HOH HOH A . 
B 2 HOH 46  154 24  HOH HOH A . 
B 2 HOH 47  155 25  HOH HOH A . 
B 2 HOH 48  156 26  HOH HOH A . 
B 2 HOH 49  157 27  HOH HOH A . 
B 2 HOH 50  158 28  HOH HOH A . 
B 2 HOH 51  159 29  HOH HOH A . 
B 2 HOH 52  160 30  HOH HOH A . 
B 2 HOH 53  161 31  HOH HOH A . 
B 2 HOH 54  162 32  HOH HOH A . 
B 2 HOH 55  163 33  HOH HOH A . 
B 2 HOH 56  164 34  HOH HOH A . 
B 2 HOH 57  165 35  HOH HOH A . 
B 2 HOH 58  166 36  HOH HOH A . 
B 2 HOH 59  167 37  HOH HOH A . 
B 2 HOH 60  168 38  HOH HOH A . 
B 2 HOH 61  169 39  HOH HOH A . 
B 2 HOH 62  170 40  HOH HOH A . 
B 2 HOH 63  171 41  HOH HOH A . 
B 2 HOH 64  172 42  HOH HOH A . 
B 2 HOH 65  173 43  HOH HOH A . 
B 2 HOH 66  174 44  HOH HOH A . 
B 2 HOH 67  175 45  HOH HOH A . 
B 2 HOH 68  176 46  HOH HOH A . 
B 2 HOH 69  177 47  HOH HOH A . 
B 2 HOH 70  178 48  HOH HOH A . 
B 2 HOH 71  179 49  HOH HOH A . 
B 2 HOH 72  180 50  HOH HOH A . 
B 2 HOH 73  181 51  HOH HOH A . 
B 2 HOH 74  182 52  HOH HOH A . 
B 2 HOH 75  183 53  HOH HOH A . 
B 2 HOH 76  184 54  HOH HOH A . 
B 2 HOH 77  185 55  HOH HOH A . 
B 2 HOH 78  186 56  HOH HOH A . 
B 2 HOH 79  187 57  HOH HOH A . 
B 2 HOH 80  188 58  HOH HOH A . 
B 2 HOH 81  189 59  HOH HOH A . 
B 2 HOH 82  190 60  HOH HOH A . 
B 2 HOH 83  191 61  HOH HOH A . 
B 2 HOH 84  192 62  HOH HOH A . 
B 2 HOH 85  193 63  HOH HOH A . 
B 2 HOH 86  194 64  HOH HOH A . 
B 2 HOH 87  195 65  HOH HOH A . 
B 2 HOH 88  196 66  HOH HOH A . 
B 2 HOH 89  197 67  HOH HOH A . 
B 2 HOH 90  198 68  HOH HOH A . 
B 2 HOH 91  199 69  HOH HOH A . 
B 2 HOH 92  200 70  HOH HOH A . 
B 2 HOH 93  201 71  HOH HOH A . 
B 2 HOH 94  202 72  HOH HOH A . 
B 2 HOH 95  203 73  HOH HOH A . 
B 2 HOH 96  204 74  HOH HOH A . 
B 2 HOH 97  205 75  HOH HOH A . 
B 2 HOH 98  206 76  HOH HOH A . 
B 2 HOH 99  207 77  HOH HOH A . 
B 2 HOH 100 208 78  HOH HOH A . 
B 2 HOH 101 209 79  HOH HOH A . 
B 2 HOH 102 210 80  HOH HOH A . 
B 2 HOH 103 211 81  HOH HOH A . 
B 2 HOH 104 212 82  HOH HOH A . 
B 2 HOH 105 213 83  HOH HOH A . 
B 2 HOH 106 214 84  HOH HOH A . 
B 2 HOH 107 215 85  HOH HOH A . 
B 2 HOH 108 216 87  HOH HOH A . 
B 2 HOH 109 217 88  HOH HOH A . 
B 2 HOH 110 218 89  HOH HOH A . 
B 2 HOH 111 219 90  HOH HOH A . 
B 2 HOH 112 220 91  HOH HOH A . 
B 2 HOH 113 221 92  HOH HOH A . 
B 2 HOH 114 222 93  HOH HOH A . 
B 2 HOH 115 223 94  HOH HOH A . 
B 2 HOH 116 224 95  HOH HOH A . 
B 2 HOH 117 225 96  HOH HOH A . 
B 2 HOH 118 226 97  HOH HOH A . 
B 2 HOH 119 227 98  HOH HOH A . 
B 2 HOH 120 228 99  HOH HOH A . 
B 2 HOH 121 229 100 HOH HOH A . 
B 2 HOH 122 230 101 HOH HOH A . 
B 2 HOH 123 231 102 HOH HOH A . 
B 2 HOH 124 232 103 HOH HOH A . 
B 2 HOH 125 233 104 HOH HOH A . 
B 2 HOH 126 234 105 HOH HOH A . 
B 2 HOH 127 235 106 HOH HOH A . 
B 2 HOH 128 236 107 HOH HOH A . 
B 2 HOH 129 237 108 HOH HOH A . 
# 
_pdbx_struct_assembly.id                   1 
_pdbx_struct_assembly.details              author_and_software_defined_assembly 
_pdbx_struct_assembly.method_details       PISA 
_pdbx_struct_assembly.oligomeric_details   monomeric 
_pdbx_struct_assembly.oligomeric_count     1 
# 
_pdbx_struct_assembly_gen.assembly_id       1 
_pdbx_struct_assembly_gen.oper_expression   1 
_pdbx_struct_assembly_gen.asym_id_list      A,B 
# 
_pdbx_struct_oper_list.id                   1 
_pdbx_struct_oper_list.type                 'identity operation' 
_pdbx_struct_oper_list.name                 1_555 
_pdbx_struct_oper_list.symmetry_operation   x,y,z 
_pdbx_struct_oper_list.matrix[1][1]         1.0000000000 
_pdbx_struct_oper_list.matrix[1][2]         0.0000000000 
_pdbx_struct_oper_list.matrix[1][3]         0.0000000000 
_pdbx_struct_oper_list.vector[1]            0.0000000000 
_pdbx_struct_oper_list.matrix[2][1]         0.0000000000 
_pdbx_struct_oper_list.matrix[2][2]         1.0000000000 
_pdbx_struct_oper_list.matrix[2][3]         0.0000000000 
_pdbx_struct_oper_list.vector[2]            0.0000000000 
_pdbx_struct_oper_list.matrix[3][1]         0.0000000000 
_pdbx_struct_oper_list.matrix[3][2]         0.0000000000 
_pdbx_struct_oper_list.matrix[3][3]         1.0000000000 
_pdbx_struct_oper_list.vector[3]            0.0000000000 
# 
loop_
_pdbx_audit_revision_history.ordinal 
_pdbx_audit_revision_history.data_content_type 
_pdbx_audit_revision_history.major_revision 
_pdbx_audit_revision_history.minor_revision 
_pdbx_audit_revision_history.revision_date 
1 'Structure model' 1 0 2009-10-06 
2 'Structure model' 1 1 2011-07-13 
3 'Structure model' 1 2 2013-01-16 
4 'Structure model' 1 3 2017-11-01 
5 'Structure model' 1 4 2023-11-01 
# 
_pdbx_audit_revision_details.ordinal             1 
_pdbx_audit_revision_details.revision_ordinal    1 
_pdbx_audit_revision_details.data_content_type   'Structure model' 
_pdbx_audit_revision_details.provider            repository 
_pdbx_audit_revision_details.type                'Initial release' 
_pdbx_audit_revision_details.description         ? 
_pdbx_audit_revision_details.details             ? 
# 
loop_
_pdbx_audit_revision_group.ordinal 
_pdbx_audit_revision_group.revision_ordinal 
_pdbx_audit_revision_group.data_content_type 
_pdbx_audit_revision_group.group 
1 2 'Structure model' 'Version format compliance' 
2 3 'Structure model' 'Database references'       
3 4 'Structure model' 'Refinement description'    
4 5 'Structure model' 'Data collection'           
5 5 'Structure model' 'Database references'       
6 5 'Structure model' 'Refinement description'    
# 
loop_
_pdbx_audit_revision_category.ordinal 
_pdbx_audit_revision_category.revision_ordinal 
_pdbx_audit_revision_category.data_content_type 
_pdbx_audit_revision_category.category 
1 4 'Structure model' software                      
2 5 'Structure model' chem_comp_atom                
3 5 'Structure model' chem_comp_bond                
4 5 'Structure model' database_2                    
5 5 'Structure model' pdbx_initial_refinement_model 
6 5 'Structure model' struct_ref_seq_dif            
# 
loop_
_pdbx_audit_revision_item.ordinal 
_pdbx_audit_revision_item.revision_ordinal 
_pdbx_audit_revision_item.data_content_type 
_pdbx_audit_revision_item.item 
1 4 'Structure model' '_software.name'                      
2 5 'Structure model' '_database_2.pdbx_DOI'                
3 5 'Structure model' '_database_2.pdbx_database_accession' 
4 5 'Structure model' '_struct_ref_seq_dif.details'         
# 
loop_
_software.name 
_software.classification 
_software.version 
_software.citation_id 
_software.pdbx_ordinal 
MAR345 'data collection' .        ? 1 
MOLREP phasing           .        ? 2 
REFMAC refinement        5.5.0066 ? 3 
XDS    'data reduction'  .        ? 4 
XSCALE 'data scaling'    .        ? 5 
# 
loop_
_pdbx_validate_close_contact.id 
_pdbx_validate_close_contact.PDB_model_num 
_pdbx_validate_close_contact.auth_atom_id_1 
_pdbx_validate_close_contact.auth_asym_id_1 
_pdbx_validate_close_contact.auth_comp_id_1 
_pdbx_validate_close_contact.auth_seq_id_1 
_pdbx_validate_close_contact.PDB_ins_code_1 
_pdbx_validate_close_contact.label_alt_id_1 
_pdbx_validate_close_contact.auth_atom_id_2 
_pdbx_validate_close_contact.auth_asym_id_2 
_pdbx_validate_close_contact.auth_comp_id_2 
_pdbx_validate_close_contact.auth_seq_id_2 
_pdbx_validate_close_contact.PDB_ins_code_2 
_pdbx_validate_close_contact.label_alt_id_2 
_pdbx_validate_close_contact.dist 
1 1 O   A HOH 129 ? ? O A HOH 229 ? ? 2.10 
2 1 NZ  A LYS 12  ? ? O A HOH 129 ? ? 2.11 
3 1 NH2 A ARG 39  ? ? O A HOH 235 ? ? 2.11 
# 
loop_
_pdbx_validate_rmsd_bond.id 
_pdbx_validate_rmsd_bond.PDB_model_num 
_pdbx_validate_rmsd_bond.auth_atom_id_1 
_pdbx_validate_rmsd_bond.auth_asym_id_1 
_pdbx_validate_rmsd_bond.auth_comp_id_1 
_pdbx_validate_rmsd_bond.auth_seq_id_1 
_pdbx_validate_rmsd_bond.PDB_ins_code_1 
_pdbx_validate_rmsd_bond.label_alt_id_1 
_pdbx_validate_rmsd_bond.auth_atom_id_2 
_pdbx_validate_rmsd_bond.auth_asym_id_2 
_pdbx_validate_rmsd_bond.auth_comp_id_2 
_pdbx_validate_rmsd_bond.auth_seq_id_2 
_pdbx_validate_rmsd_bond.PDB_ins_code_2 
_pdbx_validate_rmsd_bond.label_alt_id_2 
_pdbx_validate_rmsd_bond.bond_value 
_pdbx_validate_rmsd_bond.bond_target_value 
_pdbx_validate_rmsd_bond.bond_deviation 
_pdbx_validate_rmsd_bond.bond_standard_deviation 
_pdbx_validate_rmsd_bond.linker_flag 
1 1 CZ A ARG 39 ? ? NH1 A ARG 39 ? ? 1.426 1.326 0.100  0.013 N 
2 1 CG A LYS 72 ? ? CD  A LYS 72 ? ? 1.308 1.520 -0.212 0.034 N 
# 
loop_
_pdbx_validate_rmsd_angle.id 
_pdbx_validate_rmsd_angle.PDB_model_num 
_pdbx_validate_rmsd_angle.auth_atom_id_1 
_pdbx_validate_rmsd_angle.auth_asym_id_1 
_pdbx_validate_rmsd_angle.auth_comp_id_1 
_pdbx_validate_rmsd_angle.auth_seq_id_1 
_pdbx_validate_rmsd_angle.PDB_ins_code_1 
_pdbx_validate_rmsd_angle.label_alt_id_1 
_pdbx_validate_rmsd_angle.auth_atom_id_2 
_pdbx_validate_rmsd_angle.auth_asym_id_2 
_pdbx_validate_rmsd_angle.auth_comp_id_2 
_pdbx_validate_rmsd_angle.auth_seq_id_2 
_pdbx_validate_rmsd_angle.PDB_ins_code_2 
_pdbx_validate_rmsd_angle.label_alt_id_2 
_pdbx_validate_rmsd_angle.auth_atom_id_3 
_pdbx_validate_rmsd_angle.auth_asym_id_3 
_pdbx_validate_rmsd_angle.auth_comp_id_3 
_pdbx_validate_rmsd_angle.auth_seq_id_3 
_pdbx_validate_rmsd_angle.PDB_ins_code_3 
_pdbx_validate_rmsd_angle.label_alt_id_3 
_pdbx_validate_rmsd_angle.angle_value 
_pdbx_validate_rmsd_angle.angle_target_value 
_pdbx_validate_rmsd_angle.angle_deviation 
_pdbx_validate_rmsd_angle.angle_standard_deviation 
_pdbx_validate_rmsd_angle.linker_flag 
1 1 NE A ARG 39 ? ? CZ A ARG 39 ? ? NH1 A ARG 39 ? ? 126.47 120.30 6.17   0.50 N 
2 1 NE A ARG 39 ? ? CZ A ARG 39 ? ? NH2 A ARG 39 ? ? 111.27 120.30 -9.03  0.50 N 
3 1 CD A LYS 73 ? ? CE A LYS 73 ? ? NZ  A LYS 73 ? ? 97.64  111.70 -14.06 2.30 N 
# 
_pdbx_validate_torsion.id              1 
_pdbx_validate_torsion.PDB_model_num   1 
_pdbx_validate_torsion.auth_comp_id    LEU 
_pdbx_validate_torsion.auth_asym_id    A 
_pdbx_validate_torsion.auth_seq_id     14 
_pdbx_validate_torsion.PDB_ins_code    ? 
_pdbx_validate_torsion.label_alt_id    ? 
_pdbx_validate_torsion.phi             -116.56 
_pdbx_validate_torsion.psi             -163.94 
# 
_pdbx_validate_peptide_omega.id               1 
_pdbx_validate_peptide_omega.PDB_model_num    1 
_pdbx_validate_peptide_omega.auth_comp_id_1   GLU 
_pdbx_validate_peptide_omega.auth_asym_id_1   A 
_pdbx_validate_peptide_omega.auth_seq_id_1    45 
_pdbx_validate_peptide_omega.PDB_ins_code_1   ? 
_pdbx_validate_peptide_omega.label_alt_id_1   ? 
_pdbx_validate_peptide_omega.auth_comp_id_2   LYS 
_pdbx_validate_peptide_omega.auth_asym_id_2   A 
_pdbx_validate_peptide_omega.auth_seq_id_2    46 
_pdbx_validate_peptide_omega.PDB_ins_code_2   ? 
_pdbx_validate_peptide_omega.label_alt_id_2   ? 
_pdbx_validate_peptide_omega.omega            -41.39 
# 
loop_
_pdbx_unobs_or_zero_occ_atoms.id 
_pdbx_unobs_or_zero_occ_atoms.PDB_model_num 
_pdbx_unobs_or_zero_occ_atoms.polymer_flag 
_pdbx_unobs_or_zero_occ_atoms.occupancy_flag 
_pdbx_unobs_or_zero_occ_atoms.auth_asym_id 
_pdbx_unobs_or_zero_occ_atoms.auth_comp_id 
_pdbx_unobs_or_zero_occ_atoms.auth_seq_id 
_pdbx_unobs_or_zero_occ_atoms.PDB_ins_code 
_pdbx_unobs_or_zero_occ_atoms.auth_atom_id 
_pdbx_unobs_or_zero_occ_atoms.label_alt_id 
_pdbx_unobs_or_zero_occ_atoms.label_asym_id 
_pdbx_unobs_or_zero_occ_atoms.label_comp_id 
_pdbx_unobs_or_zero_occ_atoms.label_seq_id 
_pdbx_unobs_or_zero_occ_atoms.label_atom_id 
1  1 Y 1 A LYS 7  ? CE  ? A LYS 7  CE  
2  1 Y 1 A LYS 7  ? NZ  ? A LYS 7  NZ  
3  1 Y 1 A LYS 16 ? CE  ? A LYS 16 CE  
4  1 Y 1 A LYS 16 ? NZ  ? A LYS 16 NZ  
5  1 Y 1 A LYS 46 ? CD  ? A LYS 46 CD  
6  1 Y 1 A LYS 46 ? CE  ? A LYS 46 CE  
7  1 Y 1 A LYS 46 ? NZ  ? A LYS 46 NZ  
8  1 Y 1 A LYS 47 ? CE  ? A LYS 47 CE  
9  1 Y 1 A LYS 47 ? NZ  ? A LYS 47 NZ  
10 1 Y 1 A ARG 49 ? CZ  ? A ARG 49 CZ  
11 1 Y 1 A ARG 49 ? NH1 ? A ARG 49 NH1 
12 1 Y 1 A ARG 49 ? NH2 ? A ARG 49 NH2 
13 1 Y 1 A LYS 90 ? CD  ? A LYS 90 CD  
14 1 Y 1 A LYS 90 ? CE  ? A LYS 90 CE  
15 1 Y 1 A LYS 90 ? NZ  ? A LYS 90 NZ  
16 1 Y 1 A GLN 93 ? CG  ? A GLN 93 CG  
17 1 Y 1 A GLN 93 ? CD  ? A GLN 93 CD  
18 1 Y 1 A GLN 93 ? OE1 ? A GLN 93 OE1 
19 1 Y 1 A GLN 93 ? NE2 ? A GLN 93 NE2 
20 1 Y 1 A LYS 95 ? CE  ? A LYS 95 CE  
21 1 Y 1 A LYS 95 ? NZ  ? A LYS 95 NZ  
22 1 Y 1 A ARG 96 ? NE  ? A ARG 96 NE  
23 1 Y 1 A ARG 96 ? CZ  ? A ARG 96 CZ  
24 1 Y 1 A ARG 96 ? NH1 ? A ARG 96 NH1 
25 1 Y 1 A ARG 96 ? NH2 ? A ARG 96 NH2 
# 
loop_
_pdbx_unobs_or_zero_occ_residues.id 
_pdbx_unobs_or_zero_occ_residues.PDB_model_num 
_pdbx_unobs_or_zero_occ_residues.polymer_flag 
_pdbx_unobs_or_zero_occ_residues.occupancy_flag 
_pdbx_unobs_or_zero_occ_residues.auth_asym_id 
_pdbx_unobs_or_zero_occ_residues.auth_comp_id 
_pdbx_unobs_or_zero_occ_residues.auth_seq_id 
_pdbx_unobs_or_zero_occ_residues.PDB_ins_code 
_pdbx_unobs_or_zero_occ_residues.label_asym_id 
_pdbx_unobs_or_zero_occ_residues.label_comp_id 
_pdbx_unobs_or_zero_occ_residues.label_seq_id 
1  1 Y 1 A MET 1   ? A MET 1   
2  1 Y 1 A ASN 97  ? A ASN 97  
3  1 Y 1 A ASN 98  ? A ASN 98  
4  1 Y 1 A THR 99  ? A THR 99  
5  1 Y 1 A ARG 100 ? A ARG 100 
6  1 Y 1 A LEU 101 ? A LEU 101 
7  1 Y 1 A GLU 102 ? A GLU 102 
8  1 Y 1 A HIS 103 ? A HIS 103 
9  1 Y 1 A HIS 104 ? A HIS 104 
10 1 Y 1 A HIS 105 ? A HIS 105 
11 1 Y 1 A HIS 106 ? A HIS 106 
12 1 Y 1 A HIS 107 ? A HIS 107 
13 1 Y 1 A HIS 108 ? A HIS 108 
# 
loop_
_chem_comp_atom.comp_id 
_chem_comp_atom.atom_id 
_chem_comp_atom.type_symbol 
_chem_comp_atom.pdbx_aromatic_flag 
_chem_comp_atom.pdbx_stereo_config 
_chem_comp_atom.pdbx_ordinal 
ALA N    N N N 1   
ALA CA   C N S 2   
ALA C    C N N 3   
ALA O    O N N 4   
ALA CB   C N N 5   
ALA OXT  O N N 6   
ALA H    H N N 7   
ALA H2   H N N 8   
ALA HA   H N N 9   
ALA HB1  H N N 10  
ALA HB2  H N N 11  
ALA HB3  H N N 12  
ALA HXT  H N N 13  
ARG N    N N N 14  
ARG CA   C N S 15  
ARG C    C N N 16  
ARG O    O N N 17  
ARG CB   C N N 18  
ARG CG   C N N 19  
ARG CD   C N N 20  
ARG NE   N N N 21  
ARG CZ   C N N 22  
ARG NH1  N N N 23  
ARG NH2  N N N 24  
ARG OXT  O N N 25  
ARG H    H N N 26  
ARG H2   H N N 27  
ARG HA   H N N 28  
ARG HB2  H N N 29  
ARG HB3  H N N 30  
ARG HG2  H N N 31  
ARG HG3  H N N 32  
ARG HD2  H N N 33  
ARG HD3  H N N 34  
ARG HE   H N N 35  
ARG HH11 H N N 36  
ARG HH12 H N N 37  
ARG HH21 H N N 38  
ARG HH22 H N N 39  
ARG HXT  H N N 40  
ASN N    N N N 41  
ASN CA   C N S 42  
ASN C    C N N 43  
ASN O    O N N 44  
ASN CB   C N N 45  
ASN CG   C N N 46  
ASN OD1  O N N 47  
ASN ND2  N N N 48  
ASN OXT  O N N 49  
ASN H    H N N 50  
ASN H2   H N N 51  
ASN HA   H N N 52  
ASN HB2  H N N 53  
ASN HB3  H N N 54  
ASN HD21 H N N 55  
ASN HD22 H N N 56  
ASN HXT  H N N 57  
ASP N    N N N 58  
ASP CA   C N S 59  
ASP C    C N N 60  
ASP O    O N N 61  
ASP CB   C N N 62  
ASP CG   C N N 63  
ASP OD1  O N N 64  
ASP OD2  O N N 65  
ASP OXT  O N N 66  
ASP H    H N N 67  
ASP H2   H N N 68  
ASP HA   H N N 69  
ASP HB2  H N N 70  
ASP HB3  H N N 71  
ASP HD2  H N N 72  
ASP HXT  H N N 73  
GLN N    N N N 74  
GLN CA   C N S 75  
GLN C    C N N 76  
GLN O    O N N 77  
GLN CB   C N N 78  
GLN CG   C N N 79  
GLN CD   C N N 80  
GLN OE1  O N N 81  
GLN NE2  N N N 82  
GLN OXT  O N N 83  
GLN H    H N N 84  
GLN H2   H N N 85  
GLN HA   H N N 86  
GLN HB2  H N N 87  
GLN HB3  H N N 88  
GLN HG2  H N N 89  
GLN HG3  H N N 90  
GLN HE21 H N N 91  
GLN HE22 H N N 92  
GLN HXT  H N N 93  
GLU N    N N N 94  
GLU CA   C N S 95  
GLU C    C N N 96  
GLU O    O N N 97  
GLU CB   C N N 98  
GLU CG   C N N 99  
GLU CD   C N N 100 
GLU OE1  O N N 101 
GLU OE2  O N N 102 
GLU OXT  O N N 103 
GLU H    H N N 104 
GLU H2   H N N 105 
GLU HA   H N N 106 
GLU HB2  H N N 107 
GLU HB3  H N N 108 
GLU HG2  H N N 109 
GLU HG3  H N N 110 
GLU HE2  H N N 111 
GLU HXT  H N N 112 
GLY N    N N N 113 
GLY CA   C N N 114 
GLY C    C N N 115 
GLY O    O N N 116 
GLY OXT  O N N 117 
GLY H    H N N 118 
GLY H2   H N N 119 
GLY HA2  H N N 120 
GLY HA3  H N N 121 
GLY HXT  H N N 122 
HIS N    N N N 123 
HIS CA   C N S 124 
HIS C    C N N 125 
HIS O    O N N 126 
HIS CB   C N N 127 
HIS CG   C Y N 128 
HIS ND1  N Y N 129 
HIS CD2  C Y N 130 
HIS CE1  C Y N 131 
HIS NE2  N Y N 132 
HIS OXT  O N N 133 
HIS H    H N N 134 
HIS H2   H N N 135 
HIS HA   H N N 136 
HIS HB2  H N N 137 
HIS HB3  H N N 138 
HIS HD1  H N N 139 
HIS HD2  H N N 140 
HIS HE1  H N N 141 
HIS HE2  H N N 142 
HIS HXT  H N N 143 
HOH O    O N N 144 
HOH H1   H N N 145 
HOH H2   H N N 146 
ILE N    N N N 147 
ILE CA   C N S 148 
ILE C    C N N 149 
ILE O    O N N 150 
ILE CB   C N S 151 
ILE CG1  C N N 152 
ILE CG2  C N N 153 
ILE CD1  C N N 154 
ILE OXT  O N N 155 
ILE H    H N N 156 
ILE H2   H N N 157 
ILE HA   H N N 158 
ILE HB   H N N 159 
ILE HG12 H N N 160 
ILE HG13 H N N 161 
ILE HG21 H N N 162 
ILE HG22 H N N 163 
ILE HG23 H N N 164 
ILE HD11 H N N 165 
ILE HD12 H N N 166 
ILE HD13 H N N 167 
ILE HXT  H N N 168 
LEU N    N N N 169 
LEU CA   C N S 170 
LEU C    C N N 171 
LEU O    O N N 172 
LEU CB   C N N 173 
LEU CG   C N N 174 
LEU CD1  C N N 175 
LEU CD2  C N N 176 
LEU OXT  O N N 177 
LEU H    H N N 178 
LEU H2   H N N 179 
LEU HA   H N N 180 
LEU HB2  H N N 181 
LEU HB3  H N N 182 
LEU HG   H N N 183 
LEU HD11 H N N 184 
LEU HD12 H N N 185 
LEU HD13 H N N 186 
LEU HD21 H N N 187 
LEU HD22 H N N 188 
LEU HD23 H N N 189 
LEU HXT  H N N 190 
LYS N    N N N 191 
LYS CA   C N S 192 
LYS C    C N N 193 
LYS O    O N N 194 
LYS CB   C N N 195 
LYS CG   C N N 196 
LYS CD   C N N 197 
LYS CE   C N N 198 
LYS NZ   N N N 199 
LYS OXT  O N N 200 
LYS H    H N N 201 
LYS H2   H N N 202 
LYS HA   H N N 203 
LYS HB2  H N N 204 
LYS HB3  H N N 205 
LYS HG2  H N N 206 
LYS HG3  H N N 207 
LYS HD2  H N N 208 
LYS HD3  H N N 209 
LYS HE2  H N N 210 
LYS HE3  H N N 211 
LYS HZ1  H N N 212 
LYS HZ2  H N N 213 
LYS HZ3  H N N 214 
LYS HXT  H N N 215 
MET N    N N N 216 
MET CA   C N S 217 
MET C    C N N 218 
MET O    O N N 219 
MET CB   C N N 220 
MET CG   C N N 221 
MET SD   S N N 222 
MET CE   C N N 223 
MET OXT  O N N 224 
MET H    H N N 225 
MET H2   H N N 226 
MET HA   H N N 227 
MET HB2  H N N 228 
MET HB3  H N N 229 
MET HG2  H N N 230 
MET HG3  H N N 231 
MET HE1  H N N 232 
MET HE2  H N N 233 
MET HE3  H N N 234 
MET HXT  H N N 235 
PHE N    N N N 236 
PHE CA   C N S 237 
PHE C    C N N 238 
PHE O    O N N 239 
PHE CB   C N N 240 
PHE CG   C Y N 241 
PHE CD1  C Y N 242 
PHE CD2  C Y N 243 
PHE CE1  C Y N 244 
PHE CE2  C Y N 245 
PHE CZ   C Y N 246 
PHE OXT  O N N 247 
PHE H    H N N 248 
PHE H2   H N N 249 
PHE HA   H N N 250 
PHE HB2  H N N 251 
PHE HB3  H N N 252 
PHE HD1  H N N 253 
PHE HD2  H N N 254 
PHE HE1  H N N 255 
PHE HE2  H N N 256 
PHE HZ   H N N 257 
PHE HXT  H N N 258 
PRO N    N N N 259 
PRO CA   C N S 260 
PRO C    C N N 261 
PRO O    O N N 262 
PRO CB   C N N 263 
PRO CG   C N N 264 
PRO CD   C N N 265 
PRO OXT  O N N 266 
PRO H    H N N 267 
PRO HA   H N N 268 
PRO HB2  H N N 269 
PRO HB3  H N N 270 
PRO HG2  H N N 271 
PRO HG3  H N N 272 
PRO HD2  H N N 273 
PRO HD3  H N N 274 
PRO HXT  H N N 275 
SER N    N N N 276 
SER CA   C N S 277 
SER C    C N N 278 
SER O    O N N 279 
SER CB   C N N 280 
SER OG   O N N 281 
SER OXT  O N N 282 
SER H    H N N 283 
SER H2   H N N 284 
SER HA   H N N 285 
SER HB2  H N N 286 
SER HB3  H N N 287 
SER HG   H N N 288 
SER HXT  H N N 289 
THR N    N N N 290 
THR CA   C N S 291 
THR C    C N N 292 
THR O    O N N 293 
THR CB   C N R 294 
THR OG1  O N N 295 
THR CG2  C N N 296 
THR OXT  O N N 297 
THR H    H N N 298 
THR H2   H N N 299 
THR HA   H N N 300 
THR HB   H N N 301 
THR HG1  H N N 302 
THR HG21 H N N 303 
THR HG22 H N N 304 
THR HG23 H N N 305 
THR HXT  H N N 306 
TRP N    N N N 307 
TRP CA   C N S 308 
TRP C    C N N 309 
TRP O    O N N 310 
TRP CB   C N N 311 
TRP CG   C Y N 312 
TRP CD1  C Y N 313 
TRP CD2  C Y N 314 
TRP NE1  N Y N 315 
TRP CE2  C Y N 316 
TRP CE3  C Y N 317 
TRP CZ2  C Y N 318 
TRP CZ3  C Y N 319 
TRP CH2  C Y N 320 
TRP OXT  O N N 321 
TRP H    H N N 322 
TRP H2   H N N 323 
TRP HA   H N N 324 
TRP HB2  H N N 325 
TRP HB3  H N N 326 
TRP HD1  H N N 327 
TRP HE1  H N N 328 
TRP HE3  H N N 329 
TRP HZ2  H N N 330 
TRP HZ3  H N N 331 
TRP HH2  H N N 332 
TRP HXT  H N N 333 
TYR N    N N N 334 
TYR CA   C N S 335 
TYR C    C N N 336 
TYR O    O N N 337 
TYR CB   C N N 338 
TYR CG   C Y N 339 
TYR CD1  C Y N 340 
TYR CD2  C Y N 341 
TYR CE1  C Y N 342 
TYR CE2  C Y N 343 
TYR CZ   C Y N 344 
TYR OH   O N N 345 
TYR OXT  O N N 346 
TYR H    H N N 347 
TYR H2   H N N 348 
TYR HA   H N N 349 
TYR HB2  H N N 350 
TYR HB3  H N N 351 
TYR HD1  H N N 352 
TYR HD2  H N N 353 
TYR HE1  H N N 354 
TYR HE2  H N N 355 
TYR HH   H N N 356 
TYR HXT  H N N 357 
VAL N    N N N 358 
VAL CA   C N S 359 
VAL C    C N N 360 
VAL O    O N N 361 
VAL CB   C N N 362 
VAL CG1  C N N 363 
VAL CG2  C N N 364 
VAL OXT  O N N 365 
VAL H    H N N 366 
VAL H2   H N N 367 
VAL HA   H N N 368 
VAL HB   H N N 369 
VAL HG11 H N N 370 
VAL HG12 H N N 371 
VAL HG13 H N N 372 
VAL HG21 H N N 373 
VAL HG22 H N N 374 
VAL HG23 H N N 375 
VAL HXT  H N N 376 
# 
loop_
_chem_comp_bond.comp_id 
_chem_comp_bond.atom_id_1 
_chem_comp_bond.atom_id_2 
_chem_comp_bond.value_order 
_chem_comp_bond.pdbx_aromatic_flag 
_chem_comp_bond.pdbx_stereo_config 
_chem_comp_bond.pdbx_ordinal 
ALA N   CA   sing N N 1   
ALA N   H    sing N N 2   
ALA N   H2   sing N N 3   
ALA CA  C    sing N N 4   
ALA CA  CB   sing N N 5   
ALA CA  HA   sing N N 6   
ALA C   O    doub N N 7   
ALA C   OXT  sing N N 8   
ALA CB  HB1  sing N N 9   
ALA CB  HB2  sing N N 10  
ALA CB  HB3  sing N N 11  
ALA OXT HXT  sing N N 12  
ARG N   CA   sing N N 13  
ARG N   H    sing N N 14  
ARG N   H2   sing N N 15  
ARG CA  C    sing N N 16  
ARG CA  CB   sing N N 17  
ARG CA  HA   sing N N 18  
ARG C   O    doub N N 19  
ARG C   OXT  sing N N 20  
ARG CB  CG   sing N N 21  
ARG CB  HB2  sing N N 22  
ARG CB  HB3  sing N N 23  
ARG CG  CD   sing N N 24  
ARG CG  HG2  sing N N 25  
ARG CG  HG3  sing N N 26  
ARG CD  NE   sing N N 27  
ARG CD  HD2  sing N N 28  
ARG CD  HD3  sing N N 29  
ARG NE  CZ   sing N N 30  
ARG NE  HE   sing N N 31  
ARG CZ  NH1  sing N N 32  
ARG CZ  NH2  doub N N 33  
ARG NH1 HH11 sing N N 34  
ARG NH1 HH12 sing N N 35  
ARG NH2 HH21 sing N N 36  
ARG NH2 HH22 sing N N 37  
ARG OXT HXT  sing N N 38  
ASN N   CA   sing N N 39  
ASN N   H    sing N N 40  
ASN N   H2   sing N N 41  
ASN CA  C    sing N N 42  
ASN CA  CB   sing N N 43  
ASN CA  HA   sing N N 44  
ASN C   O    doub N N 45  
ASN C   OXT  sing N N 46  
ASN CB  CG   sing N N 47  
ASN CB  HB2  sing N N 48  
ASN CB  HB3  sing N N 49  
ASN CG  OD1  doub N N 50  
ASN CG  ND2  sing N N 51  
ASN ND2 HD21 sing N N 52  
ASN ND2 HD22 sing N N 53  
ASN OXT HXT  sing N N 54  
ASP N   CA   sing N N 55  
ASP N   H    sing N N 56  
ASP N   H2   sing N N 57  
ASP CA  C    sing N N 58  
ASP CA  CB   sing N N 59  
ASP CA  HA   sing N N 60  
ASP C   O    doub N N 61  
ASP C   OXT  sing N N 62  
ASP CB  CG   sing N N 63  
ASP CB  HB2  sing N N 64  
ASP CB  HB3  sing N N 65  
ASP CG  OD1  doub N N 66  
ASP CG  OD2  sing N N 67  
ASP OD2 HD2  sing N N 68  
ASP OXT HXT  sing N N 69  
GLN N   CA   sing N N 70  
GLN N   H    sing N N 71  
GLN N   H2   sing N N 72  
GLN CA  C    sing N N 73  
GLN CA  CB   sing N N 74  
GLN CA  HA   sing N N 75  
GLN C   O    doub N N 76  
GLN C   OXT  sing N N 77  
GLN CB  CG   sing N N 78  
GLN CB  HB2  sing N N 79  
GLN CB  HB3  sing N N 80  
GLN CG  CD   sing N N 81  
GLN CG  HG2  sing N N 82  
GLN CG  HG3  sing N N 83  
GLN CD  OE1  doub N N 84  
GLN CD  NE2  sing N N 85  
GLN NE2 HE21 sing N N 86  
GLN NE2 HE22 sing N N 87  
GLN OXT HXT  sing N N 88  
GLU N   CA   sing N N 89  
GLU N   H    sing N N 90  
GLU N   H2   sing N N 91  
GLU CA  C    sing N N 92  
GLU CA  CB   sing N N 93  
GLU CA  HA   sing N N 94  
GLU C   O    doub N N 95  
GLU C   OXT  sing N N 96  
GLU CB  CG   sing N N 97  
GLU CB  HB2  sing N N 98  
GLU CB  HB3  sing N N 99  
GLU CG  CD   sing N N 100 
GLU CG  HG2  sing N N 101 
GLU CG  HG3  sing N N 102 
GLU CD  OE1  doub N N 103 
GLU CD  OE2  sing N N 104 
GLU OE2 HE2  sing N N 105 
GLU OXT HXT  sing N N 106 
GLY N   CA   sing N N 107 
GLY N   H    sing N N 108 
GLY N   H2   sing N N 109 
GLY CA  C    sing N N 110 
GLY CA  HA2  sing N N 111 
GLY CA  HA3  sing N N 112 
GLY C   O    doub N N 113 
GLY C   OXT  sing N N 114 
GLY OXT HXT  sing N N 115 
HIS N   CA   sing N N 116 
HIS N   H    sing N N 117 
HIS N   H2   sing N N 118 
HIS CA  C    sing N N 119 
HIS CA  CB   sing N N 120 
HIS CA  HA   sing N N 121 
HIS C   O    doub N N 122 
HIS C   OXT  sing N N 123 
HIS CB  CG   sing N N 124 
HIS CB  HB2  sing N N 125 
HIS CB  HB3  sing N N 126 
HIS CG  ND1  sing Y N 127 
HIS CG  CD2  doub Y N 128 
HIS ND1 CE1  doub Y N 129 
HIS ND1 HD1  sing N N 130 
HIS CD2 NE2  sing Y N 131 
HIS CD2 HD2  sing N N 132 
HIS CE1 NE2  sing Y N 133 
HIS CE1 HE1  sing N N 134 
HIS NE2 HE2  sing N N 135 
HIS OXT HXT  sing N N 136 
HOH O   H1   sing N N 137 
HOH O   H2   sing N N 138 
ILE N   CA   sing N N 139 
ILE N   H    sing N N 140 
ILE N   H2   sing N N 141 
ILE CA  C    sing N N 142 
ILE CA  CB   sing N N 143 
ILE CA  HA   sing N N 144 
ILE C   O    doub N N 145 
ILE C   OXT  sing N N 146 
ILE CB  CG1  sing N N 147 
ILE CB  CG2  sing N N 148 
ILE CB  HB   sing N N 149 
ILE CG1 CD1  sing N N 150 
ILE CG1 HG12 sing N N 151 
ILE CG1 HG13 sing N N 152 
ILE CG2 HG21 sing N N 153 
ILE CG2 HG22 sing N N 154 
ILE CG2 HG23 sing N N 155 
ILE CD1 HD11 sing N N 156 
ILE CD1 HD12 sing N N 157 
ILE CD1 HD13 sing N N 158 
ILE OXT HXT  sing N N 159 
LEU N   CA   sing N N 160 
LEU N   H    sing N N 161 
LEU N   H2   sing N N 162 
LEU CA  C    sing N N 163 
LEU CA  CB   sing N N 164 
LEU CA  HA   sing N N 165 
LEU C   O    doub N N 166 
LEU C   OXT  sing N N 167 
LEU CB  CG   sing N N 168 
LEU CB  HB2  sing N N 169 
LEU CB  HB3  sing N N 170 
LEU CG  CD1  sing N N 171 
LEU CG  CD2  sing N N 172 
LEU CG  HG   sing N N 173 
LEU CD1 HD11 sing N N 174 
LEU CD1 HD12 sing N N 175 
LEU CD1 HD13 sing N N 176 
LEU CD2 HD21 sing N N 177 
LEU CD2 HD22 sing N N 178 
LEU CD2 HD23 sing N N 179 
LEU OXT HXT  sing N N 180 
LYS N   CA   sing N N 181 
LYS N   H    sing N N 182 
LYS N   H2   sing N N 183 
LYS CA  C    sing N N 184 
LYS CA  CB   sing N N 185 
LYS CA  HA   sing N N 186 
LYS C   O    doub N N 187 
LYS C   OXT  sing N N 188 
LYS CB  CG   sing N N 189 
LYS CB  HB2  sing N N 190 
LYS CB  HB3  sing N N 191 
LYS CG  CD   sing N N 192 
LYS CG  HG2  sing N N 193 
LYS CG  HG3  sing N N 194 
LYS CD  CE   sing N N 195 
LYS CD  HD2  sing N N 196 
LYS CD  HD3  sing N N 197 
LYS CE  NZ   sing N N 198 
LYS CE  HE2  sing N N 199 
LYS CE  HE3  sing N N 200 
LYS NZ  HZ1  sing N N 201 
LYS NZ  HZ2  sing N N 202 
LYS NZ  HZ3  sing N N 203 
LYS OXT HXT  sing N N 204 
MET N   CA   sing N N 205 
MET N   H    sing N N 206 
MET N   H2   sing N N 207 
MET CA  C    sing N N 208 
MET CA  CB   sing N N 209 
MET CA  HA   sing N N 210 
MET C   O    doub N N 211 
MET C   OXT  sing N N 212 
MET CB  CG   sing N N 213 
MET CB  HB2  sing N N 214 
MET CB  HB3  sing N N 215 
MET CG  SD   sing N N 216 
MET CG  HG2  sing N N 217 
MET CG  HG3  sing N N 218 
MET SD  CE   sing N N 219 
MET CE  HE1  sing N N 220 
MET CE  HE2  sing N N 221 
MET CE  HE3  sing N N 222 
MET OXT HXT  sing N N 223 
PHE N   CA   sing N N 224 
PHE N   H    sing N N 225 
PHE N   H2   sing N N 226 
PHE CA  C    sing N N 227 
PHE CA  CB   sing N N 228 
PHE CA  HA   sing N N 229 
PHE C   O    doub N N 230 
PHE C   OXT  sing N N 231 
PHE CB  CG   sing N N 232 
PHE CB  HB2  sing N N 233 
PHE CB  HB3  sing N N 234 
PHE CG  CD1  doub Y N 235 
PHE CG  CD2  sing Y N 236 
PHE CD1 CE1  sing Y N 237 
PHE CD1 HD1  sing N N 238 
PHE CD2 CE2  doub Y N 239 
PHE CD2 HD2  sing N N 240 
PHE CE1 CZ   doub Y N 241 
PHE CE1 HE1  sing N N 242 
PHE CE2 CZ   sing Y N 243 
PHE CE2 HE2  sing N N 244 
PHE CZ  HZ   sing N N 245 
PHE OXT HXT  sing N N 246 
PRO N   CA   sing N N 247 
PRO N   CD   sing N N 248 
PRO N   H    sing N N 249 
PRO CA  C    sing N N 250 
PRO CA  CB   sing N N 251 
PRO CA  HA   sing N N 252 
PRO C   O    doub N N 253 
PRO C   OXT  sing N N 254 
PRO CB  CG   sing N N 255 
PRO CB  HB2  sing N N 256 
PRO CB  HB3  sing N N 257 
PRO CG  CD   sing N N 258 
PRO CG  HG2  sing N N 259 
PRO CG  HG3  sing N N 260 
PRO CD  HD2  sing N N 261 
PRO CD  HD3  sing N N 262 
PRO OXT HXT  sing N N 263 
SER N   CA   sing N N 264 
SER N   H    sing N N 265 
SER N   H2   sing N N 266 
SER CA  C    sing N N 267 
SER CA  CB   sing N N 268 
SER CA  HA   sing N N 269 
SER C   O    doub N N 270 
SER C   OXT  sing N N 271 
SER CB  OG   sing N N 272 
SER CB  HB2  sing N N 273 
SER CB  HB3  sing N N 274 
SER OG  HG   sing N N 275 
SER OXT HXT  sing N N 276 
THR N   CA   sing N N 277 
THR N   H    sing N N 278 
THR N   H2   sing N N 279 
THR CA  C    sing N N 280 
THR CA  CB   sing N N 281 
THR CA  HA   sing N N 282 
THR C   O    doub N N 283 
THR C   OXT  sing N N 284 
THR CB  OG1  sing N N 285 
THR CB  CG2  sing N N 286 
THR CB  HB   sing N N 287 
THR OG1 HG1  sing N N 288 
THR CG2 HG21 sing N N 289 
THR CG2 HG22 sing N N 290 
THR CG2 HG23 sing N N 291 
THR OXT HXT  sing N N 292 
TRP N   CA   sing N N 293 
TRP N   H    sing N N 294 
TRP N   H2   sing N N 295 
TRP CA  C    sing N N 296 
TRP CA  CB   sing N N 297 
TRP CA  HA   sing N N 298 
TRP C   O    doub N N 299 
TRP C   OXT  sing N N 300 
TRP CB  CG   sing N N 301 
TRP CB  HB2  sing N N 302 
TRP CB  HB3  sing N N 303 
TRP CG  CD1  doub Y N 304 
TRP CG  CD2  sing Y N 305 
TRP CD1 NE1  sing Y N 306 
TRP CD1 HD1  sing N N 307 
TRP CD2 CE2  doub Y N 308 
TRP CD2 CE3  sing Y N 309 
TRP NE1 CE2  sing Y N 310 
TRP NE1 HE1  sing N N 311 
TRP CE2 CZ2  sing Y N 312 
TRP CE3 CZ3  doub Y N 313 
TRP CE3 HE3  sing N N 314 
TRP CZ2 CH2  doub Y N 315 
TRP CZ2 HZ2  sing N N 316 
TRP CZ3 CH2  sing Y N 317 
TRP CZ3 HZ3  sing N N 318 
TRP CH2 HH2  sing N N 319 
TRP OXT HXT  sing N N 320 
TYR N   CA   sing N N 321 
TYR N   H    sing N N 322 
TYR N   H2   sing N N 323 
TYR CA  C    sing N N 324 
TYR CA  CB   sing N N 325 
TYR CA  HA   sing N N 326 
TYR C   O    doub N N 327 
TYR C   OXT  sing N N 328 
TYR CB  CG   sing N N 329 
TYR CB  HB2  sing N N 330 
TYR CB  HB3  sing N N 331 
TYR CG  CD1  doub Y N 332 
TYR CG  CD2  sing Y N 333 
TYR CD1 CE1  sing Y N 334 
TYR CD1 HD1  sing N N 335 
TYR CD2 CE2  doub Y N 336 
TYR CD2 HD2  sing N N 337 
TYR CE1 CZ   doub Y N 338 
TYR CE1 HE1  sing N N 339 
TYR CE2 CZ   sing Y N 340 
TYR CE2 HE2  sing N N 341 
TYR CZ  OH   sing N N 342 
TYR OH  HH   sing N N 343 
TYR OXT HXT  sing N N 344 
VAL N   CA   sing N N 345 
VAL N   H    sing N N 346 
VAL N   H2   sing N N 347 
VAL CA  C    sing N N 348 
VAL CA  CB   sing N N 349 
VAL CA  HA   sing N N 350 
VAL C   O    doub N N 351 
VAL C   OXT  sing N N 352 
VAL CB  CG1  sing N N 353 
VAL CB  CG2  sing N N 354 
VAL CB  HB   sing N N 355 
VAL CG1 HG11 sing N N 356 
VAL CG1 HG12 sing N N 357 
VAL CG1 HG13 sing N N 358 
VAL CG2 HG21 sing N N 359 
VAL CG2 HG22 sing N N 360 
VAL CG2 HG23 sing N N 361 
VAL OXT HXT  sing N N 362 
# 
_pdbx_entity_nonpoly.entity_id   2 
_pdbx_entity_nonpoly.name        water 
_pdbx_entity_nonpoly.comp_id     HOH 
# 
_pdbx_initial_refinement_model.id               1 
_pdbx_initial_refinement_model.entity_id_list   ? 
_pdbx_initial_refinement_model.type             'experimental model' 
_pdbx_initial_refinement_model.source_name      PDB 
_pdbx_initial_refinement_model.accession_code   3JTZ 
_pdbx_initial_refinement_model.details          'PDB ENTRY 3JTZ' 
# 
